data_7S07
#
_entry.id   7S07
#
_cell.length_a   90.695
_cell.length_b   130.368
_cell.length_c   93.612
_cell.angle_alpha   90.000
_cell.angle_beta   104.590
_cell.angle_gamma   90.000
#
_symmetry.space_group_name_H-M   'P 1 21 1'
#
loop_
_entity.id
_entity.type
_entity.pdbx_description
1 polymer 'Envelope glycoprotein H'
2 polymer 'Envelope glycoprotein L'
3 polymer 'Soluble gp42'
4 polymer '769C2 Fab Heavy chain'
5 polymer '769C2 Fab Light chain'
6 polymer '769B10 Fab heavy chain'
7 polymer '769B10 Fab light chain'
8 non-polymer 2-acetamido-2-deoxy-beta-D-glucopyranose
#
loop_
_entity_poly.entity_id
_entity_poly.type
_entity_poly.pdbx_seq_one_letter_code
_entity_poly.pdbx_strand_id
1 'polypeptide(L)'
;ASLSEVKLHLDIEGHASHYTIPWTELMAKVPGLSPEALWREANVTEDLASMLNRYKLIYKTSGTLGIALAEPVDIPAVSE
GSMQVDASKVHPGVISGLNSPACMLSAPLEKQLFYYIGTMLPNTRPHSYVFYQLRCHLSYVALSINGDKFQYTGAMTSKF
LMGTYKRVTEKGDEHVLSLVFGKTKDLPDLRGPFSYPSLTSAQSGDYSLVIVTTFVHYANFHNYFVPNLKDMFSRAVTMT
AASYARYVLQKLVLLEMKGGCREPELDTETLTTMFEVSVAFFKVGHAVGETGNGCVDLRWLAKSFFELTVLKDIIGICYG
ATVKGMQSYGLERLAAMLMATVKMEELGHLTTEKQEYALRLATVGYPKAGVYSGLIGGATSVLLSAYNRHPLFQPLHTVM
RETLFIGSHVVLRELRLNVTTQGPNLALYQLLSTALCSALEIGEVLRGLALGTESGLFSPCYLSLRFDLTRDKLLSMAPQ
EATLDQAAVSNAVDGFLGRLSLEREDRDAWHLPAYKCVDRLDKVLMIIPLINVTFIISSDREVRGSALYEASTTYLSSSL
FLSPVIMNKCSQGAVAGEPRQIPKIQNFTRTQKSCIFCGFALLSYDEKEGLETTTYITSQEVQNSILSSNYFDFDNLHVH
YLLLTTNGTVMEIAGLY
;
A
2 'polypeptide(L)'
;PCCHVTQLAAQHLLALENISDIYLVSNQTCDGFSLASLNSPKNGSNQLVISRCANGLNVVSFFISILKRSSSALTGHLRE
LLTTLETLYGSFSVEDLF
;
B
3 'polypeptide(L)' KPNVEVWPVDPPPPVNFNKTAEQEYGDKEVKLP C
4 'polypeptide(L)'
;EVQLVESGGGLVKPGGSLRLSCAASGFTFSTYAMDWVRQAPGKGLEWVSLISSRSSNIYYSDSVKGNFTISRDNAKNSLF
LQMNSLRAEDTAVYYCAREAGGFHSHFDMWGQGTLVTVSSASTKGPSVFPLAPSSKSTSGGTAALGCLVKDYFPEPVTVS
WNSGALTSGVHTFPAVLQSSGLYSLSSVVTVPSSSLGTQTYICNVNHKPSNTKVDKKVEPKSCDK
;
X
5 'polypeptide(L)'
;QSVLTQPASVSGSLGQSVTISCTGTSSDVGGYDYVSWYQQHPGKNPKLMIFEVNNRPSGVSTRFSGSKSGNTASLTISGL
QAEDEADYYCNSYSTTTTWVFGGGTSLTVLGQPKAAPSVTLFPPSSEELQANKATLVCLISDFYPGAVTVAWKADSSPVK
AGVETTTPSKQSNNKYAASSYLSLTPEQWKSHRSYSCQVTHEGSTVEKTVAPTEC
;
Y
6 'polypeptide(L)'
;EVQLVESGGGIVQPGGSLRVSCAASGFSLSDHYMDWVRQAPGRGLEWVGRSRNKENSFTTEFAASVRRRFTISRDDSNSL
LHLQMNNLKSEDTAVYFCARVGYYDLWSGYSGNWYIDVWGRGTLVIVSSASTKGPSVFPLAPSSKSTSGGTAALGCLVKD
YFPEPVTVSWNSGVLTSGVHTFPAVLQSSGLYSLSSVVTVPSSSLGTQTYICNVNHKPSNTKVDKKVEPKSCDK
;
H
7 'polypeptide(L)'
;DIQMTQSPSSLSASLGDSVTITCRASQTMSNFLNWYQQKPGKAPKFLIYAASRLQSGVPSRFSGSGSGTQFTLTISNLQP
EDFATYYCQQSFLFPYTFGGGTKVEVERTVAAPSVFIFPPSDEQLKSGTASVVCLLNNFYPREAKVQWKVDNALQSGNSQ
ESVTEQDSKDSTYSLSSTLTLSKADYEKHKVYACEVTHQGLSSPVTKSFNRGEC
;
L
#
# COMPACT_ATOMS: atom_id res chain seq x y z
N ALA A 1 -12.71 -35.04 -15.88
CA ALA A 1 -12.36 -33.65 -16.10
C ALA A 1 -12.73 -32.81 -14.89
N SER A 2 -12.13 -33.12 -13.74
CA SER A 2 -12.38 -32.38 -12.51
C SER A 2 -11.29 -31.34 -12.29
N LEU A 3 -11.37 -30.65 -11.15
CA LEU A 3 -10.32 -29.71 -10.76
C LEU A 3 -9.10 -30.52 -10.32
N SER A 4 -8.14 -30.69 -11.23
CA SER A 4 -7.00 -31.58 -11.02
C SER A 4 -5.69 -30.82 -10.85
N GLU A 5 -5.32 -30.00 -11.82
CA GLU A 5 -4.02 -29.35 -11.81
C GLU A 5 -3.98 -28.26 -12.86
N VAL A 6 -3.33 -27.15 -12.53
CA VAL A 6 -3.10 -26.06 -13.47
C VAL A 6 -1.65 -25.59 -13.31
N LYS A 7 -1.04 -25.20 -14.42
CA LYS A 7 0.32 -24.69 -14.43
C LYS A 7 0.31 -23.16 -14.50
N LEU A 8 1.19 -22.55 -13.73
CA LEU A 8 1.27 -21.09 -13.63
C LEU A 8 2.59 -20.66 -14.27
N HIS A 9 2.53 -20.15 -15.49
CA HIS A 9 3.71 -19.72 -16.23
C HIS A 9 3.94 -18.24 -16.01
N LEU A 10 5.00 -17.90 -15.27
CA LEU A 10 5.34 -16.52 -14.96
C LEU A 10 6.42 -16.03 -15.91
N ASP A 11 6.21 -14.86 -16.50
CA ASP A 11 7.20 -14.28 -17.41
C ASP A 11 8.06 -13.26 -16.66
N ILE A 12 8.91 -13.79 -15.77
CA ILE A 12 9.97 -12.96 -15.22
C ILE A 12 10.89 -12.59 -16.37
N GLU A 13 11.09 -11.29 -16.59
CA GLU A 13 11.68 -10.82 -17.84
C GLU A 13 13.06 -11.43 -18.08
N GLY A 14 13.14 -12.29 -19.08
CA GLY A 14 14.36 -12.98 -19.44
C GLY A 14 14.45 -14.40 -18.90
N HIS A 15 13.82 -14.69 -17.77
CA HIS A 15 13.98 -15.97 -17.10
C HIS A 15 12.86 -16.96 -17.43
N ALA A 16 11.61 -16.51 -17.35
CA ALA A 16 10.45 -17.34 -17.67
C ALA A 16 10.39 -18.58 -16.77
N SER A 17 10.17 -18.31 -15.48
CA SER A 17 10.02 -19.37 -14.50
C SER A 17 8.64 -20.02 -14.62
N HIS A 18 8.53 -21.25 -14.11
CA HIS A 18 7.30 -22.02 -14.19
C HIS A 18 6.94 -22.59 -12.82
N TYR A 19 5.63 -22.67 -12.55
CA TYR A 19 5.12 -23.21 -11.30
C TYR A 19 3.91 -24.08 -11.59
N THR A 20 3.59 -24.96 -10.64
CA THR A 20 2.45 -25.84 -10.76
C THR A 20 1.69 -25.90 -9.44
N ILE A 21 0.36 -25.94 -9.54
CA ILE A 21 -0.50 -26.03 -8.36
C ILE A 21 -1.61 -27.05 -8.63
N PRO A 22 -1.66 -28.16 -7.87
CA PRO A 22 -2.74 -29.13 -8.07
C PRO A 22 -3.94 -28.86 -7.19
N TRP A 23 -5.13 -28.78 -7.77
CA TRP A 23 -6.32 -28.62 -6.94
C TRP A 23 -6.61 -29.90 -6.16
N THR A 24 -6.51 -31.06 -6.81
CA THR A 24 -6.92 -32.32 -6.19
C THR A 24 -6.16 -32.58 -4.90
N GLU A 25 -4.88 -32.23 -4.86
CA GLU A 25 -4.06 -32.60 -3.69
C GLU A 25 -4.36 -31.73 -2.48
N LEU A 26 -4.36 -30.41 -2.65
CA LEU A 26 -4.48 -29.51 -1.51
C LEU A 26 -5.92 -29.09 -1.21
N MET A 27 -6.87 -29.37 -2.09
CA MET A 27 -8.26 -29.07 -1.77
C MET A 27 -8.80 -30.00 -0.70
N ALA A 28 -8.13 -31.12 -0.45
CA ALA A 28 -8.50 -32.04 0.62
C ALA A 28 -7.60 -31.92 1.83
N LYS A 29 -6.36 -31.46 1.66
CA LYS A 29 -5.48 -31.27 2.81
C LYS A 29 -5.97 -30.15 3.71
N VAL A 30 -6.28 -29.00 3.13
CA VAL A 30 -6.86 -27.88 3.88
C VAL A 30 -8.21 -27.54 3.26
N PRO A 31 -9.27 -28.28 3.59
CA PRO A 31 -10.59 -27.98 3.01
C PRO A 31 -11.18 -26.69 3.53
N GLY A 32 -12.36 -26.34 3.03
CA GLY A 32 -13.01 -25.08 3.39
C GLY A 32 -13.03 -24.05 2.30
N LEU A 33 -12.53 -24.37 1.11
CA LEU A 33 -12.55 -23.45 -0.02
C LEU A 33 -12.78 -24.23 -1.31
N SER A 34 -13.43 -23.57 -2.27
CA SER A 34 -13.67 -24.15 -3.58
C SER A 34 -13.15 -23.18 -4.63
N PRO A 35 -12.18 -23.58 -5.45
CA PRO A 35 -11.59 -22.63 -6.41
C PRO A 35 -12.61 -22.10 -7.42
N GLU A 36 -13.54 -22.94 -7.88
CA GLU A 36 -14.51 -22.49 -8.86
C GLU A 36 -15.45 -21.44 -8.30
N ALA A 37 -15.62 -21.38 -6.97
CA ALA A 37 -16.41 -20.30 -6.38
C ALA A 37 -15.65 -18.99 -6.44
N LEU A 38 -14.32 -19.02 -6.25
CA LEU A 38 -13.53 -17.81 -6.37
C LEU A 38 -13.21 -17.48 -7.83
N TRP A 39 -13.16 -18.48 -8.70
CA TRP A 39 -12.93 -18.21 -10.12
C TRP A 39 -14.08 -17.41 -10.70
N ARG A 40 -15.32 -17.86 -10.49
CA ARG A 40 -16.49 -17.09 -10.86
C ARG A 40 -16.85 -16.10 -9.76
N GLU A 41 -15.82 -15.43 -9.26
CA GLU A 41 -15.96 -14.32 -8.33
C GLU A 41 -15.04 -13.15 -8.62
N ALA A 42 -13.94 -13.38 -9.35
CA ALA A 42 -12.92 -12.35 -9.59
C ALA A 42 -13.02 -11.74 -10.97
N ASN A 43 -14.03 -12.11 -11.76
CA ASN A 43 -14.17 -11.65 -13.14
C ASN A 43 -12.86 -11.82 -13.89
N VAL A 44 -12.44 -13.07 -14.05
CA VAL A 44 -11.22 -13.36 -14.81
C VAL A 44 -11.24 -12.64 -16.15
N THR A 45 -12.36 -12.71 -16.85
CA THR A 45 -12.52 -12.13 -18.19
C THR A 45 -13.06 -10.71 -18.16
N GLU A 46 -12.84 -9.96 -17.09
CA GLU A 46 -13.30 -8.58 -17.02
C GLU A 46 -12.47 -7.71 -17.95
N ASP A 47 -13.14 -6.87 -18.74
CA ASP A 47 -12.45 -5.95 -19.61
C ASP A 47 -11.81 -4.83 -18.79
N LEU A 48 -10.87 -4.12 -19.44
CA LEU A 48 -10.14 -3.06 -18.75
C LEU A 48 -11.03 -1.88 -18.41
N ALA A 49 -12.13 -1.69 -19.14
CA ALA A 49 -13.03 -0.58 -18.86
C ALA A 49 -13.87 -0.83 -17.61
N SER A 50 -14.29 -2.07 -17.39
CA SER A 50 -15.08 -2.37 -16.19
C SER A 50 -14.23 -2.42 -14.93
N MET A 51 -12.95 -2.79 -15.07
CA MET A 51 -12.08 -2.83 -13.90
C MET A 51 -11.76 -1.42 -13.41
N LEU A 52 -11.47 -0.50 -14.33
CA LEU A 52 -11.19 0.87 -13.94
C LEU A 52 -12.46 1.56 -13.43
N ASN A 53 -13.61 1.25 -14.02
CA ASN A 53 -14.86 1.81 -13.53
C ASN A 53 -15.16 1.36 -12.12
N ARG A 54 -14.72 0.16 -11.75
CA ARG A 54 -14.84 -0.30 -10.38
C ARG A 54 -13.79 0.31 -9.48
N TYR A 55 -12.59 0.57 -10.01
CA TYR A 55 -11.53 1.15 -9.20
C TYR A 55 -11.85 2.58 -8.79
N LYS A 56 -12.33 3.39 -9.73
CA LYS A 56 -12.69 4.77 -9.43
C LYS A 56 -13.92 4.88 -8.56
N LEU A 57 -14.64 3.77 -8.35
CA LEU A 57 -15.86 3.81 -7.55
C LEU A 57 -15.56 3.77 -6.06
N ILE A 58 -14.63 2.91 -5.65
CA ILE A 58 -14.29 2.77 -4.23
C ILE A 58 -13.44 3.95 -3.81
N TYR A 59 -13.79 4.55 -2.67
CA TYR A 59 -13.03 5.67 -2.13
C TYR A 59 -11.65 5.21 -1.64
N LYS A 60 -10.63 5.99 -1.97
CA LYS A 60 -9.25 5.69 -1.63
C LYS A 60 -8.64 6.89 -0.92
N THR A 61 -8.09 6.64 0.26
CA THR A 61 -7.51 7.70 1.06
C THR A 61 -6.27 8.29 0.39
N SER A 62 -6.05 9.58 0.64
CA SER A 62 -4.90 10.29 0.08
C SER A 62 -3.61 10.01 0.83
N GLY A 63 -3.58 8.98 1.66
CA GLY A 63 -2.36 8.68 2.40
C GLY A 63 -2.60 7.59 3.41
N THR A 64 -1.70 7.51 4.39
CA THR A 64 -1.77 6.51 5.45
C THR A 64 -1.04 7.06 6.66
N LEU A 65 -1.79 7.43 7.70
CA LEU A 65 -1.21 8.00 8.90
C LEU A 65 -0.40 6.94 9.63
N GLY A 66 0.92 7.03 9.55
CA GLY A 66 1.79 6.07 10.21
C GLY A 66 2.20 6.46 11.61
N ILE A 67 1.82 5.64 12.60
CA ILE A 67 2.17 5.86 14.00
C ILE A 67 2.56 4.52 14.61
N ALA A 68 3.76 4.46 15.19
CA ALA A 68 4.29 3.24 15.77
C ALA A 68 3.80 3.10 17.20
N LEU A 69 2.86 2.19 17.43
CA LEU A 69 2.33 1.89 18.75
C LEU A 69 2.87 0.57 19.25
N ALA A 70 3.21 0.53 20.53
CA ALA A 70 3.66 -0.69 21.19
C ALA A 70 2.48 -1.37 21.87
N GLU A 71 2.47 -2.72 21.84
CA GLU A 71 1.35 -3.37 22.48
C GLU A 71 1.73 -3.88 23.87
N PRO A 72 0.78 -3.92 24.79
CA PRO A 72 1.09 -4.33 26.16
C PRO A 72 1.11 -5.85 26.31
N VAL A 73 1.59 -6.29 27.47
CA VAL A 73 1.62 -7.71 27.82
C VAL A 73 0.33 -7.98 28.58
N ASP A 74 -0.71 -8.37 27.83
CA ASP A 74 -2.03 -8.52 28.43
C ASP A 74 -2.12 -9.81 29.25
N ILE A 75 -1.95 -10.96 28.59
CA ILE A 75 -2.04 -12.25 29.26
C ILE A 75 -0.77 -12.48 30.06
N PRO A 76 -0.86 -12.69 31.37
CA PRO A 76 0.34 -12.85 32.18
C PRO A 76 0.93 -14.25 32.03
N ALA A 77 2.17 -14.38 32.50
CA ALA A 77 2.84 -15.68 32.49
C ALA A 77 2.09 -16.66 33.37
N VAL A 78 2.17 -17.94 33.01
CA VAL A 78 1.45 -18.97 33.74
C VAL A 78 2.05 -19.10 35.13
N SER A 79 1.21 -18.93 36.15
CA SER A 79 1.67 -19.07 37.54
C SER A 79 2.09 -20.50 37.79
N GLU A 80 3.36 -20.69 38.15
CA GLU A 80 3.88 -22.03 38.40
C GLU A 80 3.13 -22.68 39.55
N GLY A 81 2.45 -23.79 39.25
CA GLY A 81 1.56 -24.44 40.19
C GLY A 81 0.10 -24.40 39.79
N SER A 82 -0.25 -23.78 38.67
CA SER A 82 -1.63 -23.74 38.21
C SER A 82 -2.04 -25.08 37.62
N MET A 83 -3.35 -25.25 37.47
CA MET A 83 -3.91 -26.47 36.90
C MET A 83 -4.50 -26.15 35.53
N GLN A 84 -3.97 -26.81 34.49
CA GLN A 84 -4.48 -26.60 33.14
C GLN A 84 -5.84 -27.28 33.01
N VAL A 85 -6.86 -26.49 32.71
CA VAL A 85 -8.24 -26.96 32.63
C VAL A 85 -8.66 -26.97 31.17
N ASP A 86 -9.27 -28.07 30.74
CA ASP A 86 -9.81 -28.16 29.40
C ASP A 86 -11.19 -27.50 29.36
N ALA A 87 -11.38 -26.57 28.42
CA ALA A 87 -12.66 -25.88 28.32
C ALA A 87 -13.78 -26.84 27.97
N SER A 88 -13.49 -27.89 27.20
CA SER A 88 -14.51 -28.86 26.80
C SER A 88 -14.69 -29.99 27.81
N LYS A 89 -13.72 -30.18 28.71
CA LYS A 89 -13.78 -31.22 29.73
C LYS A 89 -13.61 -30.54 31.09
N VAL A 90 -14.73 -30.22 31.74
CA VAL A 90 -14.72 -29.54 33.02
C VAL A 90 -15.60 -30.32 33.99
N HIS A 91 -15.01 -30.74 35.10
CA HIS A 91 -15.70 -31.46 36.17
C HIS A 91 -15.33 -30.81 37.50
N PRO A 92 -16.18 -30.97 38.53
CA PRO A 92 -15.94 -30.22 39.77
C PRO A 92 -14.60 -30.49 40.44
N GLY A 93 -13.89 -31.56 40.07
CA GLY A 93 -12.63 -31.85 40.71
C GLY A 93 -11.42 -31.15 40.12
N VAL A 94 -11.59 -30.39 39.04
CA VAL A 94 -10.44 -29.76 38.40
C VAL A 94 -9.85 -28.68 39.29
N ILE A 95 -10.68 -27.99 40.06
CA ILE A 95 -10.24 -26.86 40.87
C ILE A 95 -10.53 -27.16 42.33
N SER A 96 -9.68 -26.61 43.21
CA SER A 96 -9.85 -26.76 44.65
C SER A 96 -10.59 -25.59 45.29
N GLY A 97 -10.30 -24.38 44.85
CA GLY A 97 -10.98 -23.21 45.40
C GLY A 97 -10.44 -21.94 44.80
N LEU A 98 -10.86 -20.81 45.39
CA LEU A 98 -10.41 -19.51 44.90
C LEU A 98 -8.91 -19.31 45.12
N ASN A 99 -8.38 -19.84 46.21
CA ASN A 99 -6.96 -19.68 46.54
C ASN A 99 -6.08 -20.70 45.84
N SER A 100 -6.56 -21.29 44.75
CA SER A 100 -5.81 -22.24 43.95
C SER A 100 -5.50 -21.64 42.58
N PRO A 101 -4.24 -21.63 42.16
CA PRO A 101 -3.92 -21.09 40.83
C PRO A 101 -4.53 -21.94 39.74
N ALA A 102 -4.83 -21.31 38.61
CA ALA A 102 -5.50 -22.00 37.52
C ALA A 102 -5.29 -21.24 36.22
N CYS A 103 -5.40 -21.97 35.11
CA CYS A 103 -5.41 -21.38 33.78
C CYS A 103 -6.12 -22.35 32.84
N MET A 104 -6.93 -21.79 31.95
CA MET A 104 -7.66 -22.57 30.97
C MET A 104 -6.90 -22.60 29.65
N LEU A 105 -6.87 -23.78 29.02
CA LEU A 105 -6.14 -23.95 27.77
C LEU A 105 -6.72 -23.04 26.69
N SER A 106 -5.84 -22.61 25.79
CA SER A 106 -6.23 -21.65 24.75
C SER A 106 -6.85 -22.32 23.53
N ALA A 107 -6.51 -23.58 23.25
CA ALA A 107 -7.05 -24.23 22.07
C ALA A 107 -8.53 -24.59 22.23
N PRO A 108 -8.96 -25.28 23.29
CA PRO A 108 -10.41 -25.54 23.42
C PRO A 108 -11.20 -24.29 23.70
N LEU A 109 -10.58 -23.27 24.32
CA LEU A 109 -11.30 -22.02 24.59
C LEU A 109 -11.63 -21.29 23.28
N GLU A 110 -10.70 -21.30 22.32
CA GLU A 110 -10.96 -20.65 21.04
C GLU A 110 -12.10 -21.31 20.30
N LYS A 111 -12.20 -22.64 20.38
CA LYS A 111 -13.30 -23.34 19.73
C LYS A 111 -14.64 -23.05 20.39
N GLN A 112 -14.64 -22.56 21.63
CA GLN A 112 -15.88 -22.18 22.30
C GLN A 112 -16.20 -20.70 22.13
N LEU A 113 -15.18 -19.84 22.06
CA LEU A 113 -15.44 -18.42 21.84
C LEU A 113 -15.90 -18.13 20.43
N PHE A 114 -15.56 -18.98 19.47
CA PHE A 114 -15.94 -18.83 18.08
C PHE A 114 -16.60 -20.10 17.57
N TYR A 115 -17.54 -20.63 18.35
CA TYR A 115 -18.26 -21.83 17.93
C TYR A 115 -19.10 -21.57 16.68
N TYR A 116 -19.80 -20.43 16.64
CA TYR A 116 -20.62 -20.09 15.49
C TYR A 116 -19.74 -19.77 14.28
N ILE A 117 -20.20 -20.20 13.11
CA ILE A 117 -19.51 -19.95 11.85
C ILE A 117 -20.50 -19.37 10.86
N GLY A 118 -20.04 -18.45 10.03
CA GLY A 118 -20.91 -17.82 9.05
C GLY A 118 -20.08 -17.04 8.04
N THR A 119 -20.77 -16.56 7.01
CA THR A 119 -20.14 -15.75 5.97
C THR A 119 -19.91 -14.34 6.51
N MET A 120 -18.64 -13.97 6.71
CA MET A 120 -18.33 -12.67 7.28
C MET A 120 -18.42 -11.57 6.24
N LEU A 121 -17.61 -11.65 5.19
CA LEU A 121 -17.58 -10.64 4.15
C LEU A 121 -18.71 -10.89 3.16
N PRO A 122 -19.72 -10.03 3.12
CA PRO A 122 -20.87 -10.25 2.25
C PRO A 122 -20.52 -9.89 0.80
N ASN A 123 -21.53 -9.98 -0.06
CA ASN A 123 -21.41 -9.58 -1.46
C ASN A 123 -22.23 -8.32 -1.75
N THR A 124 -22.26 -7.39 -0.79
CA THR A 124 -23.00 -6.15 -0.96
C THR A 124 -22.30 -5.25 -1.98
N ARG A 125 -22.96 -4.13 -2.30
CA ARG A 125 -22.43 -3.20 -3.30
C ARG A 125 -21.05 -2.68 -2.96
N PRO A 126 -20.76 -2.18 -1.75
CA PRO A 126 -19.40 -1.71 -1.48
C PRO A 126 -18.40 -2.81 -1.17
N HIS A 127 -18.86 -3.99 -0.75
CA HIS A 127 -17.95 -5.04 -0.30
C HIS A 127 -17.58 -6.02 -1.40
N SER A 128 -18.51 -6.33 -2.31
CA SER A 128 -18.23 -7.31 -3.35
C SER A 128 -17.22 -6.83 -4.39
N TYR A 129 -16.80 -5.56 -4.33
CA TYR A 129 -15.84 -5.02 -5.28
C TYR A 129 -14.42 -4.99 -4.73
N VAL A 130 -14.21 -5.26 -3.44
CA VAL A 130 -12.91 -5.11 -2.81
C VAL A 130 -12.40 -6.44 -2.29
N PHE A 131 -13.17 -7.10 -1.45
CA PHE A 131 -12.72 -8.34 -0.81
C PHE A 131 -13.24 -9.56 -1.58
N TYR A 132 -12.73 -10.73 -1.19
CA TYR A 132 -13.26 -12.00 -1.62
C TYR A 132 -14.22 -12.54 -0.56
N GLN A 133 -15.06 -13.48 -0.97
CA GLN A 133 -16.03 -14.08 -0.05
C GLN A 133 -15.30 -14.93 0.98
N LEU A 134 -15.42 -14.54 2.25
CA LEU A 134 -14.77 -15.24 3.35
C LEU A 134 -15.82 -15.79 4.31
N ARG A 135 -15.57 -16.97 4.85
CA ARG A 135 -16.51 -17.67 5.73
C ARG A 135 -15.70 -18.38 6.82
N CYS A 136 -15.53 -17.72 7.95
CA CYS A 136 -14.78 -18.25 9.08
C CYS A 136 -15.67 -18.26 10.32
N HIS A 137 -15.17 -18.90 11.37
CA HIS A 137 -15.83 -18.84 12.68
C HIS A 137 -15.77 -17.42 13.21
N LEU A 138 -16.94 -16.81 13.43
CA LEU A 138 -17.02 -15.40 13.75
C LEU A 138 -17.87 -15.18 15.00
N SER A 139 -17.68 -14.00 15.59
CA SER A 139 -18.49 -13.52 16.69
C SER A 139 -18.85 -12.07 16.38
N TYR A 140 -20.13 -11.80 16.19
CA TYR A 140 -20.56 -10.49 15.73
C TYR A 140 -21.38 -9.77 16.80
N VAL A 141 -21.41 -8.44 16.68
CA VAL A 141 -22.25 -7.58 17.50
C VAL A 141 -23.05 -6.70 16.54
N ALA A 142 -24.36 -6.88 16.51
CA ALA A 142 -25.23 -6.16 15.58
C ALA A 142 -26.32 -5.41 16.33
N LEU A 143 -26.67 -4.22 15.84
CA LEU A 143 -27.71 -3.41 16.43
C LEU A 143 -28.30 -2.50 15.38
N SER A 144 -29.50 -1.98 15.66
CA SER A 144 -30.17 -1.02 14.79
C SER A 144 -31.01 -0.11 15.66
N ILE A 145 -31.06 1.17 15.30
CA ILE A 145 -31.67 2.16 16.21
C ILE A 145 -32.93 2.79 15.62
N ASN A 146 -32.78 3.51 14.51
CA ASN A 146 -33.88 4.33 14.00
C ASN A 146 -34.79 3.50 13.10
N GLY A 147 -35.42 2.50 13.72
CA GLY A 147 -36.35 1.65 13.01
C GLY A 147 -35.69 0.94 11.85
N ASP A 148 -34.51 0.35 12.11
CA ASP A 148 -33.72 -0.36 11.12
C ASP A 148 -33.24 0.53 9.98
N LYS A 149 -33.38 1.84 10.10
CA LYS A 149 -32.83 2.76 9.10
C LYS A 149 -31.35 3.05 9.33
N PHE A 150 -30.79 2.58 10.44
CA PHE A 150 -29.35 2.70 10.71
C PHE A 150 -28.89 1.40 11.35
N GLN A 151 -28.06 0.65 10.66
CA GLN A 151 -27.58 -0.64 11.15
C GLN A 151 -26.07 -0.61 11.36
N TYR A 152 -25.62 -1.43 12.30
CA TYR A 152 -24.20 -1.67 12.51
C TYR A 152 -23.99 -3.14 12.80
N THR A 153 -22.97 -3.73 12.17
CA THR A 153 -22.68 -5.16 12.34
C THR A 153 -21.16 -5.31 12.36
N GLY A 154 -20.60 -5.52 13.55
CA GLY A 154 -19.18 -5.73 13.68
C GLY A 154 -18.82 -7.20 13.85
N ALA A 155 -18.36 -7.83 12.78
CA ALA A 155 -17.98 -9.24 12.80
C ALA A 155 -16.46 -9.36 12.92
N MET A 156 -16.02 -10.41 13.62
CA MET A 156 -14.61 -10.58 13.91
C MET A 156 -14.24 -12.06 13.92
N THR A 157 -13.05 -12.36 13.44
CA THR A 157 -12.43 -13.66 13.62
C THR A 157 -11.48 -13.59 14.81
N SER A 158 -10.66 -14.63 14.96
CA SER A 158 -9.65 -14.64 16.02
C SER A 158 -8.47 -13.75 15.70
N LYS A 159 -8.43 -13.10 14.53
CA LYS A 159 -7.29 -12.25 14.17
C LYS A 159 -7.66 -10.90 13.59
N PHE A 160 -8.85 -10.69 13.04
CA PHE A 160 -9.23 -9.39 12.51
C PHE A 160 -10.71 -9.14 12.72
N LEU A 161 -11.08 -7.86 12.74
CA LEU A 161 -12.43 -7.41 13.02
C LEU A 161 -12.90 -6.48 11.91
N MET A 162 -14.19 -6.54 11.59
CA MET A 162 -14.76 -5.65 10.59
C MET A 162 -16.12 -5.17 11.06
N GLY A 163 -16.24 -3.86 11.26
CA GLY A 163 -17.51 -3.22 11.52
C GLY A 163 -18.07 -2.58 10.25
N THR A 164 -19.39 -2.44 10.22
CA THR A 164 -20.08 -1.99 9.01
C THR A 164 -21.21 -1.05 9.42
N TYR A 165 -21.06 0.23 9.09
CA TYR A 165 -22.12 1.21 9.30
C TYR A 165 -23.03 1.24 8.07
N LYS A 166 -24.32 0.96 8.27
CA LYS A 166 -25.31 1.01 7.20
C LYS A 166 -26.45 1.92 7.63
N ARG A 167 -26.60 3.06 6.96
CA ARG A 167 -27.70 3.98 7.19
C ARG A 167 -28.48 4.14 5.90
N VAL A 168 -29.79 3.88 5.94
CA VAL A 168 -30.63 4.10 4.75
C VAL A 168 -31.35 5.41 4.95
N THR A 169 -31.26 6.31 3.99
CA THR A 169 -31.80 7.67 4.22
C THR A 169 -33.02 7.97 3.38
N GLU A 170 -34.18 8.10 4.03
CA GLU A 170 -35.36 8.57 3.32
C GLU A 170 -35.65 7.77 2.05
N LYS A 171 -35.30 8.32 0.90
CA LYS A 171 -35.71 7.72 -0.40
C LYS A 171 -35.25 6.27 -0.58
N GLY A 172 -34.11 5.85 -0.04
CA GLY A 172 -33.76 4.44 -0.22
C GLY A 172 -32.28 4.24 -0.44
N ASP A 173 -31.53 5.30 -0.68
CA ASP A 173 -30.07 5.12 -0.84
C ASP A 173 -29.60 4.59 0.52
N GLU A 174 -28.83 3.52 0.53
CA GLU A 174 -28.33 2.94 1.78
C GLU A 174 -26.85 3.20 1.77
N HIS A 175 -26.38 4.12 2.58
CA HIS A 175 -24.94 4.45 2.57
C HIS A 175 -24.26 3.47 3.49
N VAL A 176 -23.30 2.73 2.99
CA VAL A 176 -22.62 1.69 3.76
C VAL A 176 -21.14 2.04 3.85
N LEU A 177 -20.64 2.19 5.08
CA LEU A 177 -19.24 2.43 5.34
C LEU A 177 -18.74 1.39 6.33
N SER A 178 -17.56 0.83 6.07
CA SER A 178 -17.02 -0.24 6.90
C SER A 178 -15.59 0.08 7.29
N LEU A 179 -15.21 -0.41 8.47
CA LEU A 179 -13.85 -0.31 8.98
C LEU A 179 -13.35 -1.69 9.34
N VAL A 180 -12.06 -1.94 9.09
CA VAL A 180 -11.43 -3.21 9.39
C VAL A 180 -10.25 -2.95 10.31
N PHE A 181 -10.12 -3.76 11.36
CA PHE A 181 -9.03 -3.65 12.30
C PHE A 181 -8.41 -5.02 12.51
N GLY A 182 -7.10 -5.04 12.71
CA GLY A 182 -6.38 -6.27 12.95
C GLY A 182 -4.94 -6.12 12.49
N LYS A 183 -4.23 -7.24 12.54
CA LYS A 183 -2.84 -7.25 12.10
C LYS A 183 -2.76 -7.12 10.59
N THR A 184 -1.78 -6.32 10.12
CA THR A 184 -1.61 -6.15 8.69
C THR A 184 -1.26 -7.46 8.00
N LYS A 185 -0.69 -8.40 8.75
CA LYS A 185 -0.31 -9.70 8.22
C LYS A 185 -1.46 -10.69 8.17
N ASP A 186 -2.66 -10.30 8.60
CA ASP A 186 -3.80 -11.21 8.65
C ASP A 186 -5.06 -10.57 8.10
N LEU A 187 -4.93 -9.47 7.36
CA LEU A 187 -6.09 -8.82 6.78
C LEU A 187 -6.69 -9.70 5.68
N PRO A 188 -7.98 -9.53 5.38
CA PRO A 188 -8.64 -10.40 4.39
C PRO A 188 -8.06 -10.22 3.00
N ASP A 189 -8.39 -11.16 2.12
CA ASP A 189 -7.84 -11.17 0.78
C ASP A 189 -8.48 -10.08 -0.07
N LEU A 190 -7.65 -9.35 -0.81
CA LEU A 190 -8.11 -8.28 -1.69
C LEU A 190 -8.37 -8.81 -3.09
N ARG A 191 -9.43 -8.31 -3.71
CA ARG A 191 -9.85 -8.73 -5.03
C ARG A 191 -9.62 -7.61 -6.03
N GLY A 192 -9.23 -7.97 -7.24
CA GLY A 192 -9.03 -7.01 -8.29
C GLY A 192 -7.77 -6.20 -8.09
N PRO A 193 -7.74 -4.98 -8.63
CA PRO A 193 -6.54 -4.15 -8.57
C PRO A 193 -6.31 -3.43 -7.24
N PHE A 194 -7.08 -3.75 -6.21
CA PHE A 194 -7.00 -3.01 -4.95
C PHE A 194 -5.79 -3.44 -4.13
N SER A 195 -5.08 -2.46 -3.59
CA SER A 195 -3.97 -2.68 -2.68
C SER A 195 -4.33 -2.09 -1.32
N TYR A 196 -3.67 -2.61 -0.29
CA TYR A 196 -3.99 -2.21 1.07
C TYR A 196 -3.42 -0.83 1.45
N PRO A 197 -2.17 -0.49 1.11
CA PRO A 197 -1.66 0.83 1.52
C PRO A 197 -2.50 2.00 1.03
N SER A 198 -3.15 1.87 -0.12
CA SER A 198 -4.02 2.93 -0.61
C SER A 198 -5.39 2.93 0.05
N LEU A 199 -5.66 1.98 0.94
CA LEU A 199 -6.93 1.91 1.65
C LEU A 199 -6.81 2.03 3.16
N THR A 200 -5.66 1.67 3.74
CA THR A 200 -5.49 1.78 5.18
C THR A 200 -5.40 3.24 5.59
N SER A 201 -5.96 3.55 6.76
CA SER A 201 -5.94 4.89 7.32
C SER A 201 -4.83 5.09 8.34
N ALA A 202 -4.69 4.15 9.27
CA ALA A 202 -3.62 4.19 10.27
C ALA A 202 -2.91 2.84 10.27
N GLN A 203 -1.59 2.87 10.21
CA GLN A 203 -0.79 1.65 10.13
C GLN A 203 0.33 1.72 11.15
N SER A 204 0.33 0.78 12.09
CA SER A 204 1.35 0.67 13.12
C SER A 204 2.44 -0.29 12.64
N GLY A 205 3.32 -0.71 13.56
CA GLY A 205 4.34 -1.67 13.21
C GLY A 205 3.79 -3.01 12.79
N ASP A 206 2.67 -3.43 13.37
CA ASP A 206 2.06 -4.71 13.04
C ASP A 206 0.57 -4.63 12.78
N TYR A 207 -0.14 -3.60 13.24
CA TYR A 207 -1.57 -3.47 13.07
C TYR A 207 -1.89 -2.38 12.06
N SER A 208 -3.11 -2.42 11.54
CA SER A 208 -3.57 -1.46 10.54
C SER A 208 -5.08 -1.34 10.63
N LEU A 209 -5.59 -0.15 10.27
CA LEU A 209 -7.02 0.12 10.24
C LEU A 209 -7.39 0.55 8.83
N VAL A 210 -8.28 -0.20 8.19
CA VAL A 210 -8.67 0.05 6.81
C VAL A 210 -10.08 0.64 6.79
N ILE A 211 -10.33 1.46 5.77
CA ILE A 211 -11.66 2.02 5.54
C ILE A 211 -12.06 1.69 4.11
N VAL A 212 -13.21 1.05 3.95
CA VAL A 212 -13.65 0.55 2.66
C VAL A 212 -15.05 1.08 2.40
N THR A 213 -15.16 2.04 1.48
CA THR A 213 -16.46 2.60 1.11
C THR A 213 -16.30 3.35 -0.20
N THR A 214 -17.43 3.81 -0.74
CA THR A 214 -17.42 4.56 -1.98
C THR A 214 -17.24 6.05 -1.71
N PHE A 215 -16.88 6.79 -2.75
CA PHE A 215 -16.71 8.23 -2.60
C PHE A 215 -18.01 8.91 -2.21
N VAL A 216 -19.14 8.46 -2.77
CA VAL A 216 -20.42 9.07 -2.46
C VAL A 216 -20.86 8.69 -1.05
N HIS A 217 -20.58 7.45 -0.62
CA HIS A 217 -20.92 7.04 0.74
C HIS A 217 -20.01 7.72 1.76
N TYR A 218 -18.75 7.95 1.41
CA TYR A 218 -17.85 8.61 2.35
C TYR A 218 -18.17 10.09 2.47
N ALA A 219 -18.57 10.72 1.37
CA ALA A 219 -18.88 12.15 1.41
C ALA A 219 -20.09 12.41 2.30
N ASN A 220 -21.17 11.67 2.08
CA ASN A 220 -22.36 11.85 2.90
C ASN A 220 -22.10 11.49 4.35
N PHE A 221 -21.18 10.55 4.59
CA PHE A 221 -20.83 10.20 5.96
C PHE A 221 -19.86 11.21 6.57
N HIS A 222 -19.09 11.91 5.76
CA HIS A 222 -18.14 12.88 6.29
C HIS A 222 -18.82 14.11 6.89
N ASN A 223 -20.12 14.29 6.65
CA ASN A 223 -20.82 15.44 7.22
C ASN A 223 -20.98 15.29 8.73
N TYR A 224 -21.50 14.14 9.17
CA TYR A 224 -21.79 13.93 10.58
C TYR A 224 -20.82 12.98 11.27
N PHE A 225 -19.96 12.30 10.53
CA PHE A 225 -19.05 11.31 11.10
C PHE A 225 -17.62 11.70 10.74
N VAL A 226 -16.99 12.47 11.62
CA VAL A 226 -15.58 12.84 11.46
C VAL A 226 -14.81 12.30 12.66
N PRO A 227 -14.53 11.00 12.70
CA PRO A 227 -13.92 10.41 13.91
C PRO A 227 -12.45 10.78 14.06
N ASN A 228 -11.97 10.62 15.29
CA ASN A 228 -10.56 10.82 15.62
C ASN A 228 -9.85 9.47 15.51
N LEU A 229 -9.49 9.13 14.28
CA LEU A 229 -8.82 7.85 14.02
C LEU A 229 -7.44 7.77 14.66
N LYS A 230 -6.85 8.91 15.02
CA LYS A 230 -5.54 8.91 15.67
C LYS A 230 -5.63 8.29 17.06
N ASP A 231 -6.43 8.88 17.94
CA ASP A 231 -6.58 8.34 19.29
C ASP A 231 -7.34 7.02 19.27
N MET A 232 -8.18 6.80 18.27
CA MET A 232 -8.92 5.54 18.17
C MET A 232 -7.97 4.38 17.93
N PHE A 233 -7.04 4.54 16.99
CA PHE A 233 -6.09 3.49 16.69
C PHE A 233 -5.04 3.37 17.79
N SER A 234 -4.75 4.45 18.51
CA SER A 234 -3.76 4.38 19.58
C SER A 234 -4.28 3.60 20.77
N ARG A 235 -5.53 3.86 21.17
CA ARG A 235 -6.12 3.13 22.29
C ARG A 235 -6.46 1.69 21.92
N ALA A 236 -6.70 1.41 20.64
CA ALA A 236 -7.02 0.06 20.20
C ALA A 236 -5.79 -0.84 20.09
N VAL A 237 -4.60 -0.31 20.32
CA VAL A 237 -3.36 -1.08 20.25
C VAL A 237 -2.58 -1.00 21.56
N THR A 238 -2.44 0.20 22.11
CA THR A 238 -1.62 0.38 23.30
C THR A 238 -2.30 -0.14 24.57
N MET A 239 -3.63 -0.11 24.62
CA MET A 239 -4.34 -0.52 25.82
C MET A 239 -4.49 -2.04 25.88
N THR A 240 -4.73 -2.54 27.10
CA THR A 240 -4.94 -3.96 27.31
C THR A 240 -6.38 -4.32 26.97
N ALA A 241 -6.80 -5.53 27.29
CA ALA A 241 -8.17 -5.94 27.00
C ALA A 241 -9.14 -5.38 28.03
N ALA A 242 -8.85 -5.58 29.32
CA ALA A 242 -9.76 -5.13 30.36
C ALA A 242 -9.80 -3.61 30.45
N SER A 243 -8.64 -2.96 30.32
CA SER A 243 -8.60 -1.49 30.41
C SER A 243 -9.35 -0.85 29.26
N TYR A 244 -9.24 -1.41 28.06
CA TYR A 244 -9.96 -0.85 26.92
C TYR A 244 -11.46 -1.11 27.04
N ALA A 245 -11.84 -2.26 27.59
CA ALA A 245 -13.25 -2.56 27.76
C ALA A 245 -13.89 -1.64 28.78
N ARG A 246 -13.22 -1.43 29.91
CA ARG A 246 -13.75 -0.48 30.91
C ARG A 246 -13.77 0.93 30.37
N TYR A 247 -12.85 1.26 29.46
CA TYR A 247 -12.85 2.58 28.83
C TYR A 247 -14.10 2.78 27.98
N VAL A 248 -14.44 1.78 27.15
CA VAL A 248 -15.66 1.85 26.37
C VAL A 248 -16.88 1.76 27.28
N LEU A 249 -16.79 0.98 28.35
CA LEU A 249 -17.90 0.88 29.29
C LEU A 249 -18.21 2.23 29.93
N GLN A 250 -17.20 3.05 30.17
CA GLN A 250 -17.44 4.36 30.76
C GLN A 250 -18.13 5.29 29.76
N LYS A 251 -17.65 5.33 28.52
CA LYS A 251 -18.24 6.21 27.53
C LYS A 251 -19.64 5.75 27.12
N LEU A 252 -19.95 4.47 27.28
CA LEU A 252 -21.32 4.02 27.04
C LEU A 252 -22.26 4.51 28.13
N VAL A 253 -21.80 4.53 29.38
CA VAL A 253 -22.63 5.04 30.47
C VAL A 253 -22.86 6.54 30.29
N LEU A 254 -21.86 7.26 29.77
CA LEU A 254 -22.03 8.69 29.54
C LEU A 254 -23.07 8.95 28.46
N LEU A 255 -23.20 8.07 27.48
CA LEU A 255 -24.25 8.22 26.48
C LEU A 255 -25.62 7.93 27.09
N GLU A 256 -25.71 6.88 27.91
CA GLU A 256 -26.96 6.61 28.62
C GLU A 256 -27.29 7.72 29.61
N MET A 257 -26.28 8.45 30.08
CA MET A 257 -26.50 9.47 31.10
C MET A 257 -27.35 10.62 30.57
N LYS A 258 -26.93 11.22 29.45
CA LYS A 258 -27.65 12.34 28.84
C LYS A 258 -28.21 11.89 27.50
N GLY A 259 -29.52 11.69 27.44
CA GLY A 259 -30.16 11.28 26.21
C GLY A 259 -29.61 9.95 25.76
N GLY A 260 -29.10 9.91 24.53
CA GLY A 260 -28.41 8.72 24.06
C GLY A 260 -29.32 7.52 23.85
N CYS A 261 -29.24 6.55 24.76
CA CYS A 261 -29.92 5.27 24.59
C CYS A 261 -31.43 5.40 24.42
N ARG A 262 -32.02 6.56 24.73
CA ARG A 262 -33.43 6.77 24.44
C ARG A 262 -33.66 7.54 23.14
N GLU A 263 -32.86 8.55 22.87
CA GLU A 263 -32.84 9.22 21.56
C GLU A 263 -31.40 9.30 21.08
N PRO A 264 -30.98 8.42 20.18
CA PRO A 264 -29.59 8.47 19.70
C PRO A 264 -29.44 9.50 18.60
N GLU A 265 -28.75 10.59 18.91
CA GLU A 265 -28.37 11.55 17.89
C GLU A 265 -27.15 11.02 17.16
N LEU A 266 -27.24 10.94 15.82
CA LEU A 266 -26.18 10.28 15.06
C LEU A 266 -24.92 11.14 15.06
N ASP A 267 -24.23 11.14 16.20
CA ASP A 267 -23.10 11.99 16.46
C ASP A 267 -21.81 11.32 16.00
N THR A 268 -20.71 12.06 16.07
CA THR A 268 -19.40 11.50 15.79
C THR A 268 -18.97 10.54 16.90
N GLU A 269 -19.16 10.94 18.17
CA GLU A 269 -18.79 10.09 19.27
C GLU A 269 -19.74 8.90 19.41
N THR A 270 -20.98 9.05 18.96
CA THR A 270 -21.94 7.96 19.04
C THR A 270 -21.51 6.79 18.16
N LEU A 271 -21.26 7.06 16.87
CA LEU A 271 -20.79 6.01 15.99
C LEU A 271 -19.39 5.54 16.38
N THR A 272 -18.57 6.44 16.92
CA THR A 272 -17.24 6.04 17.39
C THR A 272 -17.34 5.03 18.52
N THR A 273 -18.36 5.17 19.37
CA THR A 273 -18.53 4.25 20.49
C THR A 273 -18.98 2.88 20.01
N MET A 274 -19.85 2.83 19.00
CA MET A 274 -20.34 1.55 18.49
C MET A 274 -19.20 0.70 17.95
N PHE A 275 -18.25 1.32 17.24
CA PHE A 275 -17.11 0.57 16.74
C PHE A 275 -16.24 0.07 17.89
N GLU A 276 -16.01 0.91 18.90
CA GLU A 276 -15.16 0.52 20.00
C GLU A 276 -15.79 -0.56 20.88
N VAL A 277 -17.10 -0.76 20.79
CA VAL A 277 -17.72 -1.89 21.48
C VAL A 277 -17.29 -3.20 20.82
N SER A 278 -17.26 -3.24 19.49
CA SER A 278 -16.80 -4.43 18.79
C SER A 278 -15.30 -4.63 19.00
N VAL A 279 -14.54 -3.55 19.15
CA VAL A 279 -13.11 -3.68 19.42
C VAL A 279 -12.88 -4.23 20.83
N ALA A 280 -13.73 -3.87 21.78
CA ALA A 280 -13.60 -4.40 23.13
C ALA A 280 -13.81 -5.91 23.14
N PHE A 281 -14.80 -6.41 22.39
CA PHE A 281 -14.99 -7.85 22.28
C PHE A 281 -13.86 -8.50 21.49
N PHE A 282 -13.24 -7.75 20.58
CA PHE A 282 -12.20 -8.32 19.72
C PHE A 282 -10.90 -8.52 20.49
N LYS A 283 -10.45 -7.49 21.21
CA LYS A 283 -9.16 -7.56 21.90
C LYS A 283 -9.15 -8.68 22.93
N VAL A 284 -10.30 -9.01 23.52
CA VAL A 284 -10.37 -10.15 24.43
C VAL A 284 -10.14 -11.45 23.67
N GLY A 285 -10.92 -11.68 22.61
CA GLY A 285 -10.74 -12.87 21.80
C GLY A 285 -9.46 -12.88 20.99
N HIS A 286 -8.89 -11.70 20.73
CA HIS A 286 -7.63 -11.63 19.98
C HIS A 286 -6.43 -11.97 20.85
N ALA A 287 -6.43 -11.49 22.10
CA ALA A 287 -5.33 -11.79 23.01
C ALA A 287 -5.26 -13.28 23.31
N VAL A 288 -6.42 -13.92 23.49
CA VAL A 288 -6.43 -15.36 23.71
C VAL A 288 -5.96 -16.10 22.46
N GLY A 289 -6.36 -15.62 21.28
CA GLY A 289 -5.97 -16.29 20.05
C GLY A 289 -4.49 -16.21 19.75
N GLU A 290 -3.81 -15.18 20.26
CA GLU A 290 -2.39 -14.99 19.98
C GLU A 290 -1.49 -15.77 20.91
N THR A 291 -2.01 -16.82 21.53
CA THR A 291 -1.23 -17.71 22.38
C THR A 291 -1.11 -19.07 21.69
N GLY A 292 0.13 -19.54 21.54
CA GLY A 292 0.40 -20.76 20.79
C GLY A 292 0.10 -22.02 21.56
N ASN A 293 -1.19 -22.34 21.70
CA ASN A 293 -1.64 -23.52 22.43
C ASN A 293 -1.19 -23.50 23.89
N GLY A 294 -1.02 -22.31 24.45
CA GLY A 294 -0.73 -22.16 25.86
C GLY A 294 -2.00 -22.19 26.69
N CYS A 295 -1.98 -21.49 27.81
CA CYS A 295 -3.17 -21.36 28.64
C CYS A 295 -3.30 -19.93 29.13
N VAL A 296 -4.53 -19.45 29.20
CA VAL A 296 -4.85 -18.12 29.66
C VAL A 296 -5.16 -18.18 31.15
N ASP A 297 -4.53 -17.30 31.92
CA ASP A 297 -4.72 -17.29 33.37
C ASP A 297 -6.18 -17.03 33.72
N LEU A 298 -6.70 -17.80 34.68
CA LEU A 298 -8.10 -17.69 35.05
C LEU A 298 -8.42 -16.32 35.65
N ARG A 299 -7.49 -15.79 36.45
CA ARG A 299 -7.70 -14.46 37.03
C ARG A 299 -7.79 -13.39 35.94
N TRP A 300 -7.06 -13.56 34.85
CA TRP A 300 -7.15 -12.61 33.74
C TRP A 300 -8.44 -12.80 32.96
N LEU A 301 -8.93 -14.04 32.86
CA LEU A 301 -10.20 -14.27 32.18
C LEU A 301 -11.36 -13.66 32.95
N ALA A 302 -11.37 -13.84 34.27
CA ALA A 302 -12.42 -13.22 35.09
C ALA A 302 -12.34 -11.70 35.02
N LYS A 303 -11.14 -11.16 34.83
CA LYS A 303 -10.97 -9.71 34.77
C LYS A 303 -11.41 -9.14 33.43
N SER A 304 -11.34 -9.94 32.37
CA SER A 304 -11.72 -9.48 31.03
C SER A 304 -13.14 -9.86 30.65
N PHE A 305 -13.57 -11.09 30.94
CA PHE A 305 -14.91 -11.53 30.58
C PHE A 305 -15.99 -10.91 31.47
N PHE A 306 -15.61 -10.39 32.64
CA PHE A 306 -16.58 -9.62 33.42
C PHE A 306 -16.98 -8.35 32.69
N GLU A 307 -16.02 -7.71 32.00
CA GLU A 307 -16.33 -6.48 31.28
C GLU A 307 -17.23 -6.77 30.08
N LEU A 308 -16.99 -7.88 29.37
CA LEU A 308 -17.80 -8.20 28.21
C LEU A 308 -19.23 -8.53 28.61
N THR A 309 -19.41 -9.18 29.76
CA THR A 309 -20.76 -9.52 30.22
C THR A 309 -21.56 -8.26 30.52
N VAL A 310 -20.97 -7.33 31.27
CA VAL A 310 -21.62 -6.05 31.54
C VAL A 310 -21.80 -5.26 30.26
N LEU A 311 -20.81 -5.31 29.37
CA LEU A 311 -20.91 -4.60 28.10
C LEU A 311 -22.03 -5.19 27.25
N LYS A 312 -22.21 -6.50 27.28
CA LYS A 312 -23.31 -7.11 26.56
C LYS A 312 -24.65 -6.83 27.24
N ASP A 313 -24.64 -6.70 28.57
CA ASP A 313 -25.87 -6.43 29.31
C ASP A 313 -26.27 -4.96 29.27
N ILE A 314 -25.34 -4.05 28.98
CA ILE A 314 -25.70 -2.65 28.89
C ILE A 314 -26.16 -2.25 27.48
N ILE A 315 -25.69 -2.96 26.45
CA ILE A 315 -26.19 -2.69 25.11
C ILE A 315 -27.54 -3.35 24.87
N GLY A 316 -27.87 -4.39 25.63
CA GLY A 316 -29.20 -4.99 25.54
C GLY A 316 -30.30 -4.13 26.13
N ILE A 317 -29.92 -3.12 26.92
CA ILE A 317 -30.89 -2.18 27.49
C ILE A 317 -30.83 -0.89 26.69
N CYS A 318 -29.65 -0.55 26.16
CA CYS A 318 -29.48 0.72 25.47
C CYS A 318 -29.97 0.64 24.02
N TYR A 319 -29.38 -0.24 23.23
CA TYR A 319 -29.75 -0.39 21.82
C TYR A 319 -30.41 -1.71 21.51
N GLY A 320 -30.47 -2.65 22.46
CA GLY A 320 -31.03 -3.95 22.17
C GLY A 320 -30.20 -4.74 21.18
N ALA A 321 -28.88 -4.67 21.31
CA ALA A 321 -27.99 -5.33 20.38
C ALA A 321 -28.01 -6.85 20.59
N THR A 322 -27.31 -7.56 19.71
CA THR A 322 -27.22 -9.01 19.76
C THR A 322 -25.76 -9.42 19.66
N VAL A 323 -25.30 -10.23 20.59
CA VAL A 323 -23.91 -10.68 20.63
C VAL A 323 -23.91 -12.20 20.61
N LYS A 324 -23.44 -12.78 19.51
CA LYS A 324 -23.28 -14.22 19.41
C LYS A 324 -21.80 -14.56 19.43
N GLY A 325 -21.44 -15.58 20.20
CA GLY A 325 -20.06 -15.96 20.39
C GLY A 325 -19.42 -15.22 21.55
N MET A 326 -18.12 -15.47 21.73
CA MET A 326 -17.35 -14.88 22.82
C MET A 326 -17.97 -15.20 24.18
N GLN A 327 -18.50 -16.42 24.32
CA GLN A 327 -19.09 -16.85 25.57
C GLN A 327 -18.83 -18.36 25.68
N SER A 328 -17.73 -18.72 26.34
CA SER A 328 -17.34 -20.12 26.47
C SER A 328 -18.06 -20.76 27.64
N TYR A 329 -18.81 -21.84 27.36
CA TYR A 329 -19.55 -22.50 28.43
C TYR A 329 -18.63 -23.11 29.47
N GLY A 330 -17.42 -23.51 29.06
CA GLY A 330 -16.47 -24.05 30.02
C GLY A 330 -16.11 -23.03 31.10
N LEU A 331 -15.93 -21.78 30.69
CA LEU A 331 -15.67 -20.72 31.66
C LEU A 331 -16.91 -20.38 32.47
N GLU A 332 -18.10 -20.44 31.86
CA GLU A 332 -19.32 -20.12 32.58
C GLU A 332 -19.64 -21.18 33.63
N ARG A 333 -19.22 -22.42 33.40
CA ARG A 333 -19.44 -23.48 34.37
C ARG A 333 -18.29 -23.62 35.36
N LEU A 334 -17.07 -23.30 34.95
CA LEU A 334 -15.96 -23.29 35.90
C LEU A 334 -16.12 -22.19 36.93
N ALA A 335 -16.65 -21.02 36.51
CA ALA A 335 -16.89 -19.94 37.45
C ALA A 335 -18.14 -20.18 38.30
N ALA A 336 -19.15 -20.85 37.74
CA ALA A 336 -20.35 -21.14 38.50
C ALA A 336 -20.08 -22.22 39.55
N MET A 337 -19.22 -23.19 39.23
CA MET A 337 -18.84 -24.19 40.22
C MET A 337 -18.08 -23.57 41.38
N LEU A 338 -17.29 -22.53 41.11
CA LEU A 338 -16.50 -21.87 42.14
C LEU A 338 -17.36 -21.15 43.18
N MET A 339 -18.68 -21.18 43.06
CA MET A 339 -19.55 -20.58 44.06
C MET A 339 -19.84 -21.50 45.23
N ALA A 340 -19.76 -22.82 45.02
CA ALA A 340 -19.93 -23.76 46.11
C ALA A 340 -18.68 -23.89 46.97
N THR A 341 -17.52 -23.45 46.46
CA THR A 341 -16.29 -23.49 47.24
C THR A 341 -16.17 -22.33 48.22
N VAL A 342 -17.08 -21.35 48.17
CA VAL A 342 -17.09 -20.22 49.08
C VAL A 342 -18.49 -20.09 49.68
N LYS A 343 -18.57 -19.28 50.74
CA LYS A 343 -19.83 -19.03 51.43
C LYS A 343 -20.29 -17.61 51.15
N MET A 344 -21.55 -17.46 50.77
CA MET A 344 -22.05 -16.17 50.31
C MET A 344 -22.13 -15.17 51.45
N GLU A 345 -22.73 -15.57 52.57
CA GLU A 345 -22.87 -14.66 53.70
C GLU A 345 -21.53 -14.27 54.29
N GLU A 346 -20.55 -15.17 54.22
CA GLU A 346 -19.22 -14.93 54.76
C GLU A 346 -18.23 -14.47 53.68
N LEU A 347 -18.73 -14.00 52.54
CA LEU A 347 -17.84 -13.58 51.47
C LEU A 347 -17.11 -12.29 51.81
N GLY A 348 -17.73 -11.41 52.61
CA GLY A 348 -17.10 -10.16 52.97
C GLY A 348 -15.88 -10.32 53.85
N HIS A 349 -15.68 -11.49 54.44
CA HIS A 349 -14.54 -11.71 55.31
C HIS A 349 -13.25 -11.94 54.55
N LEU A 350 -13.31 -12.21 53.25
CA LEU A 350 -12.12 -12.54 52.48
C LEU A 350 -11.31 -11.29 52.17
N THR A 351 -10.14 -11.50 51.56
CA THR A 351 -9.26 -10.40 51.23
C THR A 351 -9.88 -9.50 50.17
N THR A 352 -9.40 -8.26 50.11
CA THR A 352 -9.93 -7.30 49.15
C THR A 352 -9.77 -7.80 47.72
N GLU A 353 -8.60 -8.38 47.41
CA GLU A 353 -8.41 -8.93 46.07
C GLU A 353 -9.29 -10.14 45.84
N LYS A 354 -9.42 -11.01 46.84
CA LYS A 354 -10.30 -12.16 46.70
C LYS A 354 -11.77 -11.74 46.65
N GLN A 355 -12.10 -10.59 47.25
CA GLN A 355 -13.46 -10.09 47.15
C GLN A 355 -13.78 -9.68 45.72
N GLU A 356 -12.90 -8.89 45.10
CA GLU A 356 -13.14 -8.47 43.72
C GLU A 356 -13.06 -9.65 42.77
N TYR A 357 -12.15 -10.59 43.01
CA TYR A 357 -12.02 -11.74 42.13
C TYR A 357 -13.23 -12.66 42.22
N ALA A 358 -13.83 -12.79 43.41
CA ALA A 358 -15.01 -13.64 43.54
C ALA A 358 -16.23 -13.02 42.87
N LEU A 359 -16.31 -11.70 42.83
CA LEU A 359 -17.46 -11.04 42.23
C LEU A 359 -17.39 -11.02 40.70
N ARG A 360 -16.17 -11.08 40.14
CA ARG A 360 -16.06 -11.23 38.69
C ARG A 360 -16.62 -12.59 38.25
N LEU A 361 -16.37 -13.63 39.04
CA LEU A 361 -16.93 -14.94 38.74
C LEU A 361 -18.42 -15.01 39.05
N ALA A 362 -18.92 -14.17 39.96
CA ALA A 362 -20.34 -14.14 40.24
C ALA A 362 -21.13 -13.67 39.04
N THR A 363 -20.60 -12.70 38.28
CA THR A 363 -21.29 -12.23 37.09
C THR A 363 -21.02 -13.16 35.90
N VAL A 364 -19.80 -13.66 35.78
CA VAL A 364 -19.48 -14.54 34.66
C VAL A 364 -20.09 -15.92 34.86
N GLY A 365 -20.12 -16.40 36.09
CA GLY A 365 -20.68 -17.72 36.35
C GLY A 365 -22.16 -17.79 36.05
N TYR A 366 -22.92 -16.79 36.52
CA TYR A 366 -24.37 -16.71 36.31
C TYR A 366 -24.67 -15.41 35.57
N PRO A 367 -24.41 -15.36 34.25
CA PRO A 367 -24.75 -14.14 33.52
C PRO A 367 -26.24 -13.90 33.44
N LYS A 368 -27.02 -14.95 33.18
CA LYS A 368 -28.47 -14.84 33.13
C LYS A 368 -29.02 -14.58 34.53
N ALA A 369 -29.70 -13.45 34.69
CA ALA A 369 -30.28 -13.12 35.98
C ALA A 369 -31.45 -14.04 36.27
N GLY A 370 -31.43 -14.69 37.43
CA GLY A 370 -32.47 -15.59 37.86
C GLY A 370 -32.03 -17.02 38.07
N VAL A 371 -30.90 -17.43 37.50
CA VAL A 371 -30.44 -18.80 37.70
C VAL A 371 -30.05 -19.02 39.15
N TYR A 372 -29.52 -18.00 39.82
CA TYR A 372 -29.19 -18.10 41.24
C TYR A 372 -29.36 -16.72 41.84
N SER A 373 -30.39 -16.55 42.67
CA SER A 373 -30.63 -15.28 43.35
C SER A 373 -29.79 -15.12 44.61
N GLY A 374 -29.20 -16.20 45.12
CA GLY A 374 -28.39 -16.13 46.32
C GLY A 374 -27.09 -15.37 46.16
N LEU A 375 -26.72 -15.02 44.93
CA LEU A 375 -25.52 -14.21 44.74
C LEU A 375 -25.67 -12.82 45.35
N ILE A 376 -26.88 -12.40 45.69
CA ILE A 376 -27.07 -11.12 46.34
C ILE A 376 -26.46 -11.14 47.74
N GLY A 377 -26.53 -12.30 48.42
CA GLY A 377 -25.93 -12.42 49.73
C GLY A 377 -24.43 -12.16 49.74
N GLY A 378 -23.75 -12.56 48.67
CA GLY A 378 -22.33 -12.27 48.57
C GLY A 378 -22.06 -10.79 48.33
N ALA A 379 -22.80 -10.18 47.42
CA ALA A 379 -22.64 -8.75 47.17
C ALA A 379 -23.07 -7.92 48.37
N THR A 380 -24.08 -8.39 49.11
CA THR A 380 -24.49 -7.68 50.32
C THR A 380 -23.46 -7.82 51.42
N SER A 381 -22.83 -9.00 51.51
CA SER A 381 -21.78 -9.20 52.50
C SER A 381 -20.58 -8.30 52.22
N VAL A 382 -20.23 -8.12 50.94
CA VAL A 382 -19.12 -7.23 50.59
C VAL A 382 -19.44 -5.81 51.01
N LEU A 383 -20.66 -5.35 50.74
CA LEU A 383 -21.05 -4.00 51.14
C LEU A 383 -21.17 -3.88 52.65
N LEU A 384 -21.69 -4.92 53.30
CA LEU A 384 -21.80 -4.89 54.76
C LEU A 384 -20.43 -4.93 55.42
N SER A 385 -19.54 -5.80 54.93
CA SER A 385 -18.19 -5.84 55.48
C SER A 385 -17.41 -4.58 55.16
N ALA A 386 -17.81 -3.83 54.14
CA ALA A 386 -17.12 -2.59 53.81
C ALA A 386 -17.63 -1.42 54.64
N TYR A 387 -18.89 -1.48 55.09
CA TYR A 387 -19.44 -0.38 55.88
C TYR A 387 -18.81 -0.33 57.26
N ASN A 388 -18.60 -1.49 57.88
CA ASN A 388 -18.03 -1.51 59.23
C ASN A 388 -16.57 -1.06 59.24
N ARG A 389 -15.86 -1.24 58.12
CA ARG A 389 -14.46 -0.86 58.04
C ARG A 389 -14.25 0.48 57.35
N HIS A 390 -15.33 1.20 57.01
CA HIS A 390 -15.23 2.47 56.31
C HIS A 390 -15.41 3.62 57.29
N PRO A 391 -14.56 4.65 57.24
CA PRO A 391 -14.83 5.85 58.04
C PRO A 391 -16.16 6.47 57.64
N LEU A 392 -16.97 6.81 58.65
CA LEU A 392 -18.34 7.21 58.41
C LEU A 392 -18.41 8.51 57.60
N PHE A 393 -19.37 8.56 56.68
CA PHE A 393 -19.68 9.74 55.87
C PHE A 393 -18.56 10.12 54.90
N GLN A 394 -17.49 9.33 54.83
CA GLN A 394 -16.40 9.69 53.94
C GLN A 394 -16.61 9.07 52.57
N PRO A 395 -16.18 9.75 51.51
CA PRO A 395 -16.29 9.18 50.16
C PRO A 395 -15.48 7.90 50.02
N LEU A 396 -15.86 7.09 49.03
CA LEU A 396 -15.28 5.76 48.88
C LEU A 396 -13.93 5.83 48.17
N HIS A 397 -13.24 4.71 48.18
CA HIS A 397 -11.91 4.57 47.58
C HIS A 397 -12.03 3.96 46.19
N THR A 398 -11.18 4.43 45.27
CA THR A 398 -11.00 3.80 43.97
C THR A 398 -11.03 2.28 44.07
N VAL A 399 -10.32 1.72 45.05
CA VAL A 399 -10.35 0.27 45.26
C VAL A 399 -11.71 -0.16 45.79
N MET A 400 -12.20 0.51 46.84
CA MET A 400 -13.48 0.13 47.41
C MET A 400 -14.63 0.38 46.44
N ARG A 401 -14.58 1.50 45.70
CA ARG A 401 -15.60 1.77 44.70
C ARG A 401 -15.58 0.71 43.61
N GLU A 402 -14.38 0.30 43.18
CA GLU A 402 -14.28 -0.80 42.22
C GLU A 402 -14.77 -2.10 42.82
N THR A 403 -14.53 -2.31 44.12
CA THR A 403 -14.95 -3.55 44.76
C THR A 403 -16.48 -3.63 44.83
N LEU A 404 -17.14 -2.52 45.14
CA LEU A 404 -18.60 -2.52 45.24
C LEU A 404 -19.27 -2.42 43.88
N PHE A 405 -18.64 -1.74 42.92
CA PHE A 405 -19.19 -1.69 41.57
C PHE A 405 -19.10 -3.05 40.89
N ILE A 406 -18.01 -3.78 41.13
CA ILE A 406 -17.81 -5.07 40.49
C ILE A 406 -18.79 -6.12 40.98
N GLY A 407 -19.51 -5.85 42.06
CA GLY A 407 -20.52 -6.76 42.54
C GLY A 407 -21.91 -6.16 42.51
N SER A 408 -22.00 -4.87 42.19
CA SER A 408 -23.31 -4.22 42.11
C SER A 408 -24.12 -4.71 40.92
N HIS A 409 -23.48 -5.33 39.93
CA HIS A 409 -24.21 -5.79 38.77
C HIS A 409 -25.14 -6.95 39.11
N VAL A 410 -24.72 -7.84 40.01
CA VAL A 410 -25.61 -8.91 40.44
C VAL A 410 -26.79 -8.36 41.23
N VAL A 411 -26.68 -7.15 41.75
CA VAL A 411 -27.82 -6.50 42.40
C VAL A 411 -28.72 -5.85 41.35
N LEU A 412 -28.12 -5.18 40.37
CA LEU A 412 -28.92 -4.53 39.33
C LEU A 412 -29.68 -5.55 38.49
N ARG A 413 -29.04 -6.67 38.16
CA ARG A 413 -29.71 -7.68 37.33
C ARG A 413 -30.90 -8.29 38.05
N GLU A 414 -30.80 -8.45 39.37
CA GLU A 414 -31.93 -8.97 40.13
C GLU A 414 -33.02 -7.92 40.31
N LEU A 415 -32.66 -6.63 40.27
CA LEU A 415 -33.67 -5.59 40.33
C LEU A 415 -34.50 -5.52 39.05
N ARG A 416 -33.96 -5.99 37.93
CA ARG A 416 -34.71 -6.01 36.67
C ARG A 416 -35.76 -7.12 36.64
N LEU A 417 -35.70 -8.07 37.57
CA LEU A 417 -36.71 -9.11 37.63
C LEU A 417 -38.03 -8.56 38.17
N ASN A 418 -39.13 -9.06 37.61
CA ASN A 418 -40.46 -8.64 38.09
C ASN A 418 -40.64 -9.02 39.56
N VAL A 419 -40.47 -10.29 39.88
CA VAL A 419 -40.57 -10.80 41.23
C VAL A 419 -39.23 -11.41 41.62
N THR A 420 -38.79 -11.16 42.85
CA THR A 420 -37.52 -11.67 43.34
C THR A 420 -37.73 -12.37 44.66
N THR A 421 -36.94 -13.43 44.88
CA THR A 421 -37.01 -14.18 46.12
C THR A 421 -36.07 -13.64 47.19
N GLN A 422 -35.02 -12.93 46.80
CA GLN A 422 -34.06 -12.38 47.77
C GLN A 422 -34.47 -10.97 48.17
N GLY A 423 -35.68 -10.88 48.73
CA GLY A 423 -36.25 -9.63 49.16
C GLY A 423 -35.47 -8.94 50.25
N PRO A 424 -35.33 -9.58 51.42
CA PRO A 424 -34.64 -8.93 52.54
C PRO A 424 -33.23 -8.50 52.22
N ASN A 425 -32.44 -9.33 51.53
CA ASN A 425 -31.08 -8.93 51.22
C ASN A 425 -31.02 -7.79 50.22
N LEU A 426 -32.06 -7.64 49.39
CA LEU A 426 -32.12 -6.47 48.50
C LEU A 426 -32.45 -5.21 49.28
N ALA A 427 -33.27 -5.32 50.33
CA ALA A 427 -33.54 -4.18 51.19
C ALA A 427 -32.37 -3.88 52.11
N LEU A 428 -31.61 -4.91 52.51
CA LEU A 428 -30.41 -4.69 53.29
C LEU A 428 -29.33 -4.03 52.45
N TYR A 429 -29.24 -4.38 51.17
CA TYR A 429 -28.27 -3.75 50.29
C TYR A 429 -28.65 -2.30 49.99
N GLN A 430 -29.94 -2.05 49.74
CA GLN A 430 -30.38 -0.69 49.46
C GLN A 430 -30.31 0.19 50.70
N LEU A 431 -30.42 -0.40 51.89
CA LEU A 431 -30.31 0.39 53.11
C LEU A 431 -28.88 0.85 53.35
N LEU A 432 -27.90 -0.04 53.12
CA LEU A 432 -26.51 0.33 53.31
C LEU A 432 -26.07 1.38 52.29
N SER A 433 -26.49 1.20 51.03
CA SER A 433 -26.17 2.20 50.02
C SER A 433 -26.84 3.54 50.33
N THR A 434 -28.01 3.50 50.97
CA THR A 434 -28.65 4.74 51.40
C THR A 434 -27.87 5.40 52.53
N ALA A 435 -27.41 4.60 53.49
CA ALA A 435 -26.59 5.15 54.57
C ALA A 435 -25.22 5.60 54.09
N LEU A 436 -24.77 5.12 52.93
CA LEU A 436 -23.47 5.51 52.38
C LEU A 436 -23.54 6.80 51.59
N CYS A 437 -24.71 7.20 51.12
CA CYS A 437 -24.86 8.41 50.31
C CYS A 437 -24.88 9.61 51.23
N SER A 438 -23.68 10.08 51.58
CA SER A 438 -23.52 11.24 52.42
C SER A 438 -23.40 12.50 51.56
N ALA A 439 -23.35 13.66 52.23
CA ALA A 439 -23.16 14.91 51.50
C ALA A 439 -21.78 14.99 50.88
N LEU A 440 -20.77 14.42 51.54
CA LEU A 440 -19.44 14.37 50.94
C LEU A 440 -19.38 13.41 49.76
N GLU A 441 -20.23 12.38 49.77
CA GLU A 441 -20.23 11.42 48.67
C GLU A 441 -20.69 12.07 47.38
N ILE A 442 -21.85 12.73 47.39
CA ILE A 442 -22.32 13.45 46.20
C ILE A 442 -21.55 14.74 45.97
N GLY A 443 -20.59 15.07 46.81
CA GLY A 443 -19.70 16.18 46.54
C GLY A 443 -18.49 15.74 45.73
N GLU A 444 -17.90 14.61 46.12
CA GLU A 444 -16.76 14.09 45.36
C GLU A 444 -17.20 13.56 44.01
N VAL A 445 -18.37 12.93 43.95
CA VAL A 445 -18.88 12.41 42.69
C VAL A 445 -19.18 13.56 41.73
N LEU A 446 -19.85 14.60 42.22
CA LEU A 446 -20.08 15.77 41.38
C LEU A 446 -18.77 16.41 40.95
N ARG A 447 -17.77 16.41 41.82
CA ARG A 447 -16.44 16.83 41.40
C ARG A 447 -15.83 15.81 40.45
N GLY A 448 -16.02 14.53 40.73
CA GLY A 448 -15.54 13.47 39.86
C GLY A 448 -16.33 13.31 38.58
N LEU A 449 -17.49 13.95 38.46
CA LEU A 449 -18.27 13.93 37.23
C LEU A 449 -17.77 14.93 36.19
N ALA A 450 -16.59 15.50 36.40
CA ALA A 450 -15.91 16.31 35.40
C ALA A 450 -14.48 15.87 35.15
N LEU A 451 -13.77 15.44 36.18
CA LEU A 451 -12.35 15.09 36.08
C LEU A 451 -12.09 13.63 36.38
N GLY A 452 -12.62 13.11 37.48
CA GLY A 452 -12.29 11.75 37.89
C GLY A 452 -12.77 10.72 36.88
N THR A 453 -11.96 9.67 36.70
CA THR A 453 -12.31 8.61 35.78
C THR A 453 -13.22 7.56 36.44
N GLU A 454 -12.94 7.22 37.70
CA GLU A 454 -13.70 6.20 38.40
C GLU A 454 -14.91 6.77 39.14
N SER A 455 -14.85 8.04 39.53
CA SER A 455 -15.87 8.60 40.40
C SER A 455 -17.26 8.51 39.78
N GLY A 456 -17.40 9.00 38.55
CA GLY A 456 -18.70 9.00 37.90
C GLY A 456 -19.21 7.63 37.50
N LEU A 457 -18.37 6.60 37.56
CA LEU A 457 -18.79 5.28 37.10
C LEU A 457 -19.77 4.63 38.08
N PHE A 458 -19.49 4.74 39.38
CA PHE A 458 -20.31 4.06 40.37
C PHE A 458 -20.38 4.89 41.64
N SER A 459 -21.53 4.78 42.33
CA SER A 459 -21.74 5.39 43.63
C SER A 459 -22.91 4.68 44.29
N PRO A 460 -22.86 4.46 45.61
CA PRO A 460 -24.00 3.83 46.29
C PRO A 460 -25.25 4.70 46.30
N CYS A 461 -25.16 5.97 45.89
CA CYS A 461 -26.35 6.80 45.77
C CYS A 461 -27.27 6.29 44.69
N TYR A 462 -26.72 5.66 43.65
CA TYR A 462 -27.54 5.11 42.58
C TYR A 462 -28.42 3.98 43.07
N LEU A 463 -27.94 3.18 44.02
CA LEU A 463 -28.72 2.12 44.63
C LEU A 463 -29.36 2.56 45.94
N SER A 464 -29.25 3.84 46.30
CA SER A 464 -29.78 4.32 47.56
C SER A 464 -31.30 4.42 47.49
N LEU A 465 -31.90 4.84 48.60
CA LEU A 465 -33.34 5.05 48.70
C LEU A 465 -33.67 6.49 49.04
N ARG A 466 -32.79 7.42 48.68
CA ARG A 466 -33.05 8.84 48.90
C ARG A 466 -33.88 9.40 47.76
N PHE A 467 -34.81 10.29 48.11
CA PHE A 467 -35.68 10.91 47.11
C PHE A 467 -35.72 12.43 47.23
N ASP A 468 -34.80 13.02 48.00
CA ASP A 468 -34.70 14.47 48.12
C ASP A 468 -33.56 15.04 47.29
N LEU A 469 -33.15 14.35 46.24
CA LEU A 469 -32.01 14.77 45.42
C LEU A 469 -32.48 15.60 44.22
N THR A 470 -33.15 16.70 44.52
CA THR A 470 -33.61 17.59 43.47
C THR A 470 -32.43 18.36 42.87
N ARG A 471 -32.67 19.00 41.72
CA ARG A 471 -31.63 19.80 41.10
C ARG A 471 -31.24 20.98 41.97
N ASP A 472 -32.18 21.49 42.77
CA ASP A 472 -31.88 22.63 43.63
C ASP A 472 -31.01 22.22 44.81
N LYS A 473 -31.32 21.07 45.43
CA LYS A 473 -30.54 20.62 46.57
C LYS A 473 -29.19 20.04 46.16
N LEU A 474 -29.12 19.41 44.99
CA LEU A 474 -27.83 18.90 44.50
C LEU A 474 -26.88 20.04 44.15
N LEU A 475 -27.40 21.19 43.76
CA LEU A 475 -26.55 22.33 43.49
C LEU A 475 -25.98 22.97 44.76
N SER A 476 -26.50 22.61 45.93
CA SER A 476 -26.04 23.18 47.19
C SER A 476 -24.87 22.39 47.79
N MET A 477 -24.26 21.50 47.02
CA MET A 477 -23.11 20.72 47.46
C MET A 477 -22.06 20.63 46.35
N ALA A 478 -21.79 21.77 45.73
CA ALA A 478 -20.78 21.85 44.69
C ALA A 478 -19.38 21.59 45.25
N PRO A 479 -18.41 21.28 44.39
CA PRO A 479 -17.05 21.03 44.90
C PRO A 479 -16.31 22.29 45.34
N GLN A 480 -16.57 23.43 44.70
CA GLN A 480 -15.80 24.64 44.94
C GLN A 480 -16.72 25.85 44.73
N GLU A 481 -16.11 27.02 44.50
CA GLU A 481 -16.84 28.28 44.33
C GLU A 481 -17.78 28.24 43.13
N ALA A 482 -17.81 27.11 42.42
CA ALA A 482 -18.68 26.85 41.27
C ALA A 482 -18.25 27.65 40.04
N THR A 483 -17.26 28.52 40.20
CA THR A 483 -16.68 29.23 39.06
C THR A 483 -15.58 28.43 38.37
N LEU A 484 -14.96 27.50 39.09
CA LEU A 484 -13.96 26.60 38.49
C LEU A 484 -14.68 25.70 37.49
N ASP A 485 -14.50 26.00 36.21
CA ASP A 485 -15.19 25.29 35.12
C ASP A 485 -16.70 25.24 35.40
N GLN A 486 -17.29 26.44 35.40
CA GLN A 486 -18.68 26.60 35.83
C GLN A 486 -19.64 25.75 35.00
N ALA A 487 -19.41 25.66 33.69
CA ALA A 487 -20.31 24.90 32.83
C ALA A 487 -20.42 23.44 33.25
N ALA A 488 -19.33 22.86 33.76
CA ALA A 488 -19.34 21.46 34.16
C ALA A 488 -20.16 21.22 35.43
N VAL A 489 -20.38 22.27 36.24
CA VAL A 489 -21.14 22.09 37.47
C VAL A 489 -22.60 21.81 37.17
N SER A 490 -23.22 22.65 36.34
CA SER A 490 -24.63 22.45 36.02
C SER A 490 -24.84 21.21 35.16
N ASN A 491 -23.86 20.86 34.33
CA ASN A 491 -23.99 19.65 33.51
C ASN A 491 -23.84 18.40 34.35
N ALA A 492 -23.04 18.45 35.42
CA ALA A 492 -22.88 17.28 36.26
C ALA A 492 -24.12 17.04 37.12
N VAL A 493 -24.72 18.12 37.63
CA VAL A 493 -25.94 17.98 38.43
C VAL A 493 -27.09 17.49 37.56
N ASP A 494 -27.22 18.05 36.35
CA ASP A 494 -28.25 17.57 35.43
C ASP A 494 -27.97 16.15 34.95
N GLY A 495 -26.73 15.67 35.08
CA GLY A 495 -26.38 14.33 34.67
C GLY A 495 -26.55 13.31 35.78
N PHE A 496 -26.40 13.75 37.03
CA PHE A 496 -26.60 12.84 38.16
C PHE A 496 -28.01 12.26 38.15
N LEU A 497 -29.01 13.10 37.88
CA LEU A 497 -30.37 12.59 37.67
C LEU A 497 -30.45 11.76 36.40
N GLY A 498 -29.60 12.04 35.42
CA GLY A 498 -29.54 11.19 34.24
C GLY A 498 -29.08 9.79 34.57
N ARG A 499 -28.16 9.66 35.52
CA ARG A 499 -27.75 8.35 36.05
C ARG A 499 -28.67 7.88 37.16
N LEU A 500 -29.91 8.41 37.21
CA LEU A 500 -30.96 7.82 38.02
C LEU A 500 -31.94 7.02 37.18
N SER A 501 -31.45 6.45 36.07
CA SER A 501 -32.22 5.55 35.23
C SER A 501 -32.21 4.12 35.74
N LEU A 502 -31.88 3.93 37.01
CA LEU A 502 -32.00 2.63 37.65
C LEU A 502 -33.47 2.30 37.82
N GLU A 503 -33.94 1.32 37.04
CA GLU A 503 -35.35 0.97 36.91
C GLU A 503 -36.14 2.03 36.16
N ARG A 504 -35.55 2.54 35.08
CA ARG A 504 -36.28 3.19 34.00
C ARG A 504 -36.41 2.15 32.89
N GLU A 505 -37.64 1.83 32.52
CA GLU A 505 -37.94 0.54 31.90
C GLU A 505 -38.36 0.68 30.44
N ASP A 506 -38.35 -0.47 29.77
CA ASP A 506 -39.06 -0.68 28.50
C ASP A 506 -40.02 -1.87 28.63
N ARG A 507 -40.36 -2.25 29.87
CA ARG A 507 -41.27 -3.35 30.14
C ARG A 507 -42.28 -3.04 31.25
N ASP A 508 -42.14 -1.92 31.97
CA ASP A 508 -43.02 -1.53 33.07
C ASP A 508 -42.99 -2.56 34.21
N ALA A 509 -41.82 -2.63 34.87
CA ALA A 509 -41.67 -3.63 35.93
C ALA A 509 -40.97 -3.14 37.21
N TRP A 510 -40.91 -1.83 37.47
CA TRP A 510 -40.33 -1.39 38.75
C TRP A 510 -41.42 -1.33 39.83
N HIS A 511 -41.84 -2.53 40.23
CA HIS A 511 -42.73 -2.64 41.37
C HIS A 511 -41.99 -3.39 42.46
N LEU A 512 -40.75 -2.96 42.73
CA LEU A 512 -39.81 -3.62 43.63
C LEU A 512 -39.16 -2.62 44.60
N PRO A 513 -39.92 -1.85 45.39
CA PRO A 513 -39.21 -1.10 46.42
C PRO A 513 -39.61 -1.55 47.83
N CYS A 517 -47.12 1.10 49.57
CA CYS A 517 -48.50 1.23 50.00
C CYS A 517 -48.87 2.67 50.41
N VAL A 518 -48.20 3.66 49.82
CA VAL A 518 -48.46 5.05 50.16
C VAL A 518 -49.28 5.69 49.05
N ASP A 519 -49.99 6.75 49.42
CA ASP A 519 -50.80 7.53 48.48
C ASP A 519 -50.15 8.87 48.15
N ARG A 520 -48.91 9.09 48.59
CA ARG A 520 -48.16 10.31 48.33
C ARG A 520 -46.85 9.89 47.67
N LEU A 521 -46.86 9.79 46.35
CA LEU A 521 -45.74 9.20 45.62
C LEU A 521 -44.60 10.20 45.45
N ASP A 522 -44.86 11.33 44.80
CA ASP A 522 -43.81 12.27 44.44
C ASP A 522 -43.44 13.24 45.56
N LYS A 523 -43.74 12.89 46.81
CA LYS A 523 -43.34 13.71 47.95
C LYS A 523 -42.61 12.90 49.01
N VAL A 524 -42.17 11.68 48.68
CA VAL A 524 -41.37 10.89 49.60
C VAL A 524 -39.98 11.50 49.70
N LEU A 525 -39.44 11.53 50.92
CA LEU A 525 -38.10 12.04 51.15
C LEU A 525 -37.06 10.95 51.34
N MET A 526 -37.47 9.79 51.83
CA MET A 526 -36.55 8.69 52.08
C MET A 526 -37.35 7.46 52.51
N ILE A 527 -36.81 6.28 52.20
CA ILE A 527 -37.31 5.01 52.73
C ILE A 527 -36.17 4.32 53.46
N ILE A 528 -36.46 3.80 54.65
CA ILE A 528 -35.46 3.19 55.53
C ILE A 528 -36.00 1.84 56.01
N PRO A 529 -35.67 0.73 55.32
CA PRO A 529 -36.16 -0.59 55.77
C PRO A 529 -35.27 -1.27 56.78
N LEU A 530 -35.76 -1.40 58.02
CA LEU A 530 -35.11 -2.16 59.08
C LEU A 530 -35.68 -3.57 59.15
N ILE A 531 -35.48 -4.24 60.27
CA ILE A 531 -36.08 -5.56 60.47
C ILE A 531 -37.50 -5.37 60.97
N ASN A 532 -38.46 -5.94 60.25
CA ASN A 532 -39.86 -6.03 60.69
C ASN A 532 -40.53 -4.68 60.81
N VAL A 533 -39.90 -3.63 60.31
CA VAL A 533 -40.52 -2.33 60.10
C VAL A 533 -39.71 -1.69 58.99
N THR A 534 -40.40 -0.98 58.11
CA THR A 534 -39.77 -0.10 57.13
C THR A 534 -40.35 1.29 57.32
N PHE A 535 -39.47 2.27 57.50
CA PHE A 535 -39.92 3.63 57.71
C PHE A 535 -39.94 4.36 56.38
N ILE A 536 -41.03 5.10 56.16
CA ILE A 536 -41.22 5.94 55.00
C ILE A 536 -41.22 7.37 55.50
N ILE A 537 -40.13 8.08 55.22
CA ILE A 537 -40.04 9.50 55.48
C ILE A 537 -40.69 10.22 54.30
N SER A 538 -41.59 11.15 54.61
CA SER A 538 -42.34 11.85 53.59
C SER A 538 -42.56 13.28 54.05
N SER A 539 -43.13 14.08 53.16
CA SER A 539 -43.44 15.47 53.44
C SER A 539 -44.94 15.72 53.53
N ASP A 540 -45.74 14.67 53.76
CA ASP A 540 -47.18 14.83 53.88
C ASP A 540 -47.71 13.76 54.82
N ARG A 541 -49.00 13.88 55.13
CA ARG A 541 -49.64 13.00 56.09
C ARG A 541 -50.10 11.69 55.47
N GLU A 542 -50.54 11.71 54.22
CA GLU A 542 -51.15 10.52 53.63
C GLU A 542 -50.15 9.41 53.36
N VAL A 543 -49.87 8.60 54.38
CA VAL A 543 -49.10 7.37 54.25
C VAL A 543 -49.76 6.32 55.12
N ARG A 544 -50.25 5.23 54.52
CA ARG A 544 -51.00 4.22 55.26
C ARG A 544 -50.01 3.41 56.10
N GLY A 545 -49.64 3.98 57.24
CA GLY A 545 -48.72 3.35 58.16
C GLY A 545 -49.38 3.05 59.49
N SER A 546 -48.66 2.28 60.31
CA SER A 546 -49.14 1.92 61.63
C SER A 546 -48.95 3.02 62.67
N ALA A 547 -48.36 4.16 62.28
CA ALA A 547 -48.19 5.32 63.15
C ALA A 547 -47.95 6.53 62.26
N LEU A 548 -47.67 7.67 62.89
CA LEU A 548 -47.33 8.88 62.13
C LEU A 548 -46.63 9.86 63.06
N TYR A 549 -45.39 10.21 62.73
CA TYR A 549 -44.61 11.16 63.51
C TYR A 549 -44.32 12.40 62.66
N GLU A 550 -44.21 13.54 63.34
CA GLU A 550 -43.91 14.81 62.69
C GLU A 550 -42.85 15.54 63.49
N ALA A 551 -41.73 15.85 62.85
CA ALA A 551 -40.65 16.58 63.50
C ALA A 551 -40.74 18.07 63.18
N SER A 552 -40.01 18.87 63.96
CA SER A 552 -39.95 20.32 63.77
C SER A 552 -39.38 20.62 62.40
N THR A 553 -40.17 21.19 61.48
CA THR A 553 -39.78 21.06 60.08
C THR A 553 -38.75 22.07 59.60
N THR A 554 -39.13 23.30 59.23
CA THR A 554 -38.06 24.28 59.02
C THR A 554 -38.27 25.64 59.68
N TYR A 555 -38.90 26.55 58.94
CA TYR A 555 -39.70 27.68 59.40
C TYR A 555 -40.70 28.00 58.29
N LEU A 556 -40.29 27.68 57.07
CA LEU A 556 -41.08 27.87 55.86
C LEU A 556 -41.74 26.53 55.54
N SER A 557 -42.98 26.59 55.06
CA SER A 557 -43.81 25.40 55.12
C SER A 557 -43.28 24.30 54.22
N SER A 558 -42.57 23.35 54.83
CA SER A 558 -42.20 22.08 54.20
C SER A 558 -42.09 21.07 55.34
N SER A 559 -43.19 20.38 55.62
CA SER A 559 -43.26 19.52 56.78
C SER A 559 -42.49 18.23 56.55
N LEU A 560 -41.97 17.67 57.64
CA LEU A 560 -41.12 16.48 57.59
C LEU A 560 -41.78 15.39 58.44
N PHE A 561 -42.44 14.45 57.79
CA PHE A 561 -43.10 13.34 58.45
C PHE A 561 -42.29 12.06 58.27
N LEU A 562 -42.62 11.07 59.08
CA LEU A 562 -42.08 9.72 58.90
C LEU A 562 -42.98 8.75 59.65
N SER A 563 -43.32 7.63 59.00
CA SER A 563 -44.26 6.69 59.56
C SER A 563 -43.86 5.25 59.26
N PRO A 564 -44.00 4.35 60.22
CA PRO A 564 -43.62 2.95 60.01
C PRO A 564 -44.78 2.11 59.50
N VAL A 565 -44.43 0.95 58.95
CA VAL A 565 -45.37 -0.09 58.58
C VAL A 565 -44.89 -1.39 59.22
N ILE A 566 -45.61 -1.85 60.23
CA ILE A 566 -45.15 -3.00 61.01
C ILE A 566 -45.21 -4.25 60.15
N MET A 567 -44.09 -4.97 60.09
CA MET A 567 -43.99 -6.26 59.41
C MET A 567 -44.38 -6.17 57.93
N ASN A 568 -44.18 -4.99 57.34
CA ASN A 568 -44.53 -4.75 55.94
C ASN A 568 -45.99 -5.08 55.65
N LYS A 569 -46.86 -4.70 56.59
CA LYS A 569 -48.30 -4.94 56.48
C LYS A 569 -49.00 -3.63 56.81
N CYS A 570 -49.42 -2.92 55.77
CA CYS A 570 -50.01 -1.59 55.95
C CYS A 570 -51.45 -1.68 56.43
N SER A 571 -51.86 -0.67 57.19
CA SER A 571 -53.20 -0.64 57.76
C SER A 571 -54.25 -0.40 56.67
N GLN A 572 -55.51 -0.49 57.08
CA GLN A 572 -56.63 -0.33 56.15
C GLN A 572 -56.98 1.12 55.90
N GLY A 573 -56.56 2.05 56.76
CA GLY A 573 -56.87 3.45 56.57
C GLY A 573 -55.79 4.32 57.18
N ALA A 574 -55.85 5.60 56.82
CA ALA A 574 -54.90 6.58 57.34
C ALA A 574 -55.24 6.94 58.79
N VAL A 575 -54.32 7.68 59.43
CA VAL A 575 -54.52 8.07 60.82
C VAL A 575 -55.61 9.14 60.90
N ALA A 576 -56.21 9.25 62.10
CA ALA A 576 -57.32 10.16 62.33
C ALA A 576 -56.92 11.40 63.11
N GLY A 577 -56.32 11.23 64.29
CA GLY A 577 -55.96 12.35 65.14
C GLY A 577 -54.67 13.02 64.72
N GLU A 578 -54.24 13.95 65.55
CA GLU A 578 -52.98 14.64 65.31
C GLU A 578 -51.83 13.64 65.36
N PRO A 579 -50.89 13.70 64.42
CA PRO A 579 -49.74 12.79 64.47
C PRO A 579 -48.90 13.04 65.71
N ARG A 580 -48.36 11.95 66.26
CA ARG A 580 -47.62 12.04 67.52
C ARG A 580 -46.33 12.84 67.34
N GLN A 581 -45.98 13.60 68.37
CA GLN A 581 -44.73 14.34 68.37
C GLN A 581 -43.58 13.44 68.77
N ILE A 582 -42.43 13.64 68.14
CA ILE A 582 -41.25 12.84 68.48
C ILE A 582 -40.70 13.31 69.84
N PRO A 583 -40.52 12.42 70.80
CA PRO A 583 -40.06 12.84 72.13
C PRO A 583 -38.55 12.97 72.20
N LYS A 584 -38.11 13.87 73.07
CA LYS A 584 -36.68 14.07 73.33
C LYS A 584 -36.26 13.22 74.52
N ILE A 585 -35.10 12.58 74.39
CA ILE A 585 -34.53 11.76 75.47
C ILE A 585 -33.10 12.24 75.72
N GLN A 586 -32.74 12.36 77.00
CA GLN A 586 -31.40 12.77 77.39
C GLN A 586 -30.66 11.73 78.22
N ASN A 587 -31.35 10.70 78.72
CA ASN A 587 -30.75 9.70 79.61
C ASN A 587 -30.15 8.56 78.77
N PHE A 588 -28.92 8.78 78.31
CA PHE A 588 -28.17 7.77 77.59
C PHE A 588 -26.69 7.92 77.95
N THR A 589 -26.04 6.81 78.28
CA THR A 589 -24.62 6.83 78.58
C THR A 589 -23.82 6.91 77.28
N ARG A 590 -23.03 7.97 77.13
CA ARG A 590 -22.21 8.11 75.93
C ARG A 590 -21.22 6.96 75.80
N THR A 591 -20.73 6.44 76.92
CA THR A 591 -19.84 5.28 76.93
C THR A 591 -20.67 4.04 77.18
N GLN A 592 -20.83 3.20 76.16
CA GLN A 592 -21.65 2.01 76.24
C GLN A 592 -20.77 0.76 76.28
N LYS A 593 -21.37 -0.33 76.74
CA LYS A 593 -20.69 -1.62 76.85
C LYS A 593 -21.29 -2.68 75.94
N SER A 594 -22.46 -2.43 75.35
CA SER A 594 -23.11 -3.39 74.48
C SER A 594 -23.81 -2.64 73.35
N CYS A 595 -24.02 -3.35 72.24
CA CYS A 595 -24.68 -2.75 71.08
C CYS A 595 -26.18 -2.93 71.17
N ILE A 596 -26.78 -2.30 72.18
CA ILE A 596 -28.23 -2.26 72.29
C ILE A 596 -28.86 -1.39 71.22
N PHE A 597 -28.05 -0.59 70.52
CA PHE A 597 -28.50 0.20 69.39
C PHE A 597 -28.36 -0.52 68.06
N CYS A 598 -27.81 -1.74 68.07
CA CYS A 598 -27.68 -2.50 66.84
C CYS A 598 -29.05 -2.74 66.22
N GLY A 599 -29.10 -2.68 64.89
CA GLY A 599 -30.34 -2.83 64.16
C GLY A 599 -31.15 -1.56 64.02
N PHE A 600 -30.87 -0.54 64.81
CA PHE A 600 -31.57 0.74 64.72
C PHE A 600 -31.03 1.55 63.55
N ALA A 601 -31.64 2.72 63.32
CA ALA A 601 -31.21 3.63 62.28
C ALA A 601 -31.12 5.04 62.87
N LEU A 602 -29.92 5.60 62.87
CA LEU A 602 -29.67 6.93 63.41
C LEU A 602 -29.58 7.93 62.27
N LEU A 603 -30.49 8.89 62.25
CA LEU A 603 -30.60 9.85 61.16
C LEU A 603 -30.55 11.26 61.72
N SER A 604 -29.72 12.11 61.13
CA SER A 604 -29.65 13.51 61.47
C SER A 604 -30.15 14.35 60.31
N TYR A 605 -30.98 15.34 60.61
CA TYR A 605 -31.52 16.22 59.59
C TYR A 605 -31.40 17.66 60.04
N ASP A 606 -31.20 18.55 59.06
CA ASP A 606 -31.12 19.97 59.33
C ASP A 606 -32.49 20.61 59.14
N GLU A 607 -32.62 21.85 59.62
CA GLU A 607 -33.87 22.58 59.52
C GLU A 607 -33.94 23.51 58.32
N LYS A 608 -32.87 23.66 57.56
CA LYS A 608 -32.90 24.55 56.39
C LYS A 608 -32.66 23.79 55.09
N GLU A 609 -31.59 23.01 55.00
CA GLU A 609 -31.31 22.21 53.81
C GLU A 609 -31.88 20.81 53.89
N GLY A 610 -32.93 20.60 54.70
CA GLY A 610 -33.57 19.31 54.74
C GLY A 610 -32.74 18.27 55.48
N LEU A 611 -32.73 17.06 54.93
CA LEU A 611 -32.01 15.96 55.54
C LEU A 611 -30.50 16.14 55.37
N GLU A 612 -29.74 15.50 56.27
CA GLU A 612 -28.29 15.55 56.21
C GLU A 612 -27.64 14.19 56.03
N THR A 613 -27.97 13.21 56.88
CA THR A 613 -27.24 11.96 56.94
C THR A 613 -28.20 10.80 57.18
N THR A 614 -27.62 9.60 57.21
CA THR A 614 -28.31 8.38 57.61
C THR A 614 -27.24 7.37 58.01
N THR A 615 -27.36 6.82 59.20
CA THR A 615 -26.33 5.94 59.75
C THR A 615 -26.98 4.66 60.26
N TYR A 616 -26.73 3.56 59.57
CA TYR A 616 -27.26 2.27 59.99
C TYR A 616 -26.30 1.66 61.02
N ILE A 617 -26.83 1.35 62.20
CA ILE A 617 -26.03 0.77 63.27
C ILE A 617 -25.87 -0.72 63.00
N THR A 618 -24.67 -1.14 62.61
CA THR A 618 -24.44 -2.53 62.21
C THR A 618 -23.75 -3.37 63.27
N SER A 619 -22.75 -2.82 63.95
CA SER A 619 -21.98 -3.58 64.93
C SER A 619 -21.57 -2.64 66.06
N GLN A 620 -20.68 -3.12 66.92
CA GLN A 620 -20.19 -2.30 68.04
C GLN A 620 -19.16 -1.28 67.57
N GLU A 621 -18.32 -1.65 66.60
CA GLU A 621 -17.31 -0.72 66.10
C GLU A 621 -17.95 0.50 65.45
N VAL A 622 -19.15 0.34 64.88
CA VAL A 622 -19.85 1.48 64.30
C VAL A 622 -20.43 2.37 65.39
N GLN A 623 -21.05 1.78 66.41
CA GLN A 623 -21.62 2.57 67.49
C GLN A 623 -20.53 3.32 68.26
N ASN A 624 -19.35 2.71 68.41
CA ASN A 624 -18.26 3.36 69.13
C ASN A 624 -17.82 4.63 68.41
N SER A 625 -17.74 4.59 67.08
CA SER A 625 -17.39 5.77 66.30
C SER A 625 -18.56 6.73 66.11
N ILE A 626 -19.69 6.46 66.73
CA ILE A 626 -20.82 7.37 66.74
C ILE A 626 -20.88 8.16 68.04
N LEU A 627 -20.80 7.47 69.17
CA LEU A 627 -20.90 8.12 70.48
C LEU A 627 -19.59 8.79 70.86
N SER A 628 -18.48 8.05 70.79
CA SER A 628 -17.19 8.59 71.20
C SER A 628 -16.65 9.66 70.27
N SER A 629 -17.24 9.81 69.08
CA SER A 629 -16.83 10.86 68.15
C SER A 629 -17.60 12.14 68.43
N ASN A 630 -17.33 13.18 67.64
CA ASN A 630 -18.05 14.45 67.75
C ASN A 630 -19.24 14.52 66.82
N TYR A 631 -19.87 13.37 66.51
CA TYR A 631 -21.04 13.36 65.64
C TYR A 631 -22.16 14.22 66.21
N PHE A 632 -22.51 13.99 67.47
CA PHE A 632 -23.60 14.73 68.10
C PHE A 632 -23.15 16.16 68.39
N ASP A 633 -23.79 17.13 67.76
CA ASP A 633 -23.53 18.55 67.98
C ASP A 633 -24.84 19.20 68.41
N PHE A 634 -25.01 19.40 69.71
CA PHE A 634 -26.24 19.96 70.25
C PHE A 634 -26.21 21.46 70.39
N ASP A 635 -25.04 22.10 70.30
CA ASP A 635 -24.99 23.55 70.33
C ASP A 635 -25.77 24.17 69.18
N ASN A 636 -25.70 23.55 68.00
CA ASN A 636 -26.53 23.95 66.87
C ASN A 636 -27.92 23.38 67.11
N LEU A 637 -28.83 24.24 67.58
CA LEU A 637 -30.16 23.78 67.99
C LEU A 637 -30.98 23.27 66.80
N HIS A 638 -30.70 23.78 65.60
CA HIS A 638 -31.45 23.41 64.40
C HIS A 638 -30.87 22.19 63.69
N VAL A 639 -30.06 21.40 64.38
CA VAL A 639 -29.54 20.14 63.84
C VAL A 639 -30.00 19.04 64.79
N HIS A 640 -31.13 18.42 64.45
CA HIS A 640 -31.72 17.38 65.29
C HIS A 640 -31.20 16.01 64.87
N TYR A 641 -31.34 15.05 65.79
CA TYR A 641 -30.89 13.68 65.58
C TYR A 641 -32.06 12.76 65.91
N LEU A 642 -32.68 12.19 64.88
CA LEU A 642 -33.82 11.29 65.05
C LEU A 642 -33.34 9.85 64.95
N LEU A 643 -33.65 9.06 65.97
CA LEU A 643 -33.28 7.65 66.03
C LEU A 643 -34.52 6.80 65.75
N LEU A 644 -34.37 5.83 64.85
CA LEU A 644 -35.46 4.94 64.46
C LEU A 644 -35.19 3.55 65.00
N THR A 645 -36.15 3.01 65.76
CA THR A 645 -35.99 1.73 66.40
C THR A 645 -36.64 0.61 65.58
N THR A 646 -36.39 -0.63 66.00
CA THR A 646 -36.99 -1.78 65.35
C THR A 646 -38.41 -2.05 65.83
N ASN A 647 -38.82 -1.46 66.95
CA ASN A 647 -40.19 -1.60 67.45
C ASN A 647 -41.15 -0.66 66.74
N GLY A 648 -40.71 0.06 65.71
CA GLY A 648 -41.49 1.11 65.11
C GLY A 648 -41.46 2.42 65.86
N THR A 649 -40.79 2.47 67.01
CA THR A 649 -40.68 3.70 67.78
C THR A 649 -39.63 4.63 67.17
N VAL A 650 -39.85 5.93 67.32
CA VAL A 650 -38.95 6.96 66.81
C VAL A 650 -38.62 7.91 67.95
N MET A 651 -37.33 8.09 68.20
CA MET A 651 -36.85 8.93 69.30
C MET A 651 -35.94 10.02 68.75
N GLU A 652 -35.63 10.99 69.60
CA GLU A 652 -34.75 12.09 69.26
C GLU A 652 -33.72 12.24 70.37
N ILE A 653 -32.45 11.95 70.06
CA ILE A 653 -31.39 12.07 71.04
C ILE A 653 -31.04 13.53 71.23
N ALA A 654 -31.14 14.01 72.47
CA ALA A 654 -30.90 15.41 72.79
C ALA A 654 -29.69 15.62 73.69
N GLY A 655 -29.17 14.58 74.33
CA GLY A 655 -28.03 14.74 75.20
C GLY A 655 -27.41 13.41 75.54
N LEU A 656 -26.16 13.46 75.96
CA LEU A 656 -25.40 12.28 76.36
C LEU A 656 -24.58 12.59 77.59
N TYR A 657 -24.28 11.54 78.36
CA TYR A 657 -23.49 11.68 79.57
C TYR A 657 -22.17 10.92 79.48
N PRO B 1 -1.04 -4.25 -24.91
CA PRO B 1 -1.05 -4.42 -26.37
C PRO B 1 -0.69 -5.85 -26.79
N CYS B 2 -0.12 -6.62 -25.87
CA CYS B 2 0.19 -8.02 -26.15
C CYS B 2 -1.08 -8.79 -26.52
N CYS B 3 -2.15 -8.58 -25.77
CA CYS B 3 -3.46 -9.13 -26.09
C CYS B 3 -4.50 -8.09 -25.70
N HIS B 4 -5.76 -8.52 -25.65
CA HIS B 4 -6.86 -7.60 -25.36
C HIS B 4 -7.91 -8.30 -24.51
N VAL B 5 -8.35 -7.63 -23.46
CA VAL B 5 -9.47 -8.10 -22.64
C VAL B 5 -10.76 -7.73 -23.36
N THR B 6 -11.51 -8.73 -23.81
CA THR B 6 -12.68 -8.51 -24.64
C THR B 6 -13.96 -8.62 -23.81
N GLN B 7 -15.03 -8.04 -24.34
CA GLN B 7 -16.35 -8.26 -23.78
C GLN B 7 -16.76 -9.70 -23.97
N LEU B 8 -17.34 -10.29 -22.93
CA LEU B 8 -17.73 -11.70 -22.97
C LEU B 8 -18.80 -11.94 -24.01
N ALA B 9 -18.45 -12.58 -25.13
CA ALA B 9 -19.45 -12.99 -26.10
C ALA B 9 -20.39 -14.00 -25.46
N ALA B 10 -21.68 -13.88 -25.79
CA ALA B 10 -22.70 -14.63 -25.06
C ALA B 10 -22.51 -16.13 -25.17
N GLN B 11 -21.92 -16.61 -26.26
CA GLN B 11 -21.81 -18.05 -26.50
C GLN B 11 -20.46 -18.63 -26.09
N HIS B 12 -19.56 -17.82 -25.53
CA HIS B 12 -18.27 -18.32 -25.09
C HIS B 12 -18.36 -18.75 -23.62
N LEU B 13 -17.83 -19.93 -23.34
CA LEU B 13 -17.87 -20.51 -22.00
C LEU B 13 -16.46 -20.70 -21.46
N LEU B 14 -16.34 -20.67 -20.13
CA LEU B 14 -15.07 -20.88 -19.43
C LEU B 14 -15.32 -21.65 -18.15
N ALA B 15 -14.62 -22.77 -17.98
CA ALA B 15 -14.72 -23.61 -16.81
C ALA B 15 -13.34 -24.00 -16.33
N LEU B 16 -13.11 -23.90 -15.01
CA LEU B 16 -11.79 -24.18 -14.47
C LEU B 16 -11.36 -25.62 -14.64
N GLU B 17 -12.24 -26.50 -15.12
CA GLU B 17 -11.87 -27.91 -15.31
C GLU B 17 -10.94 -28.07 -16.51
N ASN B 18 -11.34 -27.54 -17.67
CA ASN B 18 -10.58 -27.77 -18.90
C ASN B 18 -9.41 -26.80 -19.10
N ILE B 19 -9.10 -25.94 -18.13
CA ILE B 19 -8.07 -24.93 -18.31
C ILE B 19 -6.76 -25.42 -17.69
N SER B 20 -5.66 -25.20 -18.40
CA SER B 20 -4.35 -25.51 -17.85
C SER B 20 -3.32 -24.63 -18.55
N ASP B 21 -2.15 -24.50 -17.92
CA ASP B 21 -1.04 -23.73 -18.47
C ASP B 21 -1.42 -22.26 -18.68
N ILE B 22 -1.66 -21.58 -17.56
CA ILE B 22 -2.00 -20.15 -17.58
C ILE B 22 -0.72 -19.33 -17.63
N TYR B 23 -0.72 -18.30 -18.49
CA TYR B 23 0.46 -17.47 -18.74
C TYR B 23 0.26 -16.08 -18.15
N LEU B 24 1.09 -15.73 -17.18
CA LEU B 24 1.16 -14.37 -16.65
C LEU B 24 2.34 -13.63 -17.27
N VAL B 25 2.17 -12.32 -17.45
CA VAL B 25 3.15 -11.51 -18.16
C VAL B 25 3.58 -10.35 -17.26
N SER B 26 4.84 -9.97 -17.38
CA SER B 26 5.39 -8.84 -16.64
C SER B 26 4.90 -7.53 -17.25
N ASN B 27 5.16 -6.42 -16.53
CA ASN B 27 4.70 -5.12 -17.02
C ASN B 27 5.54 -4.65 -18.19
N GLN B 28 6.87 -4.66 -18.04
CA GLN B 28 7.76 -4.21 -19.10
C GLN B 28 7.47 -4.85 -20.45
N THR B 29 6.81 -6.02 -20.47
CA THR B 29 6.56 -6.69 -21.73
C THR B 29 5.38 -6.10 -22.50
N CYS B 30 4.37 -5.59 -21.81
CA CYS B 30 3.11 -5.17 -22.44
C CYS B 30 2.71 -3.77 -21.98
N ASP B 31 3.67 -2.84 -22.03
CA ASP B 31 3.41 -1.41 -21.82
C ASP B 31 2.85 -1.11 -20.43
N GLY B 32 3.01 -2.04 -19.48
CA GLY B 32 2.46 -1.88 -18.15
C GLY B 32 1.14 -2.57 -17.91
N PHE B 33 0.67 -3.38 -18.86
CA PHE B 33 -0.59 -4.08 -18.72
C PHE B 33 -0.38 -5.40 -18.00
N SER B 34 -1.41 -5.82 -17.26
CA SER B 34 -1.45 -7.13 -16.62
C SER B 34 -2.37 -8.01 -17.47
N LEU B 35 -1.78 -8.79 -18.35
CA LEU B 35 -2.51 -9.61 -19.30
C LEU B 35 -2.22 -11.08 -19.02
N ALA B 36 -3.28 -11.88 -18.88
CA ALA B 36 -3.18 -13.29 -18.63
C ALA B 36 -3.93 -14.04 -19.71
N SER B 37 -3.28 -15.05 -20.30
CA SER B 37 -3.88 -15.87 -21.34
C SER B 37 -4.18 -17.25 -20.79
N LEU B 38 -5.42 -17.71 -20.98
CA LEU B 38 -5.88 -18.99 -20.48
C LEU B 38 -5.85 -20.02 -21.60
N ASN B 39 -5.23 -21.16 -21.34
CA ASN B 39 -5.07 -22.21 -22.34
C ASN B 39 -5.62 -23.52 -21.78
N SER B 40 -5.50 -24.57 -22.58
CA SER B 40 -5.92 -25.91 -22.20
C SER B 40 -4.73 -26.86 -22.37
N PRO B 41 -4.81 -28.10 -21.87
CA PRO B 41 -3.77 -29.07 -22.19
C PRO B 41 -3.73 -29.32 -23.70
N LYS B 42 -2.51 -29.46 -24.22
CA LYS B 42 -2.29 -29.61 -25.66
C LYS B 42 -2.87 -30.94 -26.11
N ASN B 43 -4.02 -30.89 -26.78
CA ASN B 43 -4.68 -32.09 -27.30
C ASN B 43 -4.34 -32.36 -28.77
N GLY B 44 -3.12 -32.00 -29.19
CA GLY B 44 -2.71 -32.22 -30.56
C GLY B 44 -3.26 -31.19 -31.53
N SER B 45 -3.77 -31.64 -32.66
CA SER B 45 -4.29 -30.77 -33.71
C SER B 45 -5.75 -31.15 -33.98
N ASN B 46 -6.67 -30.43 -33.33
CA ASN B 46 -8.09 -30.56 -33.56
C ASN B 46 -8.70 -29.20 -33.89
N GLN B 47 -7.96 -28.41 -34.68
CA GLN B 47 -8.31 -27.06 -35.13
C GLN B 47 -8.22 -26.03 -34.02
N LEU B 48 -8.10 -26.49 -32.78
CA LEU B 48 -8.43 -25.65 -31.64
C LEU B 48 -7.20 -24.96 -31.09
N VAL B 49 -7.31 -23.64 -30.93
CA VAL B 49 -6.40 -22.83 -30.13
C VAL B 49 -7.31 -22.02 -29.23
N ILE B 50 -7.38 -22.39 -27.95
CA ILE B 50 -8.35 -21.82 -27.03
C ILE B 50 -7.74 -20.68 -26.23
N SER B 51 -6.68 -20.06 -26.75
CA SER B 51 -6.02 -18.94 -26.08
C SER B 51 -7.04 -17.90 -25.66
N ARG B 52 -7.24 -17.77 -24.36
CA ARG B 52 -8.30 -16.96 -23.78
C ARG B 52 -7.64 -15.88 -22.93
N CYS B 53 -7.59 -14.67 -23.46
CA CYS B 53 -6.97 -13.57 -22.74
C CYS B 53 -7.92 -13.00 -21.69
N ALA B 54 -7.35 -12.62 -20.55
CA ALA B 54 -8.13 -12.25 -19.39
C ALA B 54 -7.40 -11.15 -18.63
N ASN B 55 -8.09 -10.57 -17.66
CA ASN B 55 -7.54 -9.48 -16.87
C ASN B 55 -6.53 -10.03 -15.86
N GLY B 56 -5.27 -9.64 -16.00
CA GLY B 56 -4.23 -10.23 -15.18
C GLY B 56 -4.34 -9.86 -13.71
N LEU B 57 -4.66 -8.59 -13.42
CA LEU B 57 -4.77 -8.15 -12.03
C LEU B 57 -5.81 -8.94 -11.27
N ASN B 58 -6.88 -9.37 -11.94
CA ASN B 58 -7.86 -10.22 -11.29
C ASN B 58 -7.38 -11.66 -11.18
N VAL B 59 -6.61 -12.14 -12.17
CA VAL B 59 -6.10 -13.50 -12.12
C VAL B 59 -5.01 -13.62 -11.06
N VAL B 60 -4.10 -12.64 -11.01
CA VAL B 60 -3.01 -12.68 -10.03
C VAL B 60 -3.58 -12.64 -8.61
N SER B 61 -4.54 -11.75 -8.37
CA SER B 61 -5.13 -11.66 -7.04
C SER B 61 -5.90 -12.92 -6.68
N PHE B 62 -6.41 -13.64 -7.68
CA PHE B 62 -7.10 -14.89 -7.41
C PHE B 62 -6.13 -15.97 -6.92
N PHE B 63 -4.99 -16.12 -7.60
CA PHE B 63 -4.00 -17.11 -7.18
C PHE B 63 -3.25 -16.70 -5.92
N ILE B 64 -3.21 -15.40 -5.60
CA ILE B 64 -2.66 -14.98 -4.31
C ILE B 64 -3.65 -15.30 -3.20
N SER B 65 -4.94 -15.04 -3.44
CA SER B 65 -5.97 -15.33 -2.44
C SER B 65 -6.27 -16.82 -2.31
N ILE B 66 -5.82 -17.64 -3.26
CA ILE B 66 -6.01 -19.08 -3.16
C ILE B 66 -4.80 -19.80 -2.57
N LEU B 67 -3.66 -19.13 -2.50
CA LEU B 67 -2.49 -19.69 -1.81
C LEU B 67 -2.43 -19.24 -0.35
N LYS B 68 -2.89 -18.03 -0.06
CA LYS B 68 -2.89 -17.58 1.33
C LYS B 68 -3.94 -18.29 2.15
N ARG B 69 -5.10 -18.61 1.54
CA ARG B 69 -6.14 -19.33 2.26
C ARG B 69 -5.75 -20.78 2.54
N SER B 70 -4.70 -21.28 1.92
CA SER B 70 -4.21 -22.64 2.13
C SER B 70 -2.72 -22.62 2.43
N SER B 71 -2.32 -21.76 3.37
CA SER B 71 -0.90 -21.60 3.69
C SER B 71 -0.35 -22.76 4.51
N SER B 72 -1.22 -23.55 5.13
CA SER B 72 -0.75 -24.66 5.96
C SER B 72 -0.08 -25.75 5.10
N ALA B 73 -0.65 -26.03 3.93
CA ALA B 73 -0.10 -27.01 3.00
C ALA B 73 0.73 -26.35 1.90
N LEU B 74 1.34 -25.20 2.19
CA LEU B 74 2.15 -24.48 1.22
C LEU B 74 3.57 -25.01 1.27
N THR B 75 3.97 -25.73 0.22
CA THR B 75 5.30 -26.31 0.15
C THR B 75 6.33 -25.26 -0.30
N GLY B 76 7.59 -25.67 -0.41
CA GLY B 76 8.62 -24.76 -0.87
C GLY B 76 8.39 -24.29 -2.29
N HIS B 77 7.88 -25.17 -3.14
CA HIS B 77 7.57 -24.77 -4.51
C HIS B 77 6.47 -23.72 -4.56
N LEU B 78 5.50 -23.80 -3.64
CA LEU B 78 4.42 -22.84 -3.60
C LEU B 78 4.73 -21.64 -2.72
N ARG B 79 5.65 -21.79 -1.75
CA ARG B 79 6.07 -20.64 -0.97
C ARG B 79 6.78 -19.61 -1.85
N GLU B 80 7.64 -20.09 -2.74
CA GLU B 80 8.26 -19.18 -3.71
C GLU B 80 7.23 -18.62 -4.68
N LEU B 81 6.23 -19.44 -5.05
CA LEU B 81 5.20 -18.98 -5.97
C LEU B 81 4.38 -17.85 -5.36
N LEU B 82 4.01 -17.98 -4.09
CA LEU B 82 3.23 -16.94 -3.44
C LEU B 82 4.02 -15.65 -3.32
N THR B 83 5.33 -15.74 -3.07
CA THR B 83 6.13 -14.53 -2.94
C THR B 83 6.35 -13.85 -4.28
N THR B 84 6.49 -14.64 -5.36
CA THR B 84 6.69 -14.05 -6.67
C THR B 84 5.41 -13.40 -7.19
N LEU B 85 4.25 -13.98 -6.87
CA LEU B 85 3.00 -13.35 -7.28
C LEU B 85 2.72 -12.09 -6.49
N GLU B 86 3.15 -12.03 -5.23
CA GLU B 86 2.98 -10.81 -4.46
C GLU B 86 3.81 -9.68 -5.06
N THR B 87 5.10 -9.95 -5.34
CA THR B 87 5.95 -8.90 -5.88
C THR B 87 5.52 -8.51 -7.28
N LEU B 88 4.97 -9.45 -8.06
CA LEU B 88 4.49 -9.10 -9.39
C LEU B 88 3.20 -8.29 -9.33
N TYR B 89 2.36 -8.57 -8.33
CA TYR B 89 1.11 -7.84 -8.20
C TYR B 89 1.33 -6.40 -7.76
N GLY B 90 2.34 -6.15 -6.93
CA GLY B 90 2.62 -4.81 -6.46
C GLY B 90 3.47 -3.98 -7.40
N SER B 91 4.15 -4.61 -8.34
CA SER B 91 5.00 -3.91 -9.29
C SER B 91 4.24 -3.51 -10.55
N PHE B 92 2.92 -3.37 -10.47
CA PHE B 92 2.10 -3.05 -11.63
C PHE B 92 1.58 -1.63 -11.56
N SER B 93 0.98 -1.20 -12.67
CA SER B 93 0.44 0.15 -12.83
C SER B 93 -1.06 0.11 -12.60
N VAL B 94 -1.44 0.01 -11.32
CA VAL B 94 -2.86 -0.05 -10.97
C VAL B 94 -3.55 1.27 -11.32
N GLU B 95 -2.91 2.39 -10.97
CA GLU B 95 -3.47 3.71 -11.17
C GLU B 95 -3.04 4.33 -12.49
N ASP B 96 -1.88 3.93 -13.02
CA ASP B 96 -1.25 4.62 -14.13
C ASP B 96 -2.00 4.50 -15.45
N LEU B 97 -3.05 3.66 -15.51
CA LEU B 97 -3.83 3.57 -16.75
C LEU B 97 -4.66 4.83 -16.95
N PHE B 98 -4.50 5.45 -18.11
CA PHE B 98 -5.22 6.68 -18.43
C PHE B 98 -6.72 6.42 -18.61
N LYS C 1 -27.28 -6.84 71.90
CA LYS C 1 -27.86 -7.28 70.64
C LYS C 1 -26.78 -7.69 69.65
N PRO C 2 -27.05 -8.71 68.85
CA PRO C 2 -26.04 -9.17 67.89
C PRO C 2 -25.82 -8.16 66.77
N ASN C 3 -24.60 -8.17 66.23
CA ASN C 3 -24.26 -7.29 65.13
C ASN C 3 -25.02 -7.71 63.87
N VAL C 4 -25.13 -6.76 62.94
CA VAL C 4 -25.89 -6.99 61.72
C VAL C 4 -25.15 -7.96 60.82
N GLU C 5 -25.84 -9.02 60.40
CA GLU C 5 -25.28 -10.01 59.49
C GLU C 5 -26.24 -10.22 58.32
N VAL C 6 -25.69 -10.75 57.23
CA VAL C 6 -26.46 -10.94 56.01
C VAL C 6 -27.48 -12.04 56.19
N TRP C 7 -28.66 -11.85 55.61
CA TRP C 7 -29.70 -12.87 55.69
C TRP C 7 -29.23 -14.15 55.01
N PRO C 8 -29.57 -15.31 55.55
CA PRO C 8 -29.15 -16.57 54.92
C PRO C 8 -29.80 -16.76 53.56
N VAL C 9 -29.04 -17.35 52.63
CA VAL C 9 -29.50 -17.61 51.28
C VAL C 9 -29.46 -19.11 51.02
N ASP C 10 -30.09 -19.52 49.94
CA ASP C 10 -30.09 -20.92 49.57
C ASP C 10 -28.78 -21.31 48.89
N PRO C 11 -28.36 -22.56 49.00
CA PRO C 11 -27.13 -23.02 48.35
C PRO C 11 -27.25 -22.91 46.84
N PRO C 12 -26.12 -22.82 46.13
CA PRO C 12 -26.17 -22.68 44.67
C PRO C 12 -26.76 -23.93 44.02
N PRO C 13 -27.60 -23.76 43.01
CA PRO C 13 -28.14 -24.92 42.28
C PRO C 13 -27.03 -25.62 41.52
N PRO C 14 -27.01 -26.96 41.52
CA PRO C 14 -25.96 -27.69 40.79
C PRO C 14 -26.11 -27.54 39.29
N VAL C 15 -25.19 -26.82 38.67
CA VAL C 15 -25.21 -26.64 37.22
C VAL C 15 -24.71 -27.90 36.54
N ASN C 16 -25.12 -28.09 35.28
CA ASN C 16 -24.75 -29.27 34.53
C ASN C 16 -23.26 -29.35 34.26
N PHE C 17 -22.58 -30.30 34.91
CA PHE C 17 -21.19 -30.61 34.58
C PHE C 17 -21.06 -31.50 33.35
N ASN C 18 -22.17 -31.83 32.69
CA ASN C 18 -22.19 -32.94 31.75
C ASN C 18 -23.00 -32.63 30.50
N LYS C 19 -23.03 -31.37 30.07
CA LYS C 19 -23.91 -30.99 28.97
C LYS C 19 -23.31 -31.43 27.63
N THR C 20 -23.93 -31.00 26.53
CA THR C 20 -23.61 -31.49 25.20
C THR C 20 -22.71 -30.58 24.39
N ALA C 21 -22.64 -29.29 24.75
CA ALA C 21 -21.83 -28.28 24.07
C ALA C 21 -22.43 -27.94 22.71
N GLU C 22 -23.46 -28.67 22.31
CA GLU C 22 -24.23 -28.36 21.12
C GLU C 22 -25.54 -27.65 21.45
N GLN C 23 -26.05 -27.86 22.66
CA GLN C 23 -27.27 -27.21 23.11
C GLN C 23 -27.01 -25.92 23.87
N GLU C 24 -25.80 -25.74 24.42
CA GLU C 24 -25.45 -24.47 25.05
C GLU C 24 -25.29 -23.36 24.02
N TYR C 25 -25.08 -23.70 22.75
CA TYR C 25 -24.99 -22.73 21.66
C TYR C 25 -26.10 -22.90 20.64
N GLY C 26 -26.26 -24.11 20.09
CA GLY C 26 -27.24 -24.36 19.05
C GLY C 26 -26.57 -24.82 17.76
N ASP C 27 -27.20 -24.48 16.64
CA ASP C 27 -26.64 -24.80 15.35
C ASP C 27 -25.35 -24.01 15.12
N LYS C 28 -24.38 -24.65 14.48
CA LYS C 28 -23.08 -24.02 14.26
C LYS C 28 -23.15 -22.89 13.23
N GLU C 29 -24.21 -22.84 12.42
CA GLU C 29 -24.34 -21.81 11.40
C GLU C 29 -24.92 -20.53 12.01
N VAL C 30 -24.68 -19.43 11.30
CA VAL C 30 -25.18 -18.12 11.72
C VAL C 30 -25.20 -17.22 10.50
N LYS C 31 -26.09 -16.22 10.53
CA LYS C 31 -26.22 -15.25 9.45
C LYS C 31 -26.17 -13.84 10.03
N LEU C 32 -25.31 -13.01 9.46
CA LEU C 32 -25.16 -11.64 9.92
C LEU C 32 -26.34 -10.80 9.46
N PRO C 33 -27.07 -10.13 10.37
CA PRO C 33 -28.20 -9.27 10.00
C PRO C 33 -27.77 -7.94 9.39
N GLU D 1 25.12 -9.19 -37.50
CA GLU D 1 25.96 -10.07 -36.70
C GLU D 1 25.36 -10.30 -35.32
N VAL D 2 25.39 -11.55 -34.86
CA VAL D 2 24.86 -11.92 -33.56
C VAL D 2 25.95 -12.56 -32.73
N GLN D 3 27.19 -12.12 -32.94
CA GLN D 3 28.32 -12.70 -32.23
C GLN D 3 28.20 -12.47 -30.73
N LEU D 4 28.38 -13.55 -29.97
CA LEU D 4 28.33 -13.53 -28.50
C LEU D 4 29.57 -14.26 -28.02
N VAL D 5 30.68 -13.54 -27.90
CA VAL D 5 31.97 -14.13 -27.59
C VAL D 5 32.54 -13.46 -26.35
N GLU D 6 33.06 -14.26 -25.42
CA GLU D 6 33.61 -13.74 -24.18
C GLU D 6 35.05 -13.27 -24.37
N SER D 7 35.43 -12.25 -23.63
CA SER D 7 36.84 -11.86 -23.58
C SER D 7 37.67 -12.92 -22.86
N GLY D 8 37.25 -13.29 -21.65
CA GLY D 8 37.83 -14.43 -20.96
C GLY D 8 39.10 -14.10 -20.20
N GLY D 9 39.60 -15.13 -19.51
CA GLY D 9 40.84 -15.01 -18.77
C GLY D 9 41.64 -16.30 -18.88
N GLY D 10 42.95 -16.17 -18.71
CA GLY D 10 43.86 -17.28 -18.81
C GLY D 10 43.85 -18.17 -17.59
N LEU D 11 45.01 -18.76 -17.29
CA LEU D 11 45.14 -19.61 -16.12
C LEU D 11 45.23 -18.78 -14.85
N VAL D 12 45.03 -19.44 -13.71
CA VAL D 12 45.05 -18.74 -12.43
C VAL D 12 45.51 -19.71 -11.35
N LYS D 13 46.29 -19.19 -10.41
CA LYS D 13 46.67 -19.93 -9.23
C LYS D 13 45.40 -20.42 -8.52
N PRO D 14 45.47 -21.56 -7.80
CA PRO D 14 44.33 -21.95 -6.95
C PRO D 14 43.77 -20.74 -6.21
N GLY D 15 44.52 -20.13 -5.31
CA GLY D 15 44.01 -18.95 -4.64
C GLY D 15 44.11 -17.68 -5.44
N GLY D 16 43.25 -17.52 -6.47
CA GLY D 16 43.33 -16.36 -7.34
C GLY D 16 41.95 -15.86 -7.74
N SER D 17 41.95 -14.69 -8.38
CA SER D 17 40.74 -14.02 -8.82
C SER D 17 40.74 -13.87 -10.33
N LEU D 18 39.55 -13.85 -10.92
CA LEU D 18 39.41 -13.68 -12.36
C LEU D 18 38.02 -13.16 -12.65
N ARG D 19 37.92 -12.30 -13.67
CA ARG D 19 36.66 -11.64 -14.04
C ARG D 19 36.38 -11.94 -15.51
N LEU D 20 35.64 -13.01 -15.76
CA LEU D 20 35.28 -13.37 -17.13
C LEU D 20 34.22 -12.40 -17.64
N SER D 21 34.55 -11.66 -18.70
CA SER D 21 33.67 -10.66 -19.29
C SER D 21 33.13 -11.19 -20.61
N CYS D 22 31.84 -11.49 -20.63
CA CYS D 22 31.18 -12.01 -21.83
C CYS D 22 30.62 -10.84 -22.63
N ALA D 23 31.28 -10.49 -23.72
CA ALA D 23 30.86 -9.38 -24.57
C ALA D 23 29.88 -9.89 -25.62
N ALA D 24 28.71 -9.27 -25.69
CA ALA D 24 27.66 -9.68 -26.61
C ALA D 24 27.23 -8.49 -27.46
N SER D 25 26.92 -8.74 -28.73
CA SER D 25 26.59 -7.68 -29.65
C SER D 25 25.54 -8.17 -30.65
N GLY D 26 24.94 -7.21 -31.36
CA GLY D 26 23.91 -7.49 -32.35
C GLY D 26 22.48 -7.40 -31.84
N PHE D 27 22.08 -8.35 -30.99
CA PHE D 27 20.71 -8.38 -30.50
C PHE D 27 20.47 -7.27 -29.49
N THR D 28 19.25 -7.22 -28.97
CA THR D 28 18.92 -6.31 -27.87
C THR D 28 19.33 -6.96 -26.56
N PHE D 29 20.23 -6.30 -25.83
CA PHE D 29 20.78 -6.89 -24.62
C PHE D 29 19.82 -6.78 -23.44
N SER D 30 19.00 -5.74 -23.41
CA SER D 30 18.12 -5.51 -22.27
C SER D 30 16.87 -6.39 -22.30
N THR D 31 16.56 -7.00 -23.45
CA THR D 31 15.34 -7.77 -23.56
C THR D 31 15.50 -9.20 -23.05
N TYR D 32 16.68 -9.79 -23.23
CA TYR D 32 16.94 -11.15 -22.81
C TYR D 32 17.64 -11.17 -21.46
N ALA D 33 17.78 -12.37 -20.91
CA ALA D 33 18.58 -12.61 -19.72
C ALA D 33 19.81 -13.43 -20.10
N MET D 34 20.87 -13.28 -19.32
CA MET D 34 22.14 -13.92 -19.61
C MET D 34 22.39 -15.09 -18.66
N ASP D 35 23.31 -15.96 -19.06
CA ASP D 35 23.64 -17.15 -18.29
C ASP D 35 25.13 -17.44 -18.44
N TRP D 36 25.60 -18.39 -17.65
CA TRP D 36 26.94 -18.94 -17.79
C TRP D 36 26.84 -20.46 -17.68
N VAL D 37 27.47 -21.17 -18.62
CA VAL D 37 27.51 -22.62 -18.63
C VAL D 37 28.97 -23.04 -18.83
N ARG D 38 29.45 -23.92 -17.94
CA ARG D 38 30.84 -24.36 -18.00
C ARG D 38 30.91 -25.85 -18.30
N GLN D 39 31.98 -26.25 -18.97
CA GLN D 39 32.16 -27.63 -19.41
C GLN D 39 33.52 -28.12 -18.97
N ALA D 40 33.54 -29.16 -18.13
CA ALA D 40 34.79 -29.81 -17.78
C ALA D 40 35.44 -30.40 -19.03
N PRO D 41 36.76 -30.50 -19.07
CA PRO D 41 37.42 -30.96 -20.31
C PRO D 41 36.98 -32.35 -20.76
N GLY D 42 36.62 -33.24 -19.83
CA GLY D 42 36.22 -34.57 -20.26
C GLY D 42 34.86 -34.67 -20.94
N LYS D 43 33.78 -34.58 -20.15
CA LYS D 43 32.44 -34.60 -20.71
C LYS D 43 31.45 -33.68 -20.00
N GLY D 44 31.84 -33.04 -18.91
CA GLY D 44 30.86 -32.36 -18.07
C GLY D 44 30.24 -31.16 -18.75
N LEU D 45 29.01 -30.85 -18.35
CA LEU D 45 28.32 -29.63 -18.79
C LEU D 45 27.50 -29.12 -17.59
N GLU D 46 28.11 -28.27 -16.79
CA GLU D 46 27.47 -27.74 -15.59
C GLU D 46 26.97 -26.31 -15.81
N TRP D 47 26.05 -25.90 -14.95
CA TRP D 47 25.42 -24.59 -15.05
C TRP D 47 25.97 -23.67 -13.98
N VAL D 48 26.01 -22.38 -14.31
CA VAL D 48 26.61 -21.34 -13.47
C VAL D 48 25.59 -20.22 -13.30
N SER D 49 26.02 -19.08 -12.78
CA SER D 49 25.16 -17.96 -12.39
C SER D 49 24.12 -17.58 -13.44
N LEU D 50 23.03 -16.97 -12.98
CA LEU D 50 21.89 -16.61 -13.83
C LEU D 50 21.56 -15.15 -13.54
N ILE D 51 22.16 -14.22 -14.28
CA ILE D 51 21.79 -12.82 -14.16
C ILE D 51 20.59 -12.55 -15.05
N SER D 52 19.57 -11.89 -14.50
CA SER D 52 18.33 -11.67 -15.24
C SER D 52 18.42 -10.37 -16.03
N SER D 53 17.31 -9.97 -16.64
CA SER D 53 17.25 -8.70 -17.34
C SER D 53 17.21 -7.54 -16.35
N ARG D 54 17.99 -6.50 -16.62
CA ARG D 54 18.09 -5.31 -15.79
C ARG D 54 18.57 -5.63 -14.37
N SER D 55 19.17 -6.81 -14.17
CA SER D 55 19.72 -7.25 -12.88
C SER D 55 18.67 -7.18 -11.77
N SER D 56 17.62 -7.98 -11.94
CA SER D 56 16.51 -8.03 -10.99
C SER D 56 16.50 -9.29 -10.13
N ASN D 57 16.83 -10.44 -10.71
CA ASN D 57 16.86 -11.69 -9.96
C ASN D 57 18.11 -12.47 -10.36
N ILE D 58 18.98 -12.73 -9.40
CA ILE D 58 20.23 -13.45 -9.63
C ILE D 58 20.11 -14.83 -9.00
N TYR D 59 20.37 -15.86 -9.80
CA TYR D 59 20.34 -17.24 -9.33
C TYR D 59 21.73 -17.85 -9.43
N TYR D 60 21.95 -18.90 -8.66
CA TYR D 60 23.19 -19.66 -8.70
C TYR D 60 22.88 -21.14 -8.60
N SER D 61 23.84 -21.95 -9.03
CA SER D 61 23.72 -23.39 -8.89
C SER D 61 24.14 -23.83 -7.49
N ASP D 62 23.94 -25.11 -7.20
CA ASP D 62 24.36 -25.66 -5.91
C ASP D 62 25.85 -26.00 -5.90
N SER D 63 26.37 -26.53 -7.00
CA SER D 63 27.77 -26.90 -7.06
C SER D 63 28.67 -25.67 -7.10
N VAL D 64 28.24 -24.61 -7.79
CA VAL D 64 28.98 -23.35 -7.74
C VAL D 64 28.93 -22.83 -6.31
N LYS D 65 30.04 -22.26 -5.86
CA LYS D 65 30.23 -22.00 -4.44
C LYS D 65 29.24 -20.99 -3.88
N GLY D 66 28.50 -20.30 -4.74
CA GLY D 66 27.66 -19.26 -4.14
C GLY D 66 28.52 -18.04 -3.93
N ASN D 67 29.84 -18.24 -3.81
CA ASN D 67 30.78 -17.09 -3.78
C ASN D 67 31.50 -17.00 -5.13
N PHE D 68 30.68 -16.79 -6.16
CA PHE D 68 31.03 -16.53 -7.57
C PHE D 68 30.13 -15.34 -7.86
N THR D 69 30.69 -14.15 -7.94
CA THR D 69 29.89 -12.93 -8.00
C THR D 69 29.71 -12.51 -9.45
N ILE D 70 28.47 -12.53 -9.93
CA ILE D 70 28.16 -12.13 -11.29
C ILE D 70 27.48 -10.77 -11.27
N SER D 71 27.66 -10.02 -12.35
CA SER D 71 27.05 -8.71 -12.49
C SER D 71 27.12 -8.29 -13.95
N ARG D 72 26.31 -7.29 -14.30
CA ARG D 72 26.31 -6.78 -15.67
C ARG D 72 25.60 -5.44 -15.68
N ASP D 73 25.79 -4.71 -16.78
CA ASP D 73 25.07 -3.47 -17.04
C ASP D 73 24.95 -3.29 -18.55
N ASN D 74 23.74 -2.98 -19.01
CA ASN D 74 23.41 -3.02 -20.43
C ASN D 74 23.89 -1.81 -21.20
N ALA D 75 24.32 -0.74 -20.52
CA ALA D 75 24.83 0.43 -21.21
C ALA D 75 26.03 0.07 -22.07
N LYS D 76 27.05 -0.54 -21.46
CA LYS D 76 28.16 -1.14 -22.18
C LYS D 76 27.86 -2.63 -22.31
N ASN D 77 27.52 -3.07 -23.52
CA ASN D 77 27.05 -4.43 -23.70
C ASN D 77 28.15 -5.43 -23.37
N SER D 78 28.01 -6.10 -22.23
CA SER D 78 28.99 -7.06 -21.74
C SER D 78 28.37 -7.83 -20.59
N LEU D 79 29.14 -8.75 -20.03
CA LEU D 79 28.64 -9.63 -18.96
C LEU D 79 29.84 -10.09 -18.15
N PHE D 80 30.04 -9.49 -16.98
CA PHE D 80 31.18 -9.80 -16.13
C PHE D 80 30.82 -10.95 -15.20
N LEU D 81 31.66 -11.98 -15.17
CA LEU D 81 31.54 -13.07 -14.22
C LEU D 81 32.77 -13.03 -13.32
N GLN D 82 32.67 -12.31 -12.20
CA GLN D 82 33.80 -12.15 -11.29
C GLN D 82 33.90 -13.38 -10.42
N MET D 83 34.94 -14.17 -10.61
CA MET D 83 35.21 -15.32 -9.76
C MET D 83 36.24 -14.92 -8.72
N ASN D 84 36.04 -15.38 -7.49
CA ASN D 84 37.01 -15.12 -6.44
C ASN D 84 37.27 -16.33 -5.59
N SER D 85 38.56 -16.48 -5.34
CA SER D 85 39.34 -17.50 -4.67
C SER D 85 39.51 -18.76 -5.49
N LEU D 86 38.49 -19.21 -6.22
CA LEU D 86 38.54 -20.43 -7.03
C LEU D 86 39.67 -21.40 -6.67
N ARG D 87 40.00 -21.62 -5.37
CA ARG D 87 41.11 -22.51 -5.04
C ARG D 87 40.82 -23.98 -5.34
N ALA D 88 39.55 -24.34 -5.50
CA ALA D 88 39.21 -25.62 -6.09
C ALA D 88 39.81 -25.74 -7.47
N GLU D 89 40.65 -26.76 -7.67
CA GLU D 89 41.14 -27.04 -9.02
C GLU D 89 40.11 -27.94 -9.68
N ASP D 90 38.97 -27.33 -9.99
CA ASP D 90 37.92 -27.93 -10.83
C ASP D 90 37.60 -26.92 -11.93
N THR D 91 38.40 -26.96 -13.00
CA THR D 91 38.29 -26.04 -14.11
C THR D 91 37.22 -26.52 -15.09
N ALA D 92 36.90 -25.64 -16.04
CA ALA D 92 35.94 -25.97 -17.08
C ALA D 92 36.07 -24.93 -18.17
N VAL D 93 35.38 -25.19 -19.27
CA VAL D 93 35.29 -24.26 -20.39
C VAL D 93 34.02 -23.44 -20.18
N TYR D 94 34.19 -22.21 -19.69
CA TYR D 94 33.06 -21.38 -19.31
C TYR D 94 32.44 -20.75 -20.56
N TYR D 95 31.36 -21.35 -21.05
CA TYR D 95 30.62 -20.77 -22.15
C TYR D 95 29.69 -19.67 -21.64
N CYS D 96 29.25 -18.81 -22.56
CA CYS D 96 28.28 -17.77 -22.26
C CYS D 96 27.00 -18.09 -23.01
N ALA D 97 25.96 -18.46 -22.27
CA ALA D 97 24.70 -18.89 -22.85
C ALA D 97 23.71 -17.73 -22.89
N ARG D 98 22.66 -17.90 -23.69
CA ARG D 98 21.65 -16.87 -23.89
C ARG D 98 20.27 -17.48 -23.66
N GLU D 99 19.54 -16.92 -22.71
CA GLU D 99 18.19 -17.40 -22.40
C GLU D 99 17.21 -16.94 -23.47
N ALA D 100 16.28 -17.83 -23.83
CA ALA D 100 15.42 -17.57 -24.98
C ALA D 100 14.44 -16.43 -24.73
N GLY D 101 14.11 -16.17 -23.47
CA GLY D 101 13.14 -15.14 -23.16
C GLY D 101 11.72 -15.61 -23.40
N GLY D 102 10.80 -14.66 -23.28
CA GLY D 102 9.39 -14.98 -23.45
C GLY D 102 8.96 -15.97 -22.38
N PHE D 103 8.40 -17.10 -22.79
CA PHE D 103 8.07 -18.17 -21.87
C PHE D 103 8.93 -19.40 -22.03
N HIS D 104 9.80 -19.44 -23.05
CA HIS D 104 10.59 -20.62 -23.34
C HIS D 104 11.77 -20.72 -22.41
N SER D 105 11.92 -21.88 -21.77
CA SER D 105 13.08 -22.16 -20.92
C SER D 105 14.09 -23.01 -21.69
N HIS D 106 14.76 -22.36 -22.64
CA HIS D 106 15.83 -23.00 -23.40
C HIS D 106 16.85 -21.94 -23.79
N PHE D 107 17.98 -22.40 -24.32
CA PHE D 107 19.06 -21.52 -24.76
C PHE D 107 19.03 -21.43 -26.28
N ASP D 108 18.72 -20.24 -26.80
CA ASP D 108 18.66 -20.04 -28.24
C ASP D 108 20.01 -19.68 -28.85
N MET D 109 20.95 -19.17 -28.05
CA MET D 109 22.25 -18.77 -28.55
C MET D 109 23.32 -19.16 -27.53
N TRP D 110 24.53 -19.40 -28.04
CA TRP D 110 25.65 -19.82 -27.21
C TRP D 110 26.88 -18.99 -27.53
N GLY D 111 27.91 -19.16 -26.73
CA GLY D 111 29.16 -18.44 -26.88
C GLY D 111 30.30 -19.33 -27.34
N GLN D 112 31.44 -18.69 -27.60
CA GLN D 112 32.61 -19.44 -28.08
C GLN D 112 33.23 -20.27 -26.96
N GLY D 113 33.30 -19.72 -25.77
CA GLY D 113 33.86 -20.45 -24.65
C GLY D 113 35.19 -19.86 -24.20
N THR D 114 35.51 -20.06 -22.93
CA THR D 114 36.74 -19.55 -22.33
C THR D 114 37.42 -20.65 -21.53
N LEU D 115 38.70 -20.86 -21.81
CA LEU D 115 39.49 -21.88 -21.13
C LEU D 115 40.22 -21.24 -19.96
N VAL D 116 39.94 -21.71 -18.75
CA VAL D 116 40.56 -21.20 -17.52
C VAL D 116 41.12 -22.41 -16.77
N THR D 117 42.43 -22.65 -16.91
CA THR D 117 43.09 -23.74 -16.21
C THR D 117 43.58 -23.27 -14.85
N VAL D 118 43.45 -24.13 -13.84
CA VAL D 118 43.85 -23.83 -12.48
C VAL D 118 44.77 -24.94 -12.02
N SER D 119 46.05 -24.60 -11.84
CA SER D 119 47.04 -25.57 -11.40
C SER D 119 48.09 -24.84 -10.57
N SER D 120 48.99 -25.61 -9.98
CA SER D 120 50.06 -25.08 -9.15
C SER D 120 51.39 -25.00 -9.89
N ALA D 121 51.36 -24.99 -11.22
CA ALA D 121 52.55 -24.92 -12.05
C ALA D 121 52.57 -23.60 -12.81
N SER D 122 53.71 -22.92 -12.78
CA SER D 122 53.83 -21.64 -13.48
C SER D 122 53.80 -21.86 -14.99
N THR D 123 53.68 -20.75 -15.72
CA THR D 123 53.59 -20.81 -17.17
C THR D 123 54.96 -21.14 -17.78
N LYS D 124 54.91 -21.63 -19.03
CA LYS D 124 56.11 -21.98 -19.78
C LYS D 124 55.98 -21.39 -21.18
N GLY D 125 56.96 -20.55 -21.55
CA GLY D 125 56.96 -19.93 -22.84
C GLY D 125 57.22 -20.92 -23.96
N PRO D 126 56.46 -20.79 -25.05
CA PRO D 126 56.62 -21.74 -26.16
C PRO D 126 57.85 -21.42 -27.01
N SER D 127 58.41 -22.47 -27.60
CA SER D 127 59.56 -22.38 -28.49
C SER D 127 59.17 -22.98 -29.83
N VAL D 128 58.92 -22.10 -30.81
CA VAL D 128 58.45 -22.52 -32.13
C VAL D 128 59.66 -22.88 -32.99
N PHE D 129 59.63 -24.07 -33.58
CA PHE D 129 60.67 -24.53 -34.48
C PHE D 129 60.09 -24.74 -35.87
N PRO D 130 60.68 -24.16 -36.91
CA PRO D 130 60.12 -24.32 -38.25
C PRO D 130 60.45 -25.69 -38.84
N LEU D 131 59.45 -26.28 -39.48
CA LEU D 131 59.62 -27.59 -40.11
C LEU D 131 60.06 -27.41 -41.57
N ALA D 132 60.33 -28.53 -42.23
CA ALA D 132 60.82 -28.45 -43.60
C ALA D 132 59.73 -28.82 -44.58
N PRO D 133 59.68 -28.16 -45.74
CA PRO D 133 58.70 -28.56 -46.76
C PRO D 133 58.97 -29.94 -47.35
N SER D 134 60.24 -30.36 -47.38
CA SER D 134 60.58 -31.67 -47.93
C SER D 134 60.33 -32.78 -46.91
N THR D 142 54.09 -34.10 -52.70
CA THR D 142 55.03 -33.05 -53.06
C THR D 142 54.77 -31.76 -52.29
N ALA D 143 53.50 -31.54 -51.92
CA ALA D 143 53.07 -30.30 -51.29
C ALA D 143 52.76 -30.58 -49.81
N ALA D 144 53.61 -30.07 -48.91
CA ALA D 144 53.42 -30.20 -47.48
C ALA D 144 54.37 -29.29 -46.71
N LEU D 145 53.84 -28.54 -45.75
CA LEU D 145 54.62 -27.66 -44.89
C LEU D 145 54.43 -28.06 -43.42
N GLY D 146 55.04 -27.31 -42.53
CA GLY D 146 54.94 -27.62 -41.12
C GLY D 146 55.40 -26.47 -40.25
N CYS D 147 54.97 -26.52 -38.99
CA CYS D 147 55.35 -25.54 -37.98
C CYS D 147 55.04 -26.12 -36.62
N LEU D 148 56.04 -26.17 -35.74
CA LEU D 148 55.95 -26.88 -34.47
C LEU D 148 55.99 -25.90 -33.30
N VAL D 149 55.14 -26.15 -32.31
CA VAL D 149 55.14 -25.44 -31.04
C VAL D 149 55.47 -26.44 -29.95
N LYS D 150 56.51 -26.16 -29.17
CA LYS D 150 57.04 -27.11 -28.22
C LYS D 150 57.22 -26.44 -26.86
N ASP D 151 56.95 -27.20 -25.79
CA ASP D 151 57.23 -26.79 -24.42
C ASP D 151 56.48 -25.49 -24.07
N TYR D 152 55.15 -25.61 -24.02
CA TYR D 152 54.29 -24.52 -23.56
C TYR D 152 53.29 -25.04 -22.54
N PHE D 153 52.86 -24.16 -21.65
CA PHE D 153 51.89 -24.49 -20.61
C PHE D 153 51.23 -23.24 -20.07
N PRO D 154 49.88 -23.18 -20.03
CA PRO D 154 48.95 -24.17 -20.57
C PRO D 154 48.30 -23.72 -21.88
N GLU D 155 47.32 -24.49 -22.35
CA GLU D 155 46.49 -24.08 -23.46
C GLU D 155 45.65 -22.87 -23.05
N PRO D 156 45.01 -22.17 -24.01
CA PRO D 156 44.95 -22.38 -25.47
C PRO D 156 46.07 -21.68 -26.23
N VAL D 157 46.55 -22.33 -27.28
CA VAL D 157 47.54 -21.77 -28.19
C VAL D 157 47.02 -22.04 -29.59
N THR D 158 46.36 -21.06 -30.20
CA THR D 158 45.79 -21.24 -31.52
C THR D 158 46.76 -20.72 -32.57
N VAL D 159 47.04 -21.55 -33.57
CA VAL D 159 47.96 -21.18 -34.64
C VAL D 159 47.20 -20.38 -35.68
N SER D 160 47.52 -19.09 -35.78
CA SER D 160 47.14 -18.26 -36.92
C SER D 160 48.20 -18.44 -37.99
N TRP D 161 47.78 -18.85 -39.19
CA TRP D 161 48.71 -19.17 -40.27
C TRP D 161 48.80 -17.99 -41.23
N ASN D 162 49.98 -17.36 -41.25
CA ASN D 162 50.33 -16.29 -42.19
C ASN D 162 49.33 -15.13 -42.12
N SER D 163 48.75 -14.98 -40.94
CA SER D 163 47.88 -13.87 -40.53
C SER D 163 46.57 -13.93 -41.31
N GLY D 164 46.59 -14.61 -42.43
CA GLY D 164 45.57 -14.34 -43.43
C GLY D 164 45.59 -15.31 -44.59
N ALA D 165 46.49 -16.29 -44.47
CA ALA D 165 46.39 -17.47 -45.29
C ALA D 165 45.07 -18.10 -44.96
N LEU D 166 44.15 -18.02 -45.91
CA LEU D 166 42.80 -18.46 -45.64
C LEU D 166 42.80 -19.97 -45.38
N THR D 167 41.86 -20.40 -44.55
CA THR D 167 41.87 -21.78 -44.08
C THR D 167 41.57 -22.66 -45.27
N SER D 168 42.64 -23.12 -45.93
CA SER D 168 42.54 -24.04 -47.07
C SER D 168 43.78 -24.91 -46.99
N GLY D 169 43.61 -26.11 -46.43
CA GLY D 169 44.72 -26.96 -46.11
C GLY D 169 45.34 -26.68 -44.77
N VAL D 170 45.07 -25.51 -44.22
CA VAL D 170 45.59 -25.17 -42.90
C VAL D 170 44.92 -26.11 -41.89
N HIS D 171 45.70 -27.06 -41.39
CA HIS D 171 45.22 -28.06 -40.46
C HIS D 171 46.11 -28.02 -39.23
N THR D 172 45.49 -28.04 -38.05
CA THR D 172 46.20 -27.92 -36.78
C THR D 172 45.89 -29.15 -35.94
N PHE D 173 46.93 -29.89 -35.61
CA PHE D 173 46.74 -31.10 -34.83
C PHE D 173 46.63 -30.78 -33.34
N PRO D 174 45.82 -31.55 -32.61
CA PRO D 174 45.68 -31.31 -31.16
C PRO D 174 46.98 -31.53 -30.43
N ALA D 175 47.08 -30.92 -29.25
CA ALA D 175 48.28 -31.02 -28.43
C ALA D 175 48.46 -32.43 -27.89
N VAL D 176 49.68 -32.73 -27.47
CA VAL D 176 50.03 -34.04 -26.94
C VAL D 176 50.18 -33.93 -25.43
N LEU D 177 49.83 -35.01 -24.73
CA LEU D 177 49.94 -35.08 -23.28
C LEU D 177 51.35 -35.57 -22.93
N GLN D 178 52.28 -34.63 -22.82
CA GLN D 178 53.65 -34.97 -22.52
C GLN D 178 53.80 -35.36 -21.05
N SER D 179 54.66 -36.34 -20.79
CA SER D 179 54.87 -36.82 -19.42
C SER D 179 55.44 -35.73 -18.51
N SER D 180 56.09 -34.72 -19.07
CA SER D 180 56.64 -33.63 -18.26
C SER D 180 55.58 -32.63 -17.82
N GLY D 181 54.38 -32.68 -18.39
CA GLY D 181 53.32 -31.77 -18.06
C GLY D 181 53.07 -30.70 -19.11
N LEU D 182 54.11 -30.27 -19.82
CA LEU D 182 53.95 -29.27 -20.86
C LEU D 182 53.24 -29.87 -22.07
N TYR D 183 52.61 -28.99 -22.85
CA TYR D 183 51.92 -29.40 -24.06
C TYR D 183 52.80 -29.14 -25.28
N SER D 184 52.40 -29.72 -26.41
CA SER D 184 53.14 -29.55 -27.66
C SER D 184 52.20 -29.82 -28.81
N LEU D 185 52.03 -28.84 -29.69
CA LEU D 185 51.18 -28.97 -30.87
C LEU D 185 52.00 -28.72 -32.13
N SER D 186 51.42 -29.09 -33.27
CA SER D 186 52.06 -28.84 -34.55
C SER D 186 50.98 -28.53 -35.58
N SER D 187 51.32 -27.70 -36.55
CA SER D 187 50.39 -27.29 -37.60
C SER D 187 51.00 -27.55 -38.97
N VAL D 188 50.14 -27.81 -39.94
CA VAL D 188 50.55 -28.17 -41.30
C VAL D 188 49.67 -27.42 -42.29
N VAL D 189 50.28 -26.87 -43.33
CA VAL D 189 49.56 -26.18 -44.40
C VAL D 189 50.04 -26.74 -45.73
N THR D 190 49.10 -26.98 -46.64
CA THR D 190 49.40 -27.53 -47.96
C THR D 190 49.40 -26.38 -48.96
N VAL D 191 50.59 -25.92 -49.33
CA VAL D 191 50.75 -24.83 -50.30
C VAL D 191 51.10 -25.45 -51.65
N PRO D 192 50.82 -24.79 -52.78
CA PRO D 192 51.12 -25.39 -54.08
C PRO D 192 52.62 -25.59 -54.27
N SER D 193 53.01 -26.86 -54.40
CA SER D 193 54.41 -27.23 -54.61
C SER D 193 54.92 -26.85 -56.00
N SER D 194 54.05 -26.35 -56.88
CA SER D 194 54.50 -25.93 -58.21
C SER D 194 55.50 -24.80 -58.13
N SER D 195 55.35 -23.91 -57.15
CA SER D 195 56.30 -22.81 -56.95
C SER D 195 56.23 -22.40 -55.49
N LEU D 196 57.23 -22.81 -54.71
CA LEU D 196 57.33 -22.44 -53.32
C LEU D 196 58.06 -21.12 -53.11
N GLY D 197 59.06 -20.83 -53.95
CA GLY D 197 59.86 -19.61 -53.82
C GLY D 197 59.24 -18.36 -54.40
N THR D 198 58.10 -18.48 -55.09
CA THR D 198 57.45 -17.30 -55.63
C THR D 198 56.91 -16.40 -54.52
N GLN D 199 56.50 -16.98 -53.40
CA GLN D 199 55.97 -16.22 -52.26
C GLN D 199 56.25 -17.00 -50.98
N THR D 200 56.31 -16.27 -49.87
CA THR D 200 56.73 -16.81 -48.59
C THR D 200 55.55 -17.11 -47.67
N TYR D 201 55.82 -17.83 -46.60
CA TYR D 201 54.82 -18.21 -45.61
C TYR D 201 55.43 -18.18 -44.22
N ILE D 202 54.60 -17.83 -43.24
CA ILE D 202 54.98 -17.83 -41.83
C ILE D 202 53.80 -18.32 -41.01
N CYS D 203 54.10 -18.88 -39.84
CA CYS D 203 53.06 -19.30 -38.90
C CYS D 203 53.07 -18.29 -37.75
N ASN D 204 52.06 -17.42 -37.75
CA ASN D 204 51.95 -16.35 -36.74
C ASN D 204 51.10 -16.87 -35.58
N VAL D 205 51.73 -17.59 -34.66
CA VAL D 205 51.04 -18.15 -33.50
C VAL D 205 51.34 -17.30 -32.28
N ASN D 206 50.35 -17.16 -31.41
CA ASN D 206 50.49 -16.40 -30.18
C ASN D 206 49.99 -17.21 -29.01
N HIS D 207 50.58 -16.97 -27.84
CA HIS D 207 50.26 -17.68 -26.60
C HIS D 207 49.71 -16.65 -25.62
N LYS D 208 48.38 -16.60 -25.51
CA LYS D 208 47.76 -15.58 -24.66
C LYS D 208 48.04 -15.79 -23.18
N PRO D 209 47.89 -16.99 -22.61
CA PRO D 209 48.23 -17.16 -21.17
C PRO D 209 49.68 -16.88 -20.84
N SER D 210 50.58 -16.76 -21.82
CA SER D 210 51.97 -16.42 -21.56
C SER D 210 52.40 -15.11 -22.20
N ASN D 211 51.63 -14.56 -23.14
CA ASN D 211 51.91 -13.27 -23.79
C ASN D 211 53.30 -13.30 -24.45
N THR D 212 53.44 -14.21 -25.41
CA THR D 212 54.70 -14.38 -26.13
C THR D 212 54.39 -14.73 -27.58
N LYS D 213 54.76 -13.84 -28.50
CA LYS D 213 54.59 -14.08 -29.93
C LYS D 213 55.94 -14.33 -30.58
N VAL D 214 56.04 -15.38 -31.37
CA VAL D 214 57.24 -15.72 -32.11
C VAL D 214 56.83 -16.18 -33.50
N ASP D 215 57.58 -15.74 -34.51
CA ASP D 215 57.23 -15.99 -35.91
C ASP D 215 58.43 -16.57 -36.63
N LYS D 216 58.23 -17.74 -37.24
CA LYS D 216 59.24 -18.37 -38.08
C LYS D 216 58.71 -18.50 -39.50
N LYS D 217 59.64 -18.61 -40.46
CA LYS D 217 59.30 -18.76 -41.85
C LYS D 217 59.58 -20.19 -42.33
N VAL D 218 58.98 -20.54 -43.45
CA VAL D 218 59.20 -21.82 -44.10
C VAL D 218 60.16 -21.63 -45.27
N GLU D 219 61.26 -22.39 -45.27
CA GLU D 219 62.26 -22.31 -46.33
C GLU D 219 62.46 -23.70 -46.92
N PRO D 220 62.40 -23.84 -48.24
CA PRO D 220 62.42 -25.18 -48.85
C PRO D 220 63.75 -25.89 -48.76
N LYS D 221 63.83 -27.07 -49.37
CA LYS D 221 65.00 -27.93 -49.35
C LYS D 221 66.06 -27.40 -50.30
N SER D 222 67.27 -27.96 -50.18
CA SER D 222 68.40 -27.58 -51.03
C SER D 222 68.81 -28.74 -51.93
N SER E 2 23.57 -31.83 -9.47
CA SER E 2 22.52 -32.74 -9.96
C SER E 2 22.46 -32.71 -11.47
N VAL E 3 22.46 -33.89 -12.09
CA VAL E 3 22.42 -34.03 -13.54
C VAL E 3 21.38 -35.09 -13.91
N LEU E 4 20.95 -35.05 -15.18
CA LEU E 4 20.06 -36.06 -15.71
C LEU E 4 20.86 -37.25 -16.22
N THR E 5 20.35 -38.45 -15.97
CA THR E 5 21.04 -39.68 -16.37
C THR E 5 20.77 -39.95 -17.84
N GLN E 6 21.82 -39.88 -18.66
CA GLN E 6 21.79 -40.19 -20.08
C GLN E 6 22.60 -41.45 -20.36
N PRO E 7 22.30 -42.18 -21.43
CA PRO E 7 23.13 -43.34 -21.79
C PRO E 7 24.54 -42.91 -22.11
N ALA E 8 25.51 -43.79 -21.78
CA ALA E 8 26.91 -43.45 -21.96
C ALA E 8 27.25 -43.21 -23.42
N SER E 9 27.11 -44.24 -24.26
CA SER E 9 27.44 -44.12 -25.67
C SER E 9 26.54 -45.06 -26.47
N VAL E 10 25.84 -44.51 -27.45
CA VAL E 10 24.92 -45.26 -28.29
C VAL E 10 25.36 -45.12 -29.73
N SER E 11 25.18 -46.19 -30.51
CA SER E 11 25.69 -46.26 -31.87
C SER E 11 24.56 -46.59 -32.83
N GLY E 12 24.70 -46.10 -34.05
CA GLY E 12 23.72 -46.38 -35.08
C GLY E 12 24.31 -46.21 -36.46
N SER E 13 23.57 -46.71 -37.45
CA SER E 13 24.01 -46.77 -38.84
C SER E 13 23.14 -45.87 -39.71
N LEU E 14 23.46 -45.80 -41.00
CA LEU E 14 22.69 -44.90 -41.89
C LEU E 14 21.28 -45.44 -42.03
N GLY E 15 20.33 -44.81 -41.36
CA GLY E 15 18.91 -45.21 -41.48
C GLY E 15 18.05 -44.40 -40.53
N GLN E 16 17.39 -45.11 -39.64
CA GLN E 16 16.52 -44.57 -38.57
C GLN E 16 17.08 -45.16 -37.29
N SER E 17 18.38 -45.38 -37.23
CA SER E 17 19.06 -46.16 -36.17
C SER E 17 18.98 -45.62 -34.74
N VAL E 18 19.15 -44.34 -34.46
CA VAL E 18 19.16 -44.00 -33.01
C VAL E 18 18.19 -42.89 -32.62
N THR E 19 17.42 -43.12 -31.55
CA THR E 19 16.60 -42.10 -30.93
C THR E 19 17.04 -42.04 -29.45
N ILE E 20 18.05 -41.21 -29.17
CA ILE E 20 18.69 -41.17 -27.86
C ILE E 20 17.71 -40.69 -26.80
N SER E 21 17.80 -41.29 -25.61
CA SER E 21 16.88 -41.02 -24.51
C SER E 21 17.52 -40.10 -23.45
N CYS E 22 16.69 -39.71 -22.48
CA CYS E 22 17.07 -38.87 -21.36
C CYS E 22 15.96 -38.91 -20.33
N THR E 23 16.33 -38.93 -19.05
CA THR E 23 15.36 -39.01 -17.97
C THR E 23 15.83 -38.18 -16.78
N GLY E 24 14.90 -37.86 -15.91
CA GLY E 24 15.19 -37.08 -14.74
C GLY E 24 14.10 -37.20 -13.69
N THR E 25 14.08 -36.22 -12.78
CA THR E 25 13.10 -36.24 -11.70
C THR E 25 11.71 -35.89 -12.22
N SER E 26 10.69 -36.26 -11.44
CA SER E 26 9.32 -35.94 -11.80
C SER E 26 9.05 -34.44 -11.82
N SER E 27 9.83 -33.66 -11.09
CA SER E 27 9.69 -32.20 -11.08
C SER E 27 10.57 -31.52 -12.12
N ASP E 28 11.40 -32.28 -12.84
CA ASP E 28 12.29 -31.73 -13.86
C ASP E 28 11.74 -31.91 -15.27
N VAL E 29 11.49 -33.16 -15.66
CA VAL E 29 11.02 -33.48 -17.01
C VAL E 29 9.57 -33.95 -17.00
N GLY E 30 9.21 -34.79 -16.05
CA GLY E 30 7.84 -35.29 -15.98
C GLY E 30 6.89 -34.32 -15.32
N GLY E 31 7.29 -33.06 -15.21
CA GLY E 31 6.45 -32.04 -14.61
C GLY E 31 6.20 -30.85 -15.52
N TYR E 32 7.07 -30.67 -16.51
CA TYR E 32 6.94 -29.55 -17.44
C TYR E 32 7.39 -29.99 -18.81
N ASP E 33 6.65 -29.57 -19.84
CA ASP E 33 7.05 -29.82 -21.23
C ASP E 33 8.04 -28.74 -21.68
N TYR E 34 9.18 -28.72 -21.00
CA TYR E 34 10.20 -27.70 -21.29
C TYR E 34 11.60 -28.29 -21.32
N VAL E 35 11.72 -29.57 -21.69
CA VAL E 35 13.02 -30.20 -21.89
C VAL E 35 13.63 -29.60 -23.16
N SER E 36 14.92 -29.82 -23.38
CA SER E 36 15.56 -29.30 -24.59
C SER E 36 16.79 -30.15 -24.88
N TRP E 37 17.28 -30.02 -26.11
CA TRP E 37 18.41 -30.79 -26.61
C TRP E 37 19.41 -29.88 -27.30
N TYR E 38 20.69 -30.13 -27.06
CA TYR E 38 21.77 -29.32 -27.60
C TYR E 38 22.86 -30.24 -28.16
N GLN E 39 23.27 -29.98 -29.39
CA GLN E 39 24.33 -30.74 -30.04
C GLN E 39 25.64 -29.97 -29.92
N GLN E 40 26.70 -30.67 -29.54
CA GLN E 40 28.03 -30.08 -29.42
C GLN E 40 29.01 -30.93 -30.21
N HIS E 41 29.59 -30.35 -31.25
CA HIS E 41 30.69 -30.99 -31.92
C HIS E 41 31.96 -30.85 -31.07
N PRO E 42 32.91 -31.78 -31.22
CA PRO E 42 34.12 -31.74 -30.36
C PRO E 42 34.91 -30.45 -30.50
N GLY E 43 34.95 -29.66 -29.44
CA GLY E 43 35.73 -28.43 -29.44
C GLY E 43 35.09 -27.28 -30.20
N LYS E 44 33.78 -27.11 -30.09
CA LYS E 44 33.10 -26.01 -30.76
C LYS E 44 31.86 -25.63 -29.96
N ASN E 45 31.30 -24.47 -30.28
CA ASN E 45 30.14 -23.98 -29.56
C ASN E 45 28.92 -24.83 -29.85
N PRO E 46 28.23 -25.33 -28.83
CA PRO E 46 26.97 -26.05 -29.07
C PRO E 46 25.88 -25.11 -29.56
N LYS E 47 24.90 -25.69 -30.24
CA LYS E 47 23.77 -24.93 -30.73
C LYS E 47 22.48 -25.71 -30.49
N LEU E 48 21.38 -24.96 -30.35
CA LEU E 48 20.09 -25.57 -30.06
C LEU E 48 19.67 -26.50 -31.19
N MET E 49 19.38 -27.75 -30.85
CA MET E 49 18.95 -28.74 -31.83
C MET E 49 17.47 -29.08 -31.74
N ILE E 50 16.93 -29.13 -30.54
CA ILE E 50 15.47 -29.36 -30.44
C ILE E 50 15.00 -28.61 -29.21
N PHE E 51 14.16 -27.61 -29.41
CA PHE E 51 13.65 -26.79 -28.32
C PHE E 51 12.25 -27.27 -28.01
N GLU E 52 12.04 -27.56 -26.73
CA GLU E 52 10.85 -28.05 -26.00
C GLU E 52 10.79 -29.55 -26.05
N VAL E 53 10.20 -30.04 -27.14
CA VAL E 53 9.80 -31.43 -27.40
C VAL E 53 9.10 -31.49 -28.78
N ASN E 54 9.76 -32.11 -29.74
CA ASN E 54 9.26 -32.17 -31.11
C ASN E 54 8.94 -30.77 -31.66
N ASN E 55 9.56 -29.73 -31.10
CA ASN E 55 9.44 -28.36 -31.62
C ASN E 55 10.82 -27.91 -32.09
N ARG E 56 11.03 -27.91 -33.39
CA ARG E 56 12.38 -27.62 -33.84
C ARG E 56 12.56 -26.12 -34.11
N PRO E 57 13.80 -25.61 -34.04
CA PRO E 57 14.05 -24.22 -34.44
C PRO E 57 14.14 -24.06 -35.95
N SER E 58 14.48 -22.86 -36.42
CA SER E 58 14.65 -22.63 -37.85
C SER E 58 16.00 -23.15 -38.32
N GLY E 59 16.00 -23.89 -39.43
CA GLY E 59 17.22 -24.43 -39.97
C GLY E 59 17.56 -25.83 -39.51
N VAL E 60 16.56 -26.66 -39.23
CA VAL E 60 16.75 -28.02 -38.74
C VAL E 60 15.98 -28.96 -39.65
N SER E 61 16.62 -30.06 -40.06
CA SER E 61 15.99 -31.02 -40.94
C SER E 61 14.86 -31.76 -40.21
N THR E 62 14.04 -32.47 -41.00
CA THR E 62 12.86 -33.15 -40.49
C THR E 62 13.19 -34.45 -39.77
N ARG E 63 14.46 -34.73 -39.48
CA ARG E 63 14.82 -35.95 -38.77
C ARG E 63 14.84 -35.78 -37.26
N PHE E 64 15.19 -34.59 -36.77
CA PHE E 64 15.29 -34.35 -35.34
C PHE E 64 13.90 -34.22 -34.74
N SER E 65 13.60 -35.03 -33.74
CA SER E 65 12.29 -35.04 -33.09
C SER E 65 12.48 -35.44 -31.62
N GLY E 66 11.37 -35.77 -30.95
CA GLY E 66 11.43 -36.11 -29.54
C GLY E 66 10.45 -37.19 -29.13
N SER E 67 10.08 -37.21 -27.86
CA SER E 67 9.14 -38.21 -27.34
C SER E 67 8.48 -37.65 -26.09
N LYS E 68 7.15 -37.75 -26.04
CA LYS E 68 6.37 -37.26 -24.90
C LYS E 68 6.01 -38.41 -23.95
N SER E 69 7.04 -39.01 -23.35
CA SER E 69 6.81 -40.10 -22.40
C SER E 69 6.44 -39.53 -21.04
N GLY E 70 6.39 -40.38 -20.02
CA GLY E 70 6.02 -39.96 -18.69
C GLY E 70 7.03 -39.02 -18.04
N ASN E 71 8.21 -39.53 -17.72
CA ASN E 71 9.28 -38.72 -17.17
C ASN E 71 10.60 -38.89 -17.92
N THR E 72 10.56 -39.47 -19.12
CA THR E 72 11.74 -39.70 -19.93
C THR E 72 11.58 -38.97 -21.25
N ALA E 73 12.52 -38.09 -21.56
CA ALA E 73 12.54 -37.37 -22.83
C ALA E 73 13.52 -38.08 -23.77
N SER E 74 13.03 -38.51 -24.93
CA SER E 74 13.83 -39.27 -25.87
C SER E 74 13.93 -38.50 -27.19
N LEU E 75 15.09 -37.88 -27.42
CA LEU E 75 15.36 -37.24 -28.70
C LEU E 75 15.29 -38.27 -29.82
N THR E 76 14.66 -37.89 -30.93
CA THR E 76 14.43 -38.80 -32.05
C THR E 76 15.10 -38.22 -33.29
N ILE E 77 16.21 -38.83 -33.70
CA ILE E 77 16.80 -38.58 -35.01
C ILE E 77 16.28 -39.67 -35.93
N SER E 78 15.46 -39.28 -36.91
CA SER E 78 14.63 -40.22 -37.64
C SER E 78 15.40 -40.99 -38.71
N GLY E 79 14.67 -41.64 -39.62
CA GLY E 79 15.21 -42.62 -40.52
C GLY E 79 16.08 -42.13 -41.67
N LEU E 80 17.01 -41.24 -41.39
CA LEU E 80 18.09 -40.93 -42.32
C LEU E 80 19.25 -40.38 -41.50
N GLN E 81 20.46 -40.78 -41.87
CA GLN E 81 21.64 -40.52 -41.05
C GLN E 81 22.74 -39.92 -41.92
N ALA E 82 22.90 -38.60 -41.84
CA ALA E 82 24.15 -37.99 -42.26
C ALA E 82 25.17 -38.14 -41.14
N GLU E 83 26.45 -38.08 -41.50
CA GLU E 83 27.47 -38.32 -40.48
C GLU E 83 27.54 -37.14 -39.52
N ASP E 84 26.78 -37.23 -38.43
CA ASP E 84 26.79 -36.24 -37.35
C ASP E 84 27.24 -36.97 -36.08
N GLU E 85 28.55 -37.09 -35.93
CA GLU E 85 29.14 -37.80 -34.79
C GLU E 85 29.54 -36.77 -33.72
N ALA E 86 28.54 -36.17 -33.11
CA ALA E 86 28.73 -35.18 -32.07
C ALA E 86 28.14 -35.70 -30.76
N ASP E 87 28.30 -34.90 -29.71
CA ASP E 87 27.80 -35.25 -28.38
C ASP E 87 26.45 -34.58 -28.16
N TYR E 88 25.45 -35.38 -27.81
CA TYR E 88 24.10 -34.89 -27.57
C TYR E 88 23.89 -34.71 -26.07
N TYR E 89 23.24 -33.60 -25.70
CA TYR E 89 23.01 -33.28 -24.29
C TYR E 89 21.53 -33.02 -24.07
N CYS E 90 21.15 -32.99 -22.79
CA CYS E 90 19.76 -32.92 -22.38
C CYS E 90 19.64 -31.93 -21.23
N ASN E 91 18.54 -31.18 -21.20
CA ASN E 91 18.31 -30.22 -20.14
C ASN E 91 16.84 -29.84 -20.08
N SER E 92 16.41 -29.36 -18.91
CA SER E 92 15.04 -28.93 -18.70
C SER E 92 15.01 -27.98 -17.51
N TYR E 93 13.92 -27.23 -17.42
CA TYR E 93 13.71 -26.32 -16.30
C TYR E 93 13.36 -27.14 -15.06
N SER E 94 14.32 -27.28 -14.15
CA SER E 94 14.10 -27.99 -12.90
C SER E 94 13.64 -27.01 -11.84
N THR E 95 12.54 -27.34 -11.14
CA THR E 95 12.06 -26.48 -10.07
C THR E 95 13.08 -26.35 -8.96
N THR E 96 13.90 -27.38 -8.74
CA THR E 96 14.86 -27.36 -7.65
C THR E 96 16.15 -26.65 -8.04
N THR E 97 16.64 -26.88 -9.25
CA THR E 97 17.96 -26.41 -9.66
C THR E 97 17.93 -25.30 -10.70
N THR E 98 16.75 -24.96 -11.22
CA THR E 98 16.49 -23.82 -12.11
C THR E 98 17.06 -24.02 -13.51
N TRP E 99 18.02 -24.94 -13.64
CA TRP E 99 18.61 -25.38 -14.90
C TRP E 99 19.38 -26.65 -14.59
N VAL E 100 19.07 -27.75 -15.26
CA VAL E 100 19.79 -29.00 -15.02
C VAL E 100 20.12 -29.61 -16.37
N PHE E 101 21.38 -30.00 -16.56
CA PHE E 101 21.87 -30.55 -17.81
C PHE E 101 22.10 -32.05 -17.68
N GLY E 102 21.92 -32.75 -18.80
CA GLY E 102 22.09 -34.19 -18.83
C GLY E 102 23.56 -34.60 -18.78
N GLY E 103 23.77 -35.91 -18.77
CA GLY E 103 25.11 -36.44 -18.67
C GLY E 103 25.94 -36.15 -19.91
N GLY E 104 25.42 -36.52 -21.07
CA GLY E 104 26.14 -36.36 -22.32
C GLY E 104 26.50 -37.69 -22.95
N THR E 105 26.09 -37.88 -24.20
CA THR E 105 26.29 -39.13 -24.92
C THR E 105 27.15 -38.88 -26.16
N SER E 106 27.27 -39.90 -27.00
CA SER E 106 28.08 -39.80 -28.22
C SER E 106 27.50 -40.78 -29.24
N LEU E 107 26.76 -40.25 -30.20
CA LEU E 107 26.24 -41.05 -31.30
C LEU E 107 27.33 -41.22 -32.35
N THR E 108 27.59 -42.47 -32.74
CA THR E 108 28.61 -42.77 -33.73
C THR E 108 27.94 -43.43 -34.93
N VAL E 109 28.17 -42.87 -36.11
CA VAL E 109 27.57 -43.37 -37.32
C VAL E 109 28.44 -44.49 -37.89
N LEU E 110 27.79 -45.51 -38.46
CA LEU E 110 28.49 -46.70 -38.98
C LEU E 110 28.28 -46.75 -40.50
N GLY E 111 29.14 -46.07 -41.23
CA GLY E 111 29.03 -46.04 -42.68
C GLY E 111 30.26 -45.41 -43.29
N GLN E 112 30.42 -45.65 -44.60
CA GLN E 112 31.53 -45.15 -45.42
C GLN E 112 32.86 -45.50 -44.76
N PRO E 113 33.26 -46.78 -44.75
CA PRO E 113 34.39 -47.21 -43.93
C PRO E 113 35.76 -46.84 -44.47
N LYS E 114 35.87 -46.39 -45.73
CA LYS E 114 37.15 -46.07 -46.33
C LYS E 114 37.84 -44.92 -45.61
N ALA E 115 38.96 -45.20 -44.93
CA ALA E 115 39.68 -44.16 -44.20
C ALA E 115 41.07 -43.88 -44.77
N ALA E 116 41.97 -44.88 -44.78
CA ALA E 116 43.31 -44.76 -45.35
C ALA E 116 44.05 -43.53 -44.82
N PRO E 117 44.56 -43.56 -43.58
CA PRO E 117 45.16 -42.35 -43.00
C PRO E 117 46.34 -41.83 -43.82
N SER E 118 46.49 -40.51 -43.80
CA SER E 118 47.57 -39.82 -44.50
C SER E 118 48.64 -39.42 -43.49
N VAL E 119 49.87 -39.87 -43.71
CA VAL E 119 50.97 -39.66 -42.78
C VAL E 119 51.97 -38.70 -43.40
N THR E 120 52.53 -37.82 -42.57
CA THR E 120 53.57 -36.89 -43.00
C THR E 120 54.61 -36.79 -41.89
N LEU E 121 55.87 -37.03 -42.23
CA LEU E 121 56.97 -37.10 -41.27
C LEU E 121 58.02 -36.07 -41.63
N PHE E 122 58.43 -35.28 -40.64
CA PHE E 122 59.37 -34.19 -40.85
C PHE E 122 60.71 -34.49 -40.18
N PRO E 123 61.81 -34.02 -40.76
CA PRO E 123 63.11 -34.12 -40.09
C PRO E 123 63.15 -33.22 -38.88
N PRO E 124 64.10 -33.44 -37.97
CA PRO E 124 64.27 -32.49 -36.85
C PRO E 124 64.52 -31.09 -37.37
N SER E 125 64.09 -30.10 -36.58
CA SER E 125 64.09 -28.70 -37.01
C SER E 125 65.47 -28.25 -37.47
N SER E 126 65.55 -27.78 -38.71
CA SER E 126 66.81 -27.34 -39.26
C SER E 126 67.31 -26.06 -38.60
N GLU E 127 66.39 -25.23 -38.10
CA GLU E 127 66.78 -23.99 -37.44
C GLU E 127 67.47 -24.27 -36.11
N GLU E 128 66.89 -25.16 -35.31
CA GLU E 128 67.44 -25.45 -33.99
C GLU E 128 68.63 -26.39 -34.11
N LEU E 129 69.70 -26.06 -33.38
CA LEU E 129 70.92 -26.86 -33.42
C LEU E 129 71.53 -27.14 -32.06
N GLN E 130 71.03 -26.56 -30.97
CA GLN E 130 71.62 -26.76 -29.66
C GLN E 130 71.45 -28.21 -29.20
N ALA E 131 72.32 -28.60 -28.27
CA ALA E 131 72.24 -29.94 -27.71
C ALA E 131 70.94 -30.14 -26.96
N ASN E 132 70.44 -31.39 -26.98
CA ASN E 132 69.24 -31.82 -26.27
C ASN E 132 67.98 -31.14 -26.80
N LYS E 133 68.07 -30.44 -27.94
CA LYS E 133 66.90 -29.82 -28.55
C LYS E 133 66.90 -30.09 -30.05
N ALA E 134 66.42 -31.28 -30.43
CA ALA E 134 65.95 -31.53 -31.80
C ALA E 134 65.00 -32.72 -31.84
N THR E 135 63.69 -32.47 -31.93
CA THR E 135 62.70 -33.55 -31.81
C THR E 135 62.00 -33.81 -33.13
N LEU E 136 61.63 -35.08 -33.34
CA LEU E 136 60.93 -35.49 -34.55
C LEU E 136 59.43 -35.21 -34.42
N VAL E 137 58.76 -35.12 -35.56
CA VAL E 137 57.33 -34.83 -35.62
C VAL E 137 56.71 -35.71 -36.68
N CYS E 138 55.79 -36.59 -36.28
CA CYS E 138 55.05 -37.46 -37.19
C CYS E 138 53.58 -37.10 -37.10
N LEU E 139 52.96 -36.80 -38.24
CA LEU E 139 51.59 -36.32 -38.28
C LEU E 139 50.71 -37.30 -39.04
N ILE E 140 49.54 -37.58 -38.49
CA ILE E 140 48.58 -38.53 -39.07
C ILE E 140 47.21 -37.87 -39.10
N SER E 141 46.57 -37.85 -40.26
CA SER E 141 45.27 -37.22 -40.40
C SER E 141 44.38 -38.01 -41.34
N ASP E 142 43.09 -37.71 -41.29
CA ASP E 142 42.07 -38.23 -42.21
C ASP E 142 41.98 -39.76 -42.14
N PHE E 143 41.56 -40.24 -40.97
CA PHE E 143 41.28 -41.65 -40.78
C PHE E 143 40.01 -41.83 -39.97
N TYR E 144 39.52 -43.07 -39.92
CA TYR E 144 38.27 -43.47 -39.29
C TYR E 144 38.32 -44.97 -39.10
N PRO E 145 37.82 -45.53 -37.98
CA PRO E 145 37.05 -44.92 -36.89
C PRO E 145 37.90 -44.24 -35.83
N GLY E 146 39.15 -43.91 -36.16
CA GLY E 146 40.01 -43.24 -35.20
C GLY E 146 40.53 -44.16 -34.12
N ALA E 147 40.92 -45.39 -34.49
CA ALA E 147 41.55 -46.34 -33.56
C ALA E 147 42.80 -46.85 -34.27
N VAL E 148 43.90 -46.11 -34.13
CA VAL E 148 45.16 -46.46 -34.78
C VAL E 148 46.22 -46.72 -33.72
N THR E 149 47.20 -47.54 -34.07
CA THR E 149 48.32 -47.85 -33.20
C THR E 149 49.61 -47.42 -33.88
N VAL E 150 50.34 -46.50 -33.27
CA VAL E 150 51.54 -45.92 -33.85
C VAL E 150 52.75 -46.44 -33.10
N ALA E 151 53.84 -46.67 -33.84
CA ALA E 151 55.08 -47.15 -33.24
C ALA E 151 56.25 -46.66 -34.09
N TRP E 152 57.44 -46.73 -33.51
CA TRP E 152 58.68 -46.29 -34.17
C TRP E 152 59.66 -47.45 -34.13
N LYS E 153 59.78 -48.18 -35.25
CA LYS E 153 60.75 -49.27 -35.33
C LYS E 153 62.17 -48.72 -35.26
N ALA E 154 62.53 -47.89 -36.24
CA ALA E 154 63.71 -47.03 -36.20
C ALA E 154 65.03 -47.79 -36.37
N ASP E 155 64.98 -49.12 -36.31
CA ASP E 155 66.13 -49.98 -36.55
C ASP E 155 65.62 -51.42 -36.63
N SER E 156 66.55 -52.37 -36.56
CA SER E 156 66.18 -53.79 -36.55
C SER E 156 65.16 -54.12 -35.46
N SER E 157 65.21 -53.38 -34.34
CA SER E 157 64.27 -53.61 -33.24
C SER E 157 63.93 -52.29 -32.57
N PRO E 158 62.65 -52.03 -32.28
CA PRO E 158 62.27 -50.73 -31.72
C PRO E 158 62.83 -50.55 -30.31
N VAL E 159 63.53 -49.44 -30.10
CA VAL E 159 64.05 -49.14 -28.78
C VAL E 159 62.98 -48.53 -27.89
N LYS E 160 62.05 -47.77 -28.47
CA LYS E 160 60.90 -47.19 -27.76
C LYS E 160 61.34 -46.44 -26.50
N ALA E 161 62.29 -45.52 -26.68
CA ALA E 161 62.77 -44.72 -25.55
C ALA E 161 61.78 -43.62 -25.20
N GLY E 162 61.32 -42.88 -26.21
CA GLY E 162 60.32 -41.84 -25.99
C GLY E 162 59.19 -41.88 -27.00
N VAL E 163 57.97 -42.13 -26.53
CA VAL E 163 56.80 -42.24 -27.41
C VAL E 163 55.64 -41.52 -26.74
N GLU E 164 55.12 -40.48 -27.41
CA GLU E 164 54.00 -39.70 -26.90
C GLU E 164 53.05 -39.41 -28.04
N THR E 165 51.79 -39.83 -27.90
CA THR E 165 50.84 -39.79 -28.99
C THR E 165 49.53 -39.18 -28.52
N THR E 166 48.94 -38.32 -29.36
CA THR E 166 47.65 -37.72 -29.07
C THR E 166 46.54 -38.74 -29.34
N THR E 167 45.43 -38.57 -28.63
CA THR E 167 44.26 -39.38 -28.92
C THR E 167 43.56 -38.87 -30.18
N PRO E 168 43.02 -39.76 -31.01
CA PRO E 168 42.36 -39.31 -32.24
C PRO E 168 41.20 -38.36 -31.99
N SER E 169 41.34 -37.12 -32.43
CA SER E 169 40.35 -36.08 -32.22
C SER E 169 39.78 -35.68 -33.58
N LYS E 170 38.54 -36.09 -33.84
CA LYS E 170 37.94 -35.78 -35.13
C LYS E 170 37.61 -34.30 -35.24
N GLN E 171 37.54 -33.82 -36.48
CA GLN E 171 37.25 -32.42 -36.76
C GLN E 171 36.53 -32.36 -38.10
N SER E 172 36.51 -31.17 -38.71
CA SER E 172 35.91 -30.98 -40.02
C SER E 172 36.39 -32.07 -40.99
N ASN E 173 35.49 -32.43 -41.92
CA ASN E 173 35.54 -33.55 -42.88
C ASN E 173 35.13 -34.88 -42.22
N ASN E 174 34.77 -34.87 -40.94
CA ASN E 174 34.22 -36.05 -40.25
C ASN E 174 35.21 -37.21 -40.20
N LYS E 175 36.51 -36.90 -40.20
CA LYS E 175 37.54 -37.92 -40.08
C LYS E 175 38.53 -37.51 -39.01
N TYR E 176 39.04 -38.49 -38.28
CA TYR E 176 39.88 -38.25 -37.11
C TYR E 176 41.29 -37.87 -37.55
N ALA E 177 42.03 -37.29 -36.60
CA ALA E 177 43.42 -36.90 -36.80
C ALA E 177 44.19 -37.15 -35.50
N ALA E 178 45.49 -37.38 -35.63
CA ALA E 178 46.33 -37.69 -34.48
C ALA E 178 47.73 -37.14 -34.73
N SER E 179 48.56 -37.21 -33.69
CA SER E 179 49.93 -36.72 -33.77
C SER E 179 50.77 -37.49 -32.77
N SER E 180 52.00 -37.81 -33.16
CA SER E 180 52.93 -38.55 -32.31
C SER E 180 54.32 -37.97 -32.47
N TYR E 181 54.84 -37.38 -31.40
CA TYR E 181 56.15 -36.74 -31.41
C TYR E 181 57.16 -37.65 -30.72
N LEU E 182 58.09 -38.19 -31.48
CA LEU E 182 59.19 -38.96 -30.90
C LEU E 182 60.19 -38.01 -30.25
N SER E 183 60.03 -37.78 -28.93
CA SER E 183 60.78 -36.74 -28.23
C SER E 183 62.08 -37.34 -27.68
N LEU E 184 63.06 -37.49 -28.57
CA LEU E 184 64.38 -37.95 -28.15
C LEU E 184 65.41 -37.53 -29.20
N THR E 185 66.16 -36.47 -28.91
CA THR E 185 67.35 -36.16 -29.70
C THR E 185 68.56 -36.98 -29.23
N PRO E 186 68.90 -36.99 -27.94
CA PRO E 186 70.11 -37.69 -27.51
C PRO E 186 69.90 -39.18 -27.41
N GLU E 187 70.99 -39.88 -27.15
CA GLU E 187 71.06 -41.32 -26.89
C GLU E 187 70.82 -42.12 -28.16
N GLN E 188 70.32 -41.50 -29.23
CA GLN E 188 70.28 -42.18 -30.52
C GLN E 188 70.83 -41.38 -31.69
N TRP E 189 70.33 -40.15 -31.88
CA TRP E 189 70.44 -39.46 -33.16
C TRP E 189 71.69 -38.62 -33.29
N LYS E 190 72.76 -38.97 -32.58
CA LYS E 190 74.04 -38.33 -32.84
C LYS E 190 74.65 -38.87 -34.14
N SER E 191 74.55 -40.18 -34.37
CA SER E 191 74.99 -40.77 -35.64
C SER E 191 74.35 -42.14 -35.77
N HIS E 192 73.49 -42.32 -36.77
CA HIS E 192 72.87 -43.62 -37.03
C HIS E 192 72.43 -43.67 -38.49
N ARG E 193 71.72 -44.74 -38.86
CA ARG E 193 71.43 -45.06 -40.25
C ARG E 193 70.02 -44.65 -40.67
N SER E 194 68.99 -45.18 -40.01
CA SER E 194 67.62 -44.99 -40.44
C SER E 194 66.72 -44.79 -39.23
N TYR E 195 65.54 -44.21 -39.48
CA TYR E 195 64.53 -44.00 -38.46
C TYR E 195 63.18 -43.92 -39.15
N SER E 196 62.16 -44.54 -38.56
CA SER E 196 60.87 -44.67 -39.23
C SER E 196 59.72 -44.48 -38.25
N CYS E 197 58.66 -43.84 -38.74
CA CYS E 197 57.41 -43.69 -38.01
C CYS E 197 56.38 -44.62 -38.66
N GLN E 198 56.01 -45.69 -37.96
CA GLN E 198 55.09 -46.69 -38.48
C GLN E 198 53.69 -46.43 -37.95
N VAL E 199 52.70 -46.49 -38.84
CA VAL E 199 51.30 -46.30 -38.49
C VAL E 199 50.52 -47.54 -38.88
N THR E 200 49.62 -47.98 -38.00
CA THR E 200 48.82 -49.17 -38.22
C THR E 200 47.34 -48.82 -38.07
N HIS E 201 46.59 -48.96 -39.15
CA HIS E 201 45.15 -48.69 -39.16
C HIS E 201 44.45 -49.94 -39.69
N GLU E 202 43.86 -50.72 -38.78
CA GLU E 202 43.14 -51.95 -39.09
C GLU E 202 44.02 -52.96 -39.83
N GLY E 203 45.33 -52.77 -39.78
CA GLY E 203 46.26 -53.63 -40.50
C GLY E 203 46.72 -52.97 -41.78
N SER E 204 47.93 -52.40 -41.76
CA SER E 204 48.47 -51.70 -42.92
C SER E 204 49.94 -51.41 -42.67
N THR E 205 50.72 -51.45 -43.75
CA THR E 205 52.14 -51.18 -43.70
C THR E 205 52.48 -49.72 -43.97
N VAL E 206 51.55 -48.81 -43.70
CA VAL E 206 51.77 -47.39 -43.96
C VAL E 206 52.86 -46.88 -43.02
N GLU E 207 53.99 -46.45 -43.60
CA GLU E 207 55.13 -46.03 -42.81
C GLU E 207 55.86 -44.92 -43.54
N LYS E 208 56.70 -44.19 -42.80
CA LYS E 208 57.56 -43.15 -43.33
C LYS E 208 58.96 -43.32 -42.77
N THR E 209 59.96 -43.06 -43.59
CA THR E 209 61.36 -43.27 -43.24
C THR E 209 62.12 -41.96 -43.39
N VAL E 210 62.75 -41.52 -42.30
CA VAL E 210 63.58 -40.32 -42.34
C VAL E 210 64.86 -40.57 -41.53
N ALA E 211 66.00 -40.32 -42.16
CA ALA E 211 67.27 -40.10 -41.47
C ALA E 211 68.23 -39.41 -42.43
N PRO E 212 67.92 -38.19 -42.88
CA PRO E 212 68.72 -37.59 -43.96
C PRO E 212 69.93 -36.82 -43.47
N THR E 213 71.07 -37.06 -44.11
CA THR E 213 72.31 -36.35 -43.82
C THR E 213 72.71 -36.45 -42.35
N GLU F 1 8.43 33.34 8.15
CA GLU F 1 8.66 33.48 6.72
C GLU F 1 9.02 32.14 6.08
N VAL F 2 8.43 31.88 4.91
CA VAL F 2 8.67 30.65 4.15
C VAL F 2 8.88 31.04 2.70
N GLN F 3 10.04 30.69 2.16
CA GLN F 3 10.39 30.98 0.76
C GLN F 3 10.41 29.69 -0.04
N LEU F 4 9.95 29.77 -1.29
CA LEU F 4 9.93 28.65 -2.22
C LEU F 4 10.47 29.08 -3.58
N VAL F 5 11.63 29.74 -3.57
CA VAL F 5 12.24 30.19 -4.81
C VAL F 5 12.54 28.98 -5.70
N GLU F 6 12.09 29.05 -6.94
CA GLU F 6 12.24 27.96 -7.89
C GLU F 6 12.89 28.46 -9.17
N SER F 7 13.48 27.53 -9.91
CA SER F 7 14.16 27.84 -11.16
C SER F 7 14.17 26.60 -12.03
N GLY F 8 14.93 26.67 -13.13
CA GLY F 8 15.06 25.55 -14.05
C GLY F 8 14.29 25.66 -15.34
N GLY F 9 13.52 26.72 -15.53
CA GLY F 9 12.75 26.89 -16.75
C GLY F 9 13.63 27.19 -17.95
N GLY F 10 13.02 27.13 -19.13
CA GLY F 10 13.74 27.40 -20.35
C GLY F 10 12.93 26.98 -21.56
N ILE F 11 13.53 27.21 -22.72
CA ILE F 11 12.91 26.87 -24.00
C ILE F 11 13.30 25.46 -24.39
N VAL F 12 12.32 24.62 -24.68
CA VAL F 12 12.54 23.22 -25.03
C VAL F 12 11.77 22.91 -26.30
N GLN F 13 12.41 22.17 -27.22
CA GLN F 13 11.73 21.72 -28.42
C GLN F 13 10.73 20.62 -28.06
N PRO F 14 9.69 20.44 -28.88
CA PRO F 14 8.70 19.39 -28.60
C PRO F 14 9.36 18.02 -28.54
N GLY F 15 8.98 17.25 -27.51
CA GLY F 15 9.54 15.93 -27.29
C GLY F 15 10.84 15.91 -26.51
N GLY F 16 11.37 17.07 -26.12
CA GLY F 16 12.62 17.15 -25.41
C GLY F 16 12.50 16.71 -23.96
N SER F 17 13.46 17.18 -23.16
CA SER F 17 13.50 16.86 -21.73
C SER F 17 14.00 18.08 -20.97
N LEU F 18 13.26 18.46 -19.92
CA LEU F 18 13.60 19.61 -19.10
C LEU F 18 13.46 19.25 -17.63
N ARG F 19 14.30 19.88 -16.80
CA ARG F 19 14.27 19.67 -15.36
C ARG F 19 14.11 21.00 -14.66
N VAL F 20 13.12 21.10 -13.78
CA VAL F 20 12.93 22.26 -12.95
C VAL F 20 13.43 21.96 -11.54
N SER F 21 13.56 23.00 -10.73
CA SER F 21 14.05 22.85 -9.37
C SER F 21 13.32 23.84 -8.47
N CYS F 22 12.95 23.40 -7.28
CA CYS F 22 12.28 24.24 -6.29
C CYS F 22 13.02 24.12 -4.97
N ALA F 23 13.52 25.25 -4.46
CA ALA F 23 14.23 25.28 -3.19
C ALA F 23 13.27 25.73 -2.08
N ALA F 24 13.48 25.18 -0.89
CA ALA F 24 12.65 25.46 0.26
C ALA F 24 13.52 25.90 1.44
N SER F 25 12.99 26.83 2.23
CA SER F 25 13.71 27.32 3.41
C SER F 25 12.69 27.93 4.35
N GLY F 26 12.55 27.35 5.53
CA GLY F 26 11.62 27.87 6.52
C GLY F 26 10.81 26.80 7.20
N PHE F 27 11.03 25.54 6.83
CA PHE F 27 10.28 24.43 7.40
C PHE F 27 11.04 23.14 7.11
N SER F 28 10.47 22.02 7.54
CA SER F 28 11.01 20.70 7.24
C SER F 28 10.33 20.18 5.98
N LEU F 29 11.09 20.11 4.88
CA LEU F 29 10.53 19.68 3.60
C LEU F 29 10.02 18.23 3.65
N SER F 30 10.46 17.44 4.62
CA SER F 30 10.06 16.04 4.68
C SER F 30 8.67 15.87 5.29
N ASP F 31 8.28 16.74 6.22
CA ASP F 31 7.03 16.59 6.95
C ASP F 31 5.87 17.34 6.28
N HIS F 32 5.93 17.55 4.96
CA HIS F 32 4.86 18.23 4.25
C HIS F 32 4.77 17.70 2.82
N TYR F 33 3.55 17.48 2.36
CA TYR F 33 3.34 17.15 0.96
C TYR F 33 3.77 18.30 0.07
N MET F 34 4.22 17.96 -1.14
CA MET F 34 4.65 18.96 -2.12
C MET F 34 4.01 18.64 -3.46
N ASP F 35 3.12 19.52 -3.92
CA ASP F 35 2.44 19.36 -5.19
C ASP F 35 2.95 20.38 -6.20
N TRP F 36 2.52 20.20 -7.46
CA TRP F 36 2.88 21.10 -8.54
C TRP F 36 1.62 21.48 -9.30
N VAL F 37 1.48 22.77 -9.61
CA VAL F 37 0.33 23.31 -10.31
C VAL F 37 0.82 24.20 -11.44
N ARG F 38 0.46 23.86 -12.67
CA ARG F 38 0.82 24.67 -13.83
C ARG F 38 -0.37 25.51 -14.26
N GLN F 39 -0.09 26.49 -15.11
CA GLN F 39 -1.14 27.38 -15.62
C GLN F 39 -0.74 27.87 -16.99
N ALA F 40 -1.50 27.48 -18.01
CA ALA F 40 -1.23 27.94 -19.36
C ALA F 40 -1.45 29.46 -19.45
N PRO F 41 -0.77 30.14 -20.37
CA PRO F 41 -0.94 31.59 -20.49
C PRO F 41 -2.38 31.96 -20.85
N GLY F 42 -3.00 32.75 -19.97
CA GLY F 42 -4.37 33.18 -20.15
C GLY F 42 -5.42 32.24 -19.58
N ARG F 43 -5.07 30.99 -19.34
CA ARG F 43 -5.99 30.00 -18.86
C ARG F 43 -5.89 29.88 -17.33
N GLY F 44 -6.56 28.88 -16.77
CA GLY F 44 -6.60 28.68 -15.34
C GLY F 44 -5.58 27.68 -14.85
N LEU F 45 -5.68 27.35 -13.57
CA LEU F 45 -4.75 26.44 -12.92
C LEU F 45 -5.08 24.99 -13.27
N GLU F 46 -4.05 24.15 -13.19
CA GLU F 46 -4.22 22.73 -13.45
C GLU F 46 -3.28 21.95 -12.54
N TRP F 47 -3.85 21.01 -11.78
CA TRP F 47 -3.07 20.24 -10.82
C TRP F 47 -2.23 19.19 -11.56
N VAL F 48 -0.93 19.17 -11.28
CA VAL F 48 0.00 18.35 -12.08
C VAL F 48 0.41 17.09 -11.33
N GLY F 49 1.09 17.25 -10.20
CA GLY F 49 1.66 16.11 -9.50
C GLY F 49 1.73 16.34 -8.02
N ARG F 50 2.30 15.36 -7.32
CA ARG F 50 2.38 15.39 -5.86
C ARG F 50 3.49 14.48 -5.37
N SER F 51 4.30 14.97 -4.44
CA SER F 51 5.25 14.18 -3.70
C SER F 51 4.76 14.05 -2.26
N ARG F 52 4.62 12.83 -1.78
CA ARG F 52 3.95 12.58 -0.50
C ARG F 52 4.87 12.94 0.67
N ASN F 53 4.42 12.61 1.86
CA ASN F 53 5.04 13.01 3.11
C ASN F 53 6.08 11.99 3.57
N LYS F 54 6.83 12.35 4.61
CA LYS F 54 7.77 11.41 5.22
C LYS F 54 7.04 10.21 5.80
N GLU F 55 5.90 10.45 6.44
CA GLU F 55 5.09 9.34 6.94
C GLU F 55 4.60 8.45 5.80
N ASN F 56 4.48 9.01 4.61
CA ASN F 56 4.02 8.27 3.45
C ASN F 56 5.15 7.74 2.59
N SER F 57 6.40 7.97 2.98
CA SER F 57 7.58 7.38 2.35
C SER F 57 7.76 7.84 0.89
N PHE F 58 7.39 9.08 0.60
CA PHE F 58 7.81 9.79 -0.62
C PHE F 58 7.42 9.01 -1.88
N THR F 59 6.12 8.88 -2.09
CA THR F 59 5.58 8.33 -3.33
C THR F 59 4.89 9.41 -4.13
N THR F 60 4.80 9.20 -5.44
CA THR F 60 4.34 10.21 -6.37
C THR F 60 2.99 9.84 -6.98
N GLU F 61 2.31 10.85 -7.51
CA GLU F 61 1.03 10.69 -8.18
C GLU F 61 0.78 11.90 -9.06
N PHE F 62 0.35 11.67 -10.30
CA PHE F 62 0.20 12.74 -11.27
C PHE F 62 -1.19 12.68 -11.90
N ALA F 63 -1.57 13.78 -12.57
CA ALA F 63 -2.85 13.84 -13.26
C ALA F 63 -2.83 12.92 -14.49
N ALA F 64 -4.02 12.73 -15.07
CA ALA F 64 -4.17 11.77 -16.16
C ALA F 64 -3.48 12.21 -17.45
N SER F 65 -3.21 13.51 -17.61
CA SER F 65 -2.63 14.02 -18.85
C SER F 65 -1.11 14.15 -18.80
N VAL F 66 -0.49 13.92 -17.64
CA VAL F 66 0.95 14.08 -17.53
C VAL F 66 1.57 12.90 -16.78
N ARG F 67 0.74 11.91 -16.46
CA ARG F 67 1.17 10.86 -15.53
C ARG F 67 2.35 10.07 -16.09
N ARG F 68 2.20 9.52 -17.30
CA ARG F 68 3.20 8.64 -17.86
C ARG F 68 4.47 9.34 -18.31
N ARG F 69 4.56 10.68 -18.20
CA ARG F 69 5.69 11.44 -18.73
C ARG F 69 6.60 11.99 -17.66
N PHE F 70 6.06 12.61 -16.61
CA PHE F 70 6.88 13.35 -15.67
C PHE F 70 7.40 12.45 -14.56
N THR F 71 8.36 12.98 -13.80
CA THR F 71 8.99 12.27 -12.69
C THR F 71 9.40 13.28 -11.64
N ILE F 72 9.11 12.96 -10.38
CA ILE F 72 9.43 13.84 -9.25
C ILE F 72 10.53 13.18 -8.42
N SER F 73 11.59 13.94 -8.14
CA SER F 73 12.70 13.49 -7.32
C SER F 73 12.86 14.43 -6.13
N ARG F 74 13.03 13.87 -4.94
CA ARG F 74 13.10 14.65 -3.71
C ARG F 74 14.50 14.54 -3.11
N ASP F 75 15.08 15.67 -2.75
CA ASP F 75 16.44 15.68 -2.18
C ASP F 75 16.25 16.23 -0.78
N ASP F 76 16.55 15.50 0.28
CA ASP F 76 16.10 16.09 1.57
C ASP F 76 17.19 16.75 2.41
N SER F 77 18.30 16.06 2.68
CA SER F 77 19.36 16.61 3.58
C SER F 77 19.66 18.04 3.14
N ASN F 78 19.78 18.23 1.83
CA ASN F 78 19.87 19.57 1.27
C ASN F 78 18.54 19.87 0.59
N SER F 79 17.85 20.91 1.06
CA SER F 79 16.47 21.17 0.64
C SER F 79 16.40 21.43 -0.86
N LEU F 80 15.83 20.48 -1.60
CA LEU F 80 15.71 20.57 -3.04
C LEU F 80 14.61 19.63 -3.51
N LEU F 81 13.92 20.04 -4.56
CA LEU F 81 12.84 19.23 -5.13
C LEU F 81 12.80 19.48 -6.63
N HIS F 82 12.95 18.43 -7.42
CA HIS F 82 12.94 18.52 -8.87
C HIS F 82 11.73 17.81 -9.44
N LEU F 83 11.28 18.27 -10.60
CA LEU F 83 10.20 17.64 -11.35
C LEU F 83 10.69 17.45 -12.78
N GLN F 84 11.32 16.31 -13.04
CA GLN F 84 11.88 16.05 -14.36
C GLN F 84 10.78 15.82 -15.37
N MET F 85 10.87 16.49 -16.51
CA MET F 85 9.87 16.43 -17.57
C MET F 85 10.44 15.71 -18.78
N ASN F 86 9.72 14.69 -19.25
CA ASN F 86 10.15 13.88 -20.38
C ASN F 86 9.06 13.88 -21.44
N ASN F 87 9.47 13.93 -22.70
CA ASN F 87 8.55 13.92 -23.85
C ASN F 87 7.55 15.07 -23.74
N LEU F 88 8.08 16.29 -23.79
CA LEU F 88 7.25 17.49 -23.68
C LEU F 88 6.44 17.70 -24.95
N LYS F 89 5.15 17.94 -24.79
CA LYS F 89 4.27 18.29 -25.90
C LYS F 89 3.95 19.78 -25.87
N SER F 90 3.33 20.25 -26.95
CA SER F 90 3.02 21.67 -27.09
C SER F 90 2.00 22.17 -26.07
N GLU F 91 1.31 21.27 -25.37
CA GLU F 91 0.34 21.69 -24.37
C GLU F 91 0.97 21.98 -23.01
N ASP F 92 2.21 21.57 -22.78
CA ASP F 92 2.87 21.81 -21.51
C ASP F 92 3.39 23.23 -21.36
N THR F 93 3.17 24.10 -22.35
CA THR F 93 3.59 25.50 -22.24
C THR F 93 2.73 26.17 -21.18
N ALA F 94 3.30 26.37 -19.99
CA ALA F 94 2.56 26.89 -18.86
C ALA F 94 3.55 27.39 -17.82
N VAL F 95 3.01 28.09 -16.82
CA VAL F 95 3.79 28.58 -15.69
C VAL F 95 3.64 27.56 -14.58
N TYR F 96 4.69 26.77 -14.36
CA TYR F 96 4.66 25.74 -13.33
C TYR F 96 4.98 26.35 -11.97
N PHE F 97 4.11 26.10 -10.99
CA PHE F 97 4.27 26.63 -9.65
C PHE F 97 4.69 25.53 -8.68
N CYS F 98 5.49 25.92 -7.69
CA CYS F 98 5.89 25.04 -6.61
C CYS F 98 4.96 25.28 -5.43
N ALA F 99 4.32 24.21 -4.94
CA ALA F 99 3.28 24.33 -3.94
C ALA F 99 3.59 23.47 -2.72
N ARG F 100 3.37 24.03 -1.54
CA ARG F 100 3.49 23.29 -0.28
C ARG F 100 2.10 22.94 0.23
N VAL F 101 1.92 21.69 0.64
CA VAL F 101 0.62 21.17 1.05
C VAL F 101 0.66 20.83 2.53
N GLY F 102 -0.37 21.23 3.26
CA GLY F 102 -0.48 20.91 4.67
C GLY F 102 -1.89 20.48 5.02
N TYR F 103 -1.98 19.57 5.99
CA TYR F 103 -3.26 19.05 6.46
C TYR F 103 -3.65 19.74 7.76
N TYR F 104 -4.94 20.00 7.91
CA TYR F 104 -5.41 20.67 9.12
C TYR F 104 -5.91 19.69 10.18
N ASP F 105 -6.91 18.89 9.84
CA ASP F 105 -7.44 17.89 10.78
C ASP F 105 -6.70 16.57 10.58
N LEU F 106 -5.45 16.56 11.03
CA LEU F 106 -4.59 15.40 10.81
C LEU F 106 -5.01 14.20 11.65
N TRP F 107 -5.61 14.45 12.81
CA TRP F 107 -6.06 13.35 13.67
C TRP F 107 -7.17 12.53 13.02
N SER F 108 -7.76 13.00 11.92
CA SER F 108 -8.79 12.24 11.22
C SER F 108 -8.25 11.45 10.04
N GLY F 109 -6.95 11.51 9.79
CA GLY F 109 -6.35 10.78 8.69
C GLY F 109 -6.14 11.66 7.47
N TYR F 110 -5.60 11.03 6.43
CA TYR F 110 -5.32 11.70 5.16
C TYR F 110 -6.43 11.34 4.18
N SER F 111 -7.51 12.13 4.17
CA SER F 111 -8.56 11.89 3.19
C SER F 111 -8.70 13.04 2.20
N GLY F 112 -9.05 14.22 2.67
CA GLY F 112 -9.12 15.38 1.81
C GLY F 112 -8.82 16.64 2.60
N ASN F 113 -8.42 16.44 3.85
CA ASN F 113 -8.24 17.53 4.78
C ASN F 113 -6.91 18.23 4.58
N TRP F 114 -6.61 18.62 3.34
CA TRP F 114 -5.36 19.28 3.02
C TRP F 114 -5.65 20.56 2.24
N TYR F 115 -4.61 21.35 2.04
CA TYR F 115 -4.72 22.61 1.30
C TYR F 115 -3.36 22.94 0.73
N ILE F 116 -3.26 24.12 0.11
CA ILE F 116 -2.01 24.64 -0.43
C ILE F 116 -1.87 26.07 0.08
N ASP F 117 -0.93 26.28 0.99
CA ASP F 117 -0.77 27.57 1.66
C ASP F 117 0.32 28.44 1.04
N VAL F 118 1.49 27.87 0.76
CA VAL F 118 2.62 28.61 0.22
C VAL F 118 2.84 28.21 -1.24
N TRP F 119 2.85 29.21 -2.12
CA TRP F 119 3.07 29.00 -3.54
C TRP F 119 4.42 29.56 -3.95
N GLY F 120 5.14 28.82 -4.79
CA GLY F 120 6.41 29.29 -5.28
C GLY F 120 6.26 30.48 -6.21
N ARG F 121 7.40 31.05 -6.60
CA ARG F 121 7.39 32.19 -7.51
C ARG F 121 6.95 31.81 -8.91
N GLY F 122 7.03 30.51 -9.26
CA GLY F 122 6.58 30.05 -10.55
C GLY F 122 7.66 30.07 -11.62
N THR F 123 7.86 28.95 -12.29
CA THR F 123 8.82 28.85 -13.38
C THR F 123 8.09 28.71 -14.71
N LEU F 124 8.75 29.13 -15.78
CA LEU F 124 8.18 29.14 -17.12
C LEU F 124 8.76 28.01 -17.94
N VAL F 125 7.89 27.26 -18.62
CA VAL F 125 8.31 26.21 -19.54
C VAL F 125 7.59 26.43 -20.86
N ILE F 126 8.35 26.72 -21.91
CA ILE F 126 7.79 27.00 -23.23
C ILE F 126 8.20 25.87 -24.16
N VAL F 127 7.22 25.22 -24.77
CA VAL F 127 7.45 24.09 -25.68
C VAL F 127 7.12 24.57 -27.08
N SER F 128 8.15 24.86 -27.87
CA SER F 128 7.96 25.28 -29.25
C SER F 128 9.15 24.82 -30.08
N SER F 129 8.91 24.71 -31.39
CA SER F 129 9.91 24.22 -32.33
C SER F 129 10.55 25.34 -33.14
N ALA F 130 10.30 26.59 -32.81
CA ALA F 130 10.87 27.72 -33.53
C ALA F 130 12.23 28.08 -32.92
N SER F 131 12.79 29.20 -33.34
CA SER F 131 14.08 29.67 -32.85
C SER F 131 14.08 31.19 -32.83
N THR F 132 15.22 31.77 -32.50
CA THR F 132 15.33 33.23 -32.41
C THR F 132 15.15 33.86 -33.78
N LYS F 133 14.29 34.87 -33.87
CA LYS F 133 14.01 35.56 -35.12
C LYS F 133 13.74 37.03 -34.84
N GLY F 134 14.39 37.90 -35.60
CA GLY F 134 14.16 39.32 -35.48
C GLY F 134 12.78 39.71 -35.94
N PRO F 135 12.11 40.56 -35.15
CA PRO F 135 10.74 40.96 -35.50
C PRO F 135 10.73 41.89 -36.71
N SER F 136 9.78 41.63 -37.61
CA SER F 136 9.58 42.48 -38.78
C SER F 136 8.54 43.55 -38.43
N VAL F 137 8.99 44.77 -38.22
CA VAL F 137 8.12 45.86 -37.78
C VAL F 137 7.39 46.44 -38.98
N PHE F 138 6.08 46.62 -38.86
CA PHE F 138 5.26 47.23 -39.90
C PHE F 138 4.51 48.40 -39.30
N PRO F 139 4.62 49.60 -39.86
CA PRO F 139 3.91 50.75 -39.30
C PRO F 139 2.45 50.76 -39.73
N LEU F 140 1.55 50.91 -38.76
CA LEU F 140 0.13 51.09 -39.03
C LEU F 140 -0.14 52.55 -39.32
N ALA F 141 -0.43 52.86 -40.59
CA ALA F 141 -0.52 54.25 -41.02
C ALA F 141 -1.71 54.95 -40.37
N PRO F 142 -1.56 56.21 -39.97
CA PRO F 142 -2.69 56.97 -39.45
C PRO F 142 -3.57 57.50 -40.58
N SER F 143 -4.50 56.66 -41.05
CA SER F 143 -5.29 56.99 -42.23
C SER F 143 -6.09 58.28 -42.03
N SER F 144 -6.38 58.94 -43.15
CA SER F 144 -7.11 60.21 -43.11
C SER F 144 -8.55 60.04 -42.64
N LYS F 145 -9.06 58.82 -42.63
CA LYS F 145 -10.42 58.55 -42.17
C LYS F 145 -10.49 58.34 -40.65
N SER F 146 -9.39 58.55 -39.94
CA SER F 146 -9.34 58.32 -38.50
C SER F 146 -9.53 59.65 -37.76
N THR F 147 -10.75 60.18 -37.90
CA THR F 147 -11.11 61.41 -37.20
C THR F 147 -11.37 61.13 -35.71
N SER F 148 -12.32 60.24 -35.43
CA SER F 148 -12.60 59.78 -34.07
C SER F 148 -12.82 60.94 -33.10
N GLY F 149 -13.49 61.97 -33.58
CA GLY F 149 -13.76 63.14 -32.75
C GLY F 149 -12.56 63.98 -32.42
N GLY F 150 -11.51 63.91 -33.23
CA GLY F 150 -10.32 64.70 -33.02
C GLY F 150 -9.08 63.95 -32.57
N THR F 151 -9.04 62.63 -32.74
CA THR F 151 -7.88 61.82 -32.37
C THR F 151 -7.55 60.85 -33.48
N ALA F 152 -6.26 60.64 -33.72
CA ALA F 152 -5.79 59.78 -34.80
C ALA F 152 -5.35 58.40 -34.32
N ALA F 153 -4.53 58.35 -33.26
CA ALA F 153 -4.08 57.11 -32.64
C ALA F 153 -3.33 56.22 -33.64
N LEU F 154 -2.18 56.72 -34.07
CA LEU F 154 -1.28 55.94 -34.91
C LEU F 154 -0.66 54.79 -34.11
N GLY F 155 -0.12 53.81 -34.82
CA GLY F 155 0.46 52.66 -34.18
C GLY F 155 1.45 51.94 -35.06
N CYS F 156 2.14 50.96 -34.46
CA CYS F 156 3.09 50.11 -35.13
C CYS F 156 2.76 48.65 -34.85
N LEU F 157 2.87 47.82 -35.87
CA LEU F 157 2.51 46.40 -35.79
C LEU F 157 3.79 45.57 -35.80
N VAL F 158 4.12 44.97 -34.65
CA VAL F 158 5.21 44.02 -34.57
C VAL F 158 4.69 42.67 -35.05
N LYS F 159 5.23 42.18 -36.17
CA LYS F 159 4.70 41.01 -36.86
C LYS F 159 5.75 39.91 -36.89
N ASP F 160 5.32 38.68 -36.55
CA ASP F 160 6.11 37.46 -36.74
C ASP F 160 7.44 37.51 -36.00
N TYR F 161 7.34 37.53 -34.67
CA TYR F 161 8.51 37.40 -33.80
C TYR F 161 8.31 36.22 -32.85
N PHE F 162 9.29 35.31 -32.81
CA PHE F 162 9.25 34.23 -31.83
C PHE F 162 9.81 34.62 -30.46
N PRO F 163 11.01 35.28 -30.37
CA PRO F 163 11.58 35.58 -29.04
C PRO F 163 10.57 36.23 -28.10
N GLU F 164 10.28 35.56 -26.98
CA GLU F 164 9.06 35.73 -26.21
C GLU F 164 8.75 37.20 -25.88
N PRO F 165 9.60 37.93 -25.11
CA PRO F 165 9.20 39.28 -24.70
C PRO F 165 9.73 40.38 -25.61
N VAL F 166 8.92 41.42 -25.84
CA VAL F 166 9.35 42.64 -26.51
C VAL F 166 8.80 43.82 -25.73
N THR F 167 9.56 44.91 -25.72
CA THR F 167 9.09 46.17 -25.18
C THR F 167 9.12 47.24 -26.28
N VAL F 168 8.18 48.18 -26.20
CA VAL F 168 8.05 49.21 -27.22
C VAL F 168 7.82 50.56 -26.55
N SER F 169 8.20 51.61 -27.26
CA SER F 169 7.99 52.98 -26.79
C SER F 169 7.79 53.88 -28.00
N TRP F 170 7.40 55.12 -27.73
CA TRP F 170 7.14 56.11 -28.77
C TRP F 170 7.94 57.37 -28.49
N ASN F 171 8.70 57.82 -29.48
CA ASN F 171 9.53 59.02 -29.36
C ASN F 171 10.52 58.89 -28.20
N SER F 172 11.12 57.71 -28.08
CA SER F 172 12.09 57.43 -27.01
C SER F 172 11.47 57.61 -25.62
N GLY F 173 10.20 57.21 -25.49
CA GLY F 173 9.52 57.29 -24.21
C GLY F 173 8.90 58.62 -23.89
N VAL F 174 8.98 59.60 -24.79
CA VAL F 174 8.39 60.92 -24.53
C VAL F 174 6.86 60.82 -24.48
N LEU F 175 6.28 60.10 -25.44
CA LEU F 175 4.83 60.00 -25.55
C LEU F 175 4.36 58.76 -24.79
N THR F 176 3.71 58.98 -23.64
CA THR F 176 3.20 57.88 -22.82
C THR F 176 1.70 57.95 -22.55
N SER F 177 1.06 59.11 -22.77
CA SER F 177 -0.37 59.23 -22.57
C SER F 177 -1.12 58.67 -23.77
N GLY F 178 -2.04 57.74 -23.51
CA GLY F 178 -2.78 57.08 -24.57
C GLY F 178 -2.11 55.85 -25.15
N VAL F 179 -0.94 55.46 -24.62
CA VAL F 179 -0.25 54.28 -25.12
C VAL F 179 -0.99 53.03 -24.64
N HIS F 180 -1.39 52.18 -25.60
CA HIS F 180 -2.07 50.92 -25.31
C HIS F 180 -1.30 49.79 -26.00
N THR F 181 -0.30 49.27 -25.31
CA THR F 181 0.48 48.14 -25.83
C THR F 181 -0.29 46.86 -25.57
N PHE F 182 -0.82 46.26 -26.63
CA PHE F 182 -1.61 45.05 -26.50
C PHE F 182 -0.72 43.84 -26.20
N PRO F 183 -1.25 42.84 -25.50
CA PRO F 183 -0.47 41.62 -25.25
C PRO F 183 -0.26 40.84 -26.54
N ALA F 184 0.77 40.00 -26.51
CA ALA F 184 1.12 39.20 -27.67
C ALA F 184 0.05 38.13 -27.92
N VAL F 185 -0.04 37.71 -29.18
CA VAL F 185 -0.94 36.64 -29.60
C VAL F 185 -0.17 35.66 -30.45
N LEU F 186 -0.09 34.41 -30.01
CA LEU F 186 0.63 33.37 -30.74
C LEU F 186 -0.15 32.99 -31.99
N GLN F 187 0.36 33.35 -33.15
CA GLN F 187 -0.34 33.07 -34.40
C GLN F 187 -0.25 31.58 -34.74
N SER F 188 -0.94 31.19 -35.81
CA SER F 188 -0.91 29.81 -36.28
C SER F 188 0.46 29.42 -36.81
N SER F 189 1.28 30.39 -37.20
CA SER F 189 2.63 30.13 -37.69
C SER F 189 3.62 29.85 -36.58
N GLY F 190 3.20 29.93 -35.32
CA GLY F 190 4.08 29.69 -34.20
C GLY F 190 4.87 30.90 -33.74
N LEU F 191 4.59 32.08 -34.29
CA LEU F 191 5.30 33.30 -33.95
C LEU F 191 4.33 34.33 -33.41
N TYR F 192 4.69 34.96 -32.31
CA TYR F 192 3.84 36.00 -31.73
C TYR F 192 3.85 37.25 -32.60
N SER F 193 2.80 38.06 -32.47
CA SER F 193 2.74 39.33 -33.18
C SER F 193 1.79 40.24 -32.41
N LEU F 194 2.34 41.19 -31.66
CA LEU F 194 1.54 42.14 -30.91
C LEU F 194 1.42 43.45 -31.68
N SER F 195 0.78 44.44 -31.06
CA SER F 195 0.59 45.74 -31.68
C SER F 195 0.48 46.80 -30.59
N SER F 196 1.10 47.95 -30.82
CA SER F 196 1.10 49.06 -29.90
C SER F 196 0.43 50.26 -30.55
N VAL F 197 -0.34 51.01 -29.77
CA VAL F 197 -1.09 52.17 -30.25
C VAL F 197 -0.99 53.28 -29.22
N VAL F 198 -0.77 54.50 -29.69
CA VAL F 198 -0.78 55.70 -28.84
C VAL F 198 -1.70 56.73 -29.49
N THR F 199 -2.61 57.30 -28.70
CA THR F 199 -3.61 58.22 -29.23
C THR F 199 -3.02 59.62 -29.34
N VAL F 200 -3.27 60.28 -30.46
CA VAL F 200 -2.77 61.64 -30.70
C VAL F 200 -3.86 62.44 -31.40
N PRO F 201 -3.87 63.76 -31.18
CA PRO F 201 -4.88 64.62 -31.80
C PRO F 201 -4.81 64.57 -33.32
N SER F 202 -5.96 64.81 -33.95
CA SER F 202 -6.05 64.74 -35.41
C SER F 202 -5.56 66.02 -36.08
N SER F 203 -5.69 67.16 -35.41
CA SER F 203 -5.18 68.41 -35.97
C SER F 203 -3.66 68.52 -35.89
N SER F 204 -3.00 67.60 -35.20
CA SER F 204 -1.55 67.55 -35.10
C SER F 204 -0.91 66.67 -36.17
N LEU F 205 -1.71 66.16 -37.11
CA LEU F 205 -1.20 65.32 -38.20
C LEU F 205 -0.51 66.22 -39.22
N GLY F 206 0.82 66.19 -39.23
CA GLY F 206 1.60 67.03 -40.12
C GLY F 206 2.59 67.89 -39.37
N THR F 207 2.20 68.40 -38.21
CA THR F 207 3.10 69.19 -37.39
C THR F 207 4.05 68.30 -36.59
N GLN F 208 3.49 67.42 -35.77
CA GLN F 208 4.31 66.51 -34.98
C GLN F 208 4.67 65.27 -35.79
N THR F 209 5.86 64.74 -35.52
CA THR F 209 6.35 63.52 -36.13
C THR F 209 6.47 62.45 -35.06
N TYR F 210 5.83 61.30 -35.26
CA TYR F 210 5.79 60.23 -34.28
C TYR F 210 6.51 59.01 -34.82
N ILE F 211 7.45 58.48 -34.03
CA ILE F 211 8.24 57.31 -34.40
C ILE F 211 8.18 56.31 -33.25
N CYS F 212 7.92 55.05 -33.58
CA CYS F 212 7.87 53.99 -32.58
C CYS F 212 9.24 53.32 -32.46
N ASN F 213 9.60 52.99 -31.21
CA ASN F 213 10.89 52.40 -30.90
C ASN F 213 10.67 50.95 -30.48
N VAL F 214 10.91 50.02 -31.41
CA VAL F 214 10.73 48.59 -31.13
C VAL F 214 12.07 48.08 -30.62
N ASN F 215 12.28 48.25 -29.32
CA ASN F 215 13.49 47.75 -28.69
C ASN F 215 13.32 46.28 -28.33
N HIS F 216 14.30 45.46 -28.71
CA HIS F 216 14.21 44.01 -28.53
C HIS F 216 15.58 43.48 -28.17
N LYS F 217 15.75 43.03 -26.92
CA LYS F 217 16.99 42.48 -26.40
C LYS F 217 17.25 41.02 -26.77
N PRO F 218 16.24 40.13 -26.74
CA PRO F 218 16.52 38.71 -27.06
C PRO F 218 17.27 38.49 -28.36
N SER F 219 16.76 39.00 -29.49
CA SER F 219 17.45 38.90 -30.76
C SER F 219 18.34 40.11 -31.03
N ASN F 220 18.65 40.90 -30.01
CA ASN F 220 19.41 42.15 -30.09
C ASN F 220 19.04 42.94 -31.34
N THR F 221 17.75 43.24 -31.46
CA THR F 221 17.19 43.96 -32.59
C THR F 221 16.56 45.26 -32.10
N LYS F 222 16.93 46.37 -32.71
CA LYS F 222 16.32 47.66 -32.40
C LYS F 222 15.99 48.37 -33.70
N VAL F 223 14.71 48.74 -33.86
CA VAL F 223 14.24 49.42 -35.06
C VAL F 223 13.53 50.70 -34.64
N ASP F 224 13.57 51.70 -35.52
CA ASP F 224 12.88 52.98 -35.32
C ASP F 224 12.08 53.24 -36.59
N LYS F 225 10.82 52.79 -36.60
CA LYS F 225 9.98 52.86 -37.78
C LYS F 225 9.17 54.14 -37.75
N LYS F 226 9.27 54.94 -38.81
CA LYS F 226 8.51 56.17 -38.94
C LYS F 226 7.15 55.89 -39.56
N VAL F 227 6.12 56.52 -39.00
CA VAL F 227 4.74 56.30 -39.42
C VAL F 227 4.26 57.52 -40.19
N GLU F 228 3.66 57.29 -41.36
CA GLU F 228 3.14 58.34 -42.21
C GLU F 228 1.76 57.94 -42.71
N PRO F 229 0.88 58.92 -42.92
CA PRO F 229 -0.48 58.60 -43.39
C PRO F 229 -0.47 58.07 -44.82
N LYS F 230 -1.54 57.37 -45.16
CA LYS F 230 -1.72 56.81 -46.49
C LYS F 230 -2.33 57.84 -47.45
N ASP G 1 -10.94 14.21 -11.57
CA ASP G 1 -12.09 13.39 -11.94
C ASP G 1 -13.38 14.21 -11.79
N ILE G 2 -13.45 14.99 -10.72
CA ILE G 2 -14.55 15.92 -10.51
C ILE G 2 -14.24 17.21 -11.25
N GLN G 3 -15.26 17.83 -11.84
CA GLN G 3 -15.12 19.08 -12.56
C GLN G 3 -15.71 20.23 -11.76
N MET G 4 -15.02 21.37 -11.77
CA MET G 4 -15.46 22.56 -11.08
C MET G 4 -16.04 23.56 -12.07
N THR G 5 -17.18 24.14 -11.73
CA THR G 5 -17.86 25.12 -12.58
C THR G 5 -18.10 26.38 -11.78
N GLN G 6 -17.32 27.43 -12.05
CA GLN G 6 -17.49 28.68 -11.33
C GLN G 6 -18.45 29.60 -12.08
N SER G 7 -19.04 30.54 -11.34
CA SER G 7 -19.98 31.49 -11.89
C SER G 7 -19.94 32.75 -11.04
N PRO G 8 -19.95 33.95 -11.66
CA PRO G 8 -19.96 34.12 -13.11
C PRO G 8 -18.55 34.13 -13.70
N SER G 9 -18.46 34.21 -15.03
CA SER G 9 -17.16 34.29 -15.67
C SER G 9 -16.46 35.60 -15.33
N SER G 10 -17.19 36.71 -15.42
CA SER G 10 -16.65 38.03 -15.09
C SER G 10 -17.57 38.71 -14.10
N LEU G 11 -16.99 39.60 -13.29
CA LEU G 11 -17.73 40.28 -12.24
C LEU G 11 -17.15 41.67 -12.05
N SER G 12 -18.02 42.66 -11.94
CA SER G 12 -17.64 44.06 -11.80
C SER G 12 -18.25 44.64 -10.54
N ALA G 13 -17.44 45.34 -9.74
CA ALA G 13 -17.92 45.92 -8.50
C ALA G 13 -16.95 47.01 -8.07
N SER G 14 -17.51 48.11 -7.57
CA SER G 14 -16.70 49.23 -7.10
C SER G 14 -16.38 49.04 -5.62
N LEU G 15 -15.74 50.03 -5.01
CA LEU G 15 -15.34 49.92 -3.61
C LEU G 15 -16.57 49.92 -2.71
N GLY G 16 -16.55 49.03 -1.72
CA GLY G 16 -17.66 48.90 -0.79
C GLY G 16 -18.74 47.93 -1.22
N ASP G 17 -18.64 47.34 -2.40
CA ASP G 17 -19.65 46.42 -2.88
C ASP G 17 -19.57 45.08 -2.15
N SER G 18 -20.62 44.29 -2.29
CA SER G 18 -20.71 42.97 -1.69
C SER G 18 -20.89 41.95 -2.80
N VAL G 19 -19.83 41.21 -3.11
CA VAL G 19 -19.84 40.25 -4.20
C VAL G 19 -20.00 38.85 -3.65
N THR G 20 -20.41 37.92 -4.51
CA THR G 20 -20.56 36.52 -4.15
C THR G 20 -20.14 35.68 -5.35
N ILE G 21 -19.25 34.71 -5.11
CA ILE G 21 -18.66 33.89 -6.16
C ILE G 21 -19.13 32.45 -5.95
N THR G 22 -19.89 31.93 -6.90
CA THR G 22 -20.46 30.59 -6.80
C THR G 22 -19.54 29.57 -7.46
N CYS G 23 -19.36 28.44 -6.81
CA CYS G 23 -18.54 27.34 -7.30
C CYS G 23 -19.40 26.08 -7.31
N ARG G 24 -19.72 25.59 -8.51
CA ARG G 24 -20.58 24.42 -8.66
C ARG G 24 -19.72 23.16 -8.79
N ALA G 25 -20.00 22.18 -7.94
CA ALA G 25 -19.27 20.92 -7.96
C ALA G 25 -19.98 19.90 -8.85
N SER G 26 -19.19 18.98 -9.40
CA SER G 26 -19.75 17.97 -10.29
C SER G 26 -20.61 16.97 -9.52
N GLN G 27 -20.02 16.27 -8.55
CA GLN G 27 -20.76 15.34 -7.72
C GLN G 27 -20.61 15.76 -6.25
N THR G 28 -21.13 14.92 -5.35
CA THR G 28 -21.19 15.26 -3.94
C THR G 28 -19.80 15.18 -3.32
N MET G 29 -19.22 16.34 -3.00
CA MET G 29 -17.96 16.43 -2.26
C MET G 29 -18.22 17.34 -1.07
N SER G 30 -18.45 16.74 0.10
CA SER G 30 -18.88 17.50 1.26
C SER G 30 -17.72 18.32 1.82
N ASN G 31 -17.82 19.64 1.69
CA ASN G 31 -16.99 20.65 2.33
C ASN G 31 -15.50 20.51 2.03
N PHE G 32 -15.11 19.65 1.08
CA PHE G 32 -13.71 19.53 0.70
C PHE G 32 -13.37 20.50 -0.43
N LEU G 33 -13.67 21.79 -0.24
CA LEU G 33 -13.47 22.79 -1.28
C LEU G 33 -12.68 23.96 -0.71
N ASN G 34 -11.56 24.29 -1.36
CA ASN G 34 -10.70 25.38 -0.94
C ASN G 34 -10.79 26.54 -1.92
N TRP G 35 -10.38 27.72 -1.46
CA TRP G 35 -10.38 28.91 -2.29
C TRP G 35 -9.00 29.55 -2.30
N TYR G 36 -8.61 30.10 -3.45
CA TYR G 36 -7.35 30.82 -3.60
C TYR G 36 -7.58 32.06 -4.44
N GLN G 37 -6.75 33.08 -4.21
CA GLN G 37 -6.76 34.29 -5.02
C GLN G 37 -5.40 34.46 -5.67
N GLN G 38 -5.40 34.96 -6.91
CA GLN G 38 -4.17 35.18 -7.65
C GLN G 38 -4.27 36.52 -8.36
N LYS G 39 -3.39 37.44 -8.01
CA LYS G 39 -3.34 38.72 -8.70
C LYS G 39 -2.56 38.58 -10.00
N PRO G 40 -2.93 39.33 -11.03
CA PRO G 40 -2.20 39.23 -12.31
C PRO G 40 -0.72 39.55 -12.17
N GLY G 41 0.14 38.55 -12.38
CA GLY G 41 1.56 38.72 -12.26
C GLY G 41 2.19 38.14 -11.01
N LYS G 42 1.40 37.56 -10.12
CA LYS G 42 1.90 37.00 -8.86
C LYS G 42 1.35 35.59 -8.68
N ALA G 43 1.89 34.91 -7.68
CA ALA G 43 1.48 33.54 -7.36
C ALA G 43 0.13 33.53 -6.65
N PRO G 44 -0.57 32.41 -6.67
CA PRO G 44 -1.82 32.31 -5.91
C PRO G 44 -1.61 32.51 -4.42
N LYS G 45 -2.65 33.00 -3.75
CA LYS G 45 -2.63 33.29 -2.33
C LYS G 45 -3.70 32.45 -1.63
N PHE G 46 -3.30 31.73 -0.59
CA PHE G 46 -4.23 30.89 0.15
C PHE G 46 -5.25 31.74 0.89
N LEU G 47 -6.54 31.43 0.70
CA LEU G 47 -7.61 32.15 1.37
C LEU G 47 -8.42 31.29 2.32
N ILE G 48 -8.99 30.18 1.83
CA ILE G 48 -9.99 29.42 2.60
C ILE G 48 -9.77 27.93 2.38
N TYR G 49 -9.80 27.16 3.47
CA TYR G 49 -9.83 25.72 3.43
C TYR G 49 -11.10 25.22 4.12
N ALA G 50 -11.52 24.01 3.76
CA ALA G 50 -12.73 23.38 4.29
C ALA G 50 -13.99 24.21 4.01
N ALA G 51 -13.91 25.12 3.04
CA ALA G 51 -15.04 25.83 2.45
C ALA G 51 -15.65 26.88 3.37
N SER G 52 -15.22 26.92 4.63
CA SER G 52 -15.69 27.95 5.56
C SER G 52 -14.58 28.51 6.46
N ARG G 53 -13.44 27.86 6.56
CA ARG G 53 -12.38 28.26 7.49
C ARG G 53 -11.33 29.07 6.74
N LEU G 54 -10.76 30.05 7.44
CA LEU G 54 -9.81 30.98 6.83
C LEU G 54 -8.42 30.75 7.38
N GLN G 55 -7.42 30.99 6.53
CA GLN G 55 -6.03 30.94 6.97
C GLN G 55 -5.70 32.17 7.80
N SER G 56 -4.88 31.97 8.84
CA SER G 56 -4.51 33.08 9.71
C SER G 56 -3.83 34.18 8.93
N GLY G 57 -4.34 35.41 9.06
CA GLY G 57 -3.87 36.56 8.32
C GLY G 57 -4.87 37.10 7.33
N VAL G 58 -5.74 36.24 6.81
CA VAL G 58 -6.79 36.69 5.88
C VAL G 58 -7.79 37.55 6.64
N PRO G 59 -8.13 38.73 6.14
CA PRO G 59 -9.02 39.63 6.91
C PRO G 59 -10.44 39.07 6.98
N SER G 60 -11.22 39.69 7.86
CA SER G 60 -12.58 39.24 8.12
C SER G 60 -13.55 39.56 6.99
N ARG G 61 -13.12 40.35 6.00
CA ARG G 61 -14.00 40.62 4.85
C ARG G 61 -14.30 39.36 4.07
N PHE G 62 -13.31 38.47 3.95
CA PHE G 62 -13.47 37.23 3.21
C PHE G 62 -14.26 36.22 4.04
N SER G 63 -15.26 35.61 3.42
CA SER G 63 -16.05 34.58 4.10
C SER G 63 -16.80 33.78 3.05
N GLY G 64 -16.74 32.45 3.17
CA GLY G 64 -17.46 31.58 2.26
C GLY G 64 -18.16 30.47 3.02
N SER G 65 -19.19 29.93 2.39
CA SER G 65 -19.98 28.85 2.99
C SER G 65 -20.42 27.91 1.88
N GLY G 66 -21.18 26.89 2.27
CA GLY G 66 -21.68 25.90 1.34
C GLY G 66 -21.04 24.54 1.58
N SER G 67 -21.79 23.50 1.25
CA SER G 67 -21.32 22.14 1.45
C SER G 67 -21.99 21.22 0.43
N GLY G 68 -21.31 20.12 0.11
CA GLY G 68 -21.87 19.14 -0.80
C GLY G 68 -21.65 19.44 -2.26
N THR G 69 -22.69 19.96 -2.93
CA THR G 69 -22.63 20.27 -4.34
C THR G 69 -22.34 21.74 -4.62
N GLN G 70 -22.90 22.65 -3.84
CA GLN G 70 -22.80 24.08 -4.10
C GLN G 70 -21.89 24.74 -3.06
N PHE G 71 -21.01 25.61 -3.52
CA PHE G 71 -20.09 26.35 -2.67
C PHE G 71 -20.03 27.79 -3.13
N THR G 72 -19.86 28.71 -2.18
CA THR G 72 -19.85 30.12 -2.48
C THR G 72 -18.70 30.81 -1.76
N LEU G 73 -18.42 32.03 -2.20
CA LEU G 73 -17.41 32.89 -1.57
C LEU G 73 -17.92 34.33 -1.62
N THR G 74 -18.07 34.95 -0.46
CA THR G 74 -18.67 36.27 -0.35
C THR G 74 -17.68 37.25 0.23
N ILE G 75 -17.59 38.44 -0.38
CA ILE G 75 -16.73 39.51 0.08
C ILE G 75 -17.60 40.69 0.49
N SER G 76 -17.29 41.29 1.63
CA SER G 76 -17.97 42.48 2.12
C SER G 76 -16.96 43.61 2.28
N ASN G 77 -17.41 44.83 2.02
CA ASN G 77 -16.56 46.02 2.07
C ASN G 77 -15.32 45.83 1.17
N LEU G 78 -15.61 45.72 -0.13
CA LEU G 78 -14.58 45.46 -1.12
C LEU G 78 -13.49 46.52 -1.07
N GLN G 79 -12.24 46.07 -0.83
CA GLN G 79 -11.04 46.90 -0.76
C GLN G 79 -10.28 46.86 -2.07
N PRO G 80 -9.50 47.90 -2.39
CA PRO G 80 -8.78 47.91 -3.68
C PRO G 80 -7.81 46.76 -3.84
N GLU G 81 -7.32 46.19 -2.74
CA GLU G 81 -6.38 45.08 -2.82
C GLU G 81 -7.05 43.75 -3.13
N ASP G 82 -8.38 43.73 -3.29
CA ASP G 82 -9.10 42.51 -3.61
C ASP G 82 -9.30 42.32 -5.10
N PHE G 83 -8.95 43.30 -5.93
CA PHE G 83 -9.19 43.21 -7.36
C PHE G 83 -8.23 42.22 -8.02
N ALA G 84 -8.66 40.97 -8.14
CA ALA G 84 -7.84 39.91 -8.71
C ALA G 84 -8.78 38.79 -9.17
N THR G 85 -8.21 37.63 -9.44
CA THR G 85 -8.97 36.46 -9.89
C THR G 85 -8.97 35.41 -8.78
N TYR G 86 -10.13 34.78 -8.58
CA TYR G 86 -10.31 33.78 -7.52
C TYR G 86 -10.66 32.43 -8.14
N TYR G 87 -10.12 31.37 -7.55
CA TYR G 87 -10.34 30.00 -8.01
C TYR G 87 -10.77 29.13 -6.85
N CYS G 88 -11.65 28.17 -7.13
CA CYS G 88 -12.03 27.15 -6.16
C CYS G 88 -11.43 25.82 -6.56
N GLN G 89 -11.04 25.03 -5.57
CA GLN G 89 -10.33 23.78 -5.79
C GLN G 89 -10.96 22.68 -4.95
N GLN G 90 -11.13 21.51 -5.53
CA GLN G 90 -11.61 20.34 -4.81
C GLN G 90 -10.44 19.48 -4.40
N SER G 91 -10.45 19.03 -3.14
CA SER G 91 -9.38 18.22 -2.59
C SER G 91 -9.88 16.86 -2.11
N PHE G 92 -11.06 16.45 -2.53
CA PHE G 92 -11.66 15.20 -2.06
C PHE G 92 -10.99 13.99 -2.72
N LEU G 93 -11.10 13.88 -4.04
CA LEU G 93 -10.61 12.71 -4.75
C LEU G 93 -9.69 13.12 -5.89
N PHE G 94 -8.83 12.18 -6.28
CA PHE G 94 -7.76 12.16 -7.27
C PHE G 94 -8.31 11.80 -8.64
N PRO G 95 -7.86 12.50 -9.70
CA PRO G 95 -6.92 13.62 -9.65
C PRO G 95 -7.61 14.93 -9.32
N TYR G 96 -6.99 15.74 -8.47
CA TYR G 96 -7.58 16.99 -8.03
C TYR G 96 -7.56 18.02 -9.15
N THR G 97 -8.45 19.01 -9.02
CA THR G 97 -8.64 20.01 -10.05
C THR G 97 -8.93 21.35 -9.41
N PHE G 98 -8.97 22.38 -10.25
CA PHE G 98 -9.33 23.74 -9.86
C PHE G 98 -10.60 24.16 -10.61
N GLY G 99 -10.97 25.43 -10.44
CA GLY G 99 -12.12 25.99 -11.11
C GLY G 99 -11.75 26.86 -12.28
N GLY G 100 -12.78 27.23 -13.06
CA GLY G 100 -12.58 28.10 -14.21
C GLY G 100 -12.07 29.48 -13.84
N GLY G 101 -12.33 29.93 -12.61
CA GLY G 101 -11.86 31.23 -12.20
C GLY G 101 -12.86 32.34 -12.46
N THR G 102 -13.06 33.21 -11.48
CA THR G 102 -13.94 34.36 -11.60
C THR G 102 -13.11 35.63 -11.47
N LYS G 103 -13.21 36.51 -12.45
CA LYS G 103 -12.40 37.72 -12.50
C LYS G 103 -13.22 38.88 -11.96
N VAL G 104 -12.75 39.47 -10.86
CA VAL G 104 -13.40 40.63 -10.27
C VAL G 104 -12.65 41.88 -10.73
N GLU G 105 -13.40 42.89 -11.16
CA GLU G 105 -12.80 44.09 -11.74
C GLU G 105 -13.57 45.31 -11.26
N VAL G 106 -12.95 46.48 -11.45
CA VAL G 106 -13.58 47.73 -11.06
C VAL G 106 -14.69 48.06 -12.04
N GLU G 107 -15.80 48.56 -11.53
CA GLU G 107 -16.95 48.91 -12.36
C GLU G 107 -17.05 50.42 -12.55
N ARG G 108 -17.75 50.81 -13.61
CA ARG G 108 -17.98 52.20 -13.92
C ARG G 108 -19.16 52.29 -14.89
N THR G 109 -19.40 53.48 -15.43
CA THR G 109 -20.44 53.67 -16.42
C THR G 109 -19.98 53.16 -17.78
N VAL G 110 -20.94 53.06 -18.72
CA VAL G 110 -20.61 52.59 -20.05
C VAL G 110 -19.75 53.63 -20.78
N ALA G 111 -18.98 53.14 -21.74
CA ALA G 111 -18.08 53.99 -22.52
C ALA G 111 -18.07 53.52 -23.96
N ALA G 112 -18.37 54.43 -24.87
CA ALA G 112 -18.39 54.09 -26.30
C ALA G 112 -16.98 53.95 -26.84
N PRO G 113 -16.70 52.90 -27.61
CA PRO G 113 -15.35 52.70 -28.13
C PRO G 113 -15.01 53.69 -29.25
N SER G 114 -13.72 53.84 -29.50
CA SER G 114 -13.21 54.67 -30.58
C SER G 114 -12.67 53.73 -31.65
N VAL G 115 -13.47 53.49 -32.69
CA VAL G 115 -13.17 52.48 -33.69
C VAL G 115 -12.67 53.16 -34.97
N PHE G 116 -11.55 52.66 -35.49
CA PHE G 116 -11.02 53.10 -36.77
C PHE G 116 -10.03 52.06 -37.27
N ILE G 117 -9.87 51.99 -38.58
CA ILE G 117 -9.14 50.92 -39.22
C ILE G 117 -7.76 51.42 -39.62
N PHE G 118 -6.87 50.48 -39.96
CA PHE G 118 -5.51 50.78 -40.43
C PHE G 118 -5.23 49.89 -41.64
N PRO G 119 -5.39 50.42 -42.86
CA PRO G 119 -5.01 49.62 -44.02
C PRO G 119 -3.54 49.24 -43.96
N PRO G 120 -3.19 48.08 -44.49
CA PRO G 120 -1.78 47.64 -44.43
C PRO G 120 -0.90 48.52 -45.29
N SER G 121 0.23 48.94 -44.73
CA SER G 121 1.17 49.78 -45.45
C SER G 121 1.75 49.02 -46.63
N ASP G 122 2.09 49.77 -47.68
CA ASP G 122 2.71 49.16 -48.86
C ASP G 122 4.05 48.50 -48.55
N GLU G 123 4.62 48.76 -47.37
CA GLU G 123 5.84 48.07 -46.97
C GLU G 123 5.57 46.58 -46.71
N GLN G 124 4.34 46.24 -46.36
CA GLN G 124 3.97 44.84 -46.13
C GLN G 124 3.51 44.15 -47.40
N LEU G 125 2.88 44.89 -48.33
CA LEU G 125 2.43 44.28 -49.57
C LEU G 125 3.61 43.84 -50.43
N LYS G 126 4.77 44.48 -50.28
CA LYS G 126 5.96 44.06 -51.02
C LYS G 126 6.61 42.82 -50.42
N SER G 127 6.17 42.37 -49.25
CA SER G 127 6.71 41.18 -48.61
C SER G 127 5.92 39.93 -48.95
N GLY G 128 4.61 40.06 -49.19
CA GLY G 128 3.80 38.92 -49.56
C GLY G 128 2.60 38.72 -48.66
N THR G 129 2.51 39.54 -47.61
CA THR G 129 1.44 39.44 -46.63
C THR G 129 0.66 40.75 -46.57
N ALA G 130 -0.41 40.75 -45.77
CA ALA G 130 -1.23 41.92 -45.57
C ALA G 130 -1.88 41.85 -44.20
N SER G 131 -2.04 43.00 -43.55
CA SER G 131 -2.56 43.03 -42.19
C SER G 131 -3.49 44.23 -42.05
N VAL G 132 -4.78 43.97 -41.85
CA VAL G 132 -5.77 44.99 -41.56
C VAL G 132 -6.14 44.88 -40.10
N VAL G 133 -5.93 45.96 -39.35
CA VAL G 133 -6.11 45.98 -37.90
C VAL G 133 -7.29 46.89 -37.59
N CYS G 134 -8.28 46.35 -36.87
CA CYS G 134 -9.36 47.16 -36.32
C CYS G 134 -9.09 47.40 -34.85
N LEU G 135 -9.32 48.64 -34.41
CA LEU G 135 -8.90 49.08 -33.09
C LEU G 135 -10.09 49.64 -32.31
N LEU G 136 -10.19 49.24 -31.05
CA LEU G 136 -11.13 49.82 -30.10
C LEU G 136 -10.35 50.35 -28.91
N ASN G 137 -10.75 51.52 -28.41
CA ASN G 137 -9.97 52.20 -27.38
C ASN G 137 -10.90 52.83 -26.35
N ASN G 138 -10.59 52.59 -25.07
CA ASN G 138 -11.27 53.23 -23.94
C ASN G 138 -12.78 52.98 -23.98
N PHE G 139 -13.13 51.71 -23.81
CA PHE G 139 -14.52 51.30 -23.75
C PHE G 139 -14.76 50.42 -22.54
N TYR G 140 -16.00 50.43 -22.05
CA TYR G 140 -16.41 49.63 -20.90
C TYR G 140 -17.82 49.13 -21.16
N PRO G 141 -18.12 47.86 -20.84
CA PRO G 141 -17.24 46.88 -20.20
C PRO G 141 -16.37 46.09 -21.16
N ARG G 142 -15.77 45.00 -20.65
CA ARG G 142 -14.87 44.17 -21.45
C ARG G 142 -15.61 43.42 -22.54
N GLU G 143 -16.93 43.26 -22.41
CA GLU G 143 -17.72 42.50 -23.37
C GLU G 143 -17.99 43.35 -24.59
N ALA G 144 -17.35 43.00 -25.71
CA ALA G 144 -17.55 43.70 -26.98
C ALA G 144 -17.30 42.70 -28.11
N LYS G 145 -18.14 42.75 -29.14
CA LYS G 145 -18.06 41.83 -30.26
C LYS G 145 -17.68 42.60 -31.52
N VAL G 146 -16.41 42.49 -31.92
CA VAL G 146 -15.95 42.96 -33.22
C VAL G 146 -15.90 41.77 -34.15
N GLN G 147 -16.19 42.02 -35.43
CA GLN G 147 -16.28 40.92 -36.39
C GLN G 147 -16.08 41.48 -37.79
N TRP G 148 -15.00 41.08 -38.44
CA TRP G 148 -14.81 41.40 -39.84
C TRP G 148 -15.95 40.79 -40.66
N LYS G 149 -16.37 41.51 -41.70
CA LYS G 149 -17.51 41.07 -42.52
C LYS G 149 -17.05 39.89 -43.38
N VAL G 150 -17.06 38.70 -42.77
CA VAL G 150 -16.68 37.49 -43.48
C VAL G 150 -17.65 37.22 -44.62
N ASP G 151 -18.91 37.65 -44.48
CA ASP G 151 -19.90 37.48 -45.53
C ASP G 151 -19.92 38.70 -46.46
N GLY G 157 -13.69 33.25 -40.50
CA GLY G 157 -12.77 33.44 -39.39
C GLY G 157 -11.48 34.15 -39.78
N ASN G 158 -10.37 33.39 -39.77
CA ASN G 158 -9.03 33.85 -40.17
C ASN G 158 -8.65 35.19 -39.53
N SER G 159 -9.13 35.43 -38.31
CA SER G 159 -8.84 36.67 -37.59
C SER G 159 -8.44 36.34 -36.16
N GLN G 160 -7.73 37.29 -35.54
CA GLN G 160 -7.30 37.18 -34.15
C GLN G 160 -7.43 38.54 -33.48
N GLU G 161 -7.35 38.55 -32.15
CA GLU G 161 -7.51 39.78 -31.40
C GLU G 161 -6.90 39.61 -30.01
N SER G 162 -6.89 40.71 -29.25
CA SER G 162 -6.36 40.72 -27.90
C SER G 162 -6.89 41.96 -27.19
N VAL G 163 -7.12 41.83 -25.88
CA VAL G 163 -7.69 42.91 -25.07
C VAL G 163 -6.71 43.26 -23.96
N THR G 164 -6.70 44.54 -23.59
CA THR G 164 -5.84 45.04 -22.53
C THR G 164 -6.53 44.89 -21.18
N GLU G 165 -5.72 44.76 -20.13
CA GLU G 165 -6.26 44.67 -18.78
C GLU G 165 -6.92 45.98 -18.37
N GLN G 166 -7.53 45.97 -17.19
CA GLN G 166 -8.18 47.17 -16.66
C GLN G 166 -7.16 48.29 -16.50
N ASP G 167 -7.35 49.38 -17.26
CA ASP G 167 -6.50 50.55 -17.13
C ASP G 167 -6.80 51.24 -15.81
N SER G 168 -5.79 51.28 -14.93
CA SER G 168 -6.01 51.78 -13.57
C SER G 168 -6.39 53.26 -13.51
N LYS G 169 -6.16 54.01 -14.60
CA LYS G 169 -6.50 55.42 -14.58
C LYS G 169 -8.01 55.65 -14.75
N ASP G 170 -8.62 54.95 -15.71
CA ASP G 170 -10.02 55.18 -16.05
C ASP G 170 -10.88 53.93 -16.05
N SER G 171 -10.32 52.75 -15.74
CA SER G 171 -11.07 51.49 -15.67
C SER G 171 -11.72 51.17 -17.01
N THR G 172 -10.96 51.32 -18.09
CA THR G 172 -11.40 51.03 -19.45
C THR G 172 -10.51 49.95 -20.05
N TYR G 173 -10.84 49.54 -21.27
CA TYR G 173 -10.12 48.52 -22.00
C TYR G 173 -9.75 49.03 -23.38
N SER G 174 -9.16 48.14 -24.18
CA SER G 174 -8.84 48.43 -25.57
C SER G 174 -8.69 47.10 -26.30
N LEU G 175 -9.15 47.07 -27.55
CA LEU G 175 -9.16 45.84 -28.34
C LEU G 175 -8.59 46.12 -29.72
N SER G 176 -7.77 45.19 -30.23
CA SER G 176 -7.16 45.30 -31.54
C SER G 176 -7.34 43.98 -32.28
N SER G 177 -8.35 43.90 -33.13
CA SER G 177 -8.61 42.72 -33.94
C SER G 177 -7.77 42.80 -35.21
N THR G 178 -6.91 41.80 -35.41
CA THR G 178 -5.97 41.78 -36.52
C THR G 178 -6.36 40.69 -37.52
N LEU G 179 -6.50 41.08 -38.79
CA LEU G 179 -6.79 40.16 -39.87
C LEU G 179 -5.57 40.05 -40.79
N THR G 180 -5.22 38.83 -41.16
CA THR G 180 -4.07 38.57 -42.03
C THR G 180 -4.52 37.75 -43.22
N LEU G 181 -4.38 38.32 -44.42
CA LEU G 181 -4.67 37.62 -45.68
C LEU G 181 -3.47 37.77 -46.61
N SER G 182 -3.23 36.72 -47.40
CA SER G 182 -2.12 36.71 -48.34
C SER G 182 -2.30 37.81 -49.39
N LYS G 183 -1.19 38.17 -50.05
CA LYS G 183 -1.19 39.33 -50.92
C LYS G 183 -2.05 39.12 -52.15
N ALA G 184 -2.04 37.90 -52.70
CA ALA G 184 -2.84 37.60 -53.88
C ALA G 184 -4.33 37.75 -53.61
N ASP G 185 -4.76 37.47 -52.37
CA ASP G 185 -6.17 37.57 -52.02
C ASP G 185 -6.60 39.02 -51.84
N TYR G 186 -5.69 39.85 -51.35
CA TYR G 186 -6.03 41.23 -51.03
C TYR G 186 -6.46 42.00 -52.27
N GLU G 187 -5.91 41.64 -53.43
CA GLU G 187 -6.00 42.51 -54.60
C GLU G 187 -7.45 42.81 -54.97
N LYS G 188 -8.31 41.79 -54.98
CA LYS G 188 -9.70 41.98 -55.38
C LYS G 188 -10.65 41.24 -54.44
N HIS G 189 -10.47 41.42 -53.13
CA HIS G 189 -11.48 40.92 -52.21
C HIS G 189 -12.52 41.99 -51.87
N LYS G 190 -12.06 43.23 -51.68
CA LYS G 190 -12.89 44.44 -51.59
C LYS G 190 -14.19 44.24 -50.80
N VAL G 191 -14.05 43.78 -49.56
CA VAL G 191 -15.17 43.80 -48.61
C VAL G 191 -14.76 44.56 -47.35
N TYR G 192 -13.79 44.02 -46.60
CA TYR G 192 -13.00 44.73 -45.59
C TYR G 192 -13.80 45.67 -44.68
N ALA G 193 -14.70 45.13 -43.86
CA ALA G 193 -15.48 45.94 -42.93
C ALA G 193 -15.18 45.55 -41.49
N CYS G 194 -15.60 46.41 -40.57
CA CYS G 194 -15.50 46.18 -39.12
C CYS G 194 -16.89 46.32 -38.51
N GLU G 195 -17.53 45.18 -38.25
CA GLU G 195 -18.79 45.19 -37.51
C GLU G 195 -18.48 45.28 -36.02
N VAL G 196 -18.72 46.45 -35.43
CA VAL G 196 -18.42 46.69 -34.02
C VAL G 196 -19.76 46.79 -33.29
N THR G 197 -20.04 45.79 -32.45
CA THR G 197 -21.26 45.74 -31.66
C THR G 197 -20.90 45.89 -30.19
N HIS G 198 -21.51 46.87 -29.52
CA HIS G 198 -21.26 47.13 -28.12
C HIS G 198 -22.55 47.66 -27.49
N GLN G 199 -22.73 47.35 -26.20
CA GLN G 199 -23.94 47.81 -25.51
C GLN G 199 -23.99 49.32 -25.40
N GLY G 200 -22.86 50.00 -25.47
CA GLY G 200 -22.81 51.44 -25.51
C GLY G 200 -23.03 52.05 -26.87
N LEU G 201 -23.42 51.23 -27.85
CA LEU G 201 -23.67 51.68 -29.22
C LEU G 201 -25.03 51.16 -29.65
N SER G 202 -26.03 52.04 -29.65
CA SER G 202 -27.37 51.66 -30.09
C SER G 202 -27.41 51.31 -31.58
N SER G 203 -26.43 51.78 -32.35
CA SER G 203 -26.33 51.47 -33.77
C SER G 203 -24.92 50.97 -34.04
N PRO G 204 -24.73 49.72 -34.46
CA PRO G 204 -23.37 49.21 -34.70
C PRO G 204 -22.70 49.96 -35.85
N VAL G 205 -21.58 50.59 -35.54
CA VAL G 205 -20.84 51.39 -36.52
C VAL G 205 -19.91 50.47 -37.31
N THR G 206 -19.93 50.60 -38.63
CA THR G 206 -19.07 49.83 -39.51
C THR G 206 -18.03 50.74 -40.15
N LYS G 207 -16.88 50.16 -40.47
CA LYS G 207 -15.81 50.84 -41.21
C LYS G 207 -15.50 50.00 -42.45
N SER G 208 -16.27 50.19 -43.50
CA SER G 208 -16.10 49.42 -44.72
C SER G 208 -14.98 50.03 -45.57
N PHE G 209 -14.30 49.16 -46.31
CA PHE G 209 -13.21 49.59 -47.16
C PHE G 209 -13.00 48.55 -48.26
N ASN G 210 -12.25 48.95 -49.29
CA ASN G 210 -11.96 48.07 -50.41
C ASN G 210 -10.55 48.38 -50.91
N ARG G 211 -10.01 47.47 -51.71
CA ARG G 211 -8.67 47.64 -52.29
C ARG G 211 -8.78 48.70 -53.38
N GLY G 212 -8.81 49.96 -52.95
CA GLY G 212 -8.82 51.10 -53.84
C GLY G 212 -7.84 52.14 -53.35
N GLU G 213 -6.88 52.51 -54.20
CA GLU G 213 -5.82 53.41 -53.77
C GLU G 213 -6.38 54.74 -53.29
N CYS G 214 -5.80 55.25 -52.21
CA CYS G 214 -6.23 56.49 -51.58
C CYS G 214 -7.69 56.40 -51.13
#